data_7QU9
#
_entry.id   7QU9
#
_cell.length_a   58.203
_cell.length_b   91.466
_cell.length_c   147.055
_cell.angle_alpha   90.000
_cell.angle_beta   90.950
_cell.angle_gamma   90.000
#
_symmetry.space_group_name_H-M   'P 1 21 1'
#
loop_
_entity.id
_entity.type
_entity.pdbx_description
1 polymer 'Anthranilate synthase component I family protein'
2 non-polymer GLYCEROL
3 non-polymer TRYPTOPHAN
4 water water
#
_entity_poly.entity_id   1
_entity_poly.type   'polypeptide(L)'
_entity_poly.pdbx_seq_one_letter_code
;MAQRRPAGKKVPFQKDSFLKQFEKLSQSRKQHVLLESARGGRYSIAGLDPIATVKGKDGITTIKHGDEMLFKEGDPLRAF
HSWFKTLETETDHELPDFQGGAIGFLSYDYARYIENFKMLSLDDLETPDIYFLVFDDIAVYDHQEESLWLITHVNGTDNS
ADVKLSELERMWLTELPAVPSREMKRETDGSFAAPFTEDGFSQAVEKIKQYIASGDVFQVNLSIRQSQSLSVHPYQIYKT
LREVNPSPYMAYLETPDFQIICGSPELLVSKKGKLLETRPIAGTRSRGKTDEEDESLANELIHNEKERAEHVMLVDLERN
DLGRVSRYGSVRVNEFMAIEKYSHVMHIVSNVQGELQDGYDAVDIIHAVFPGGTITGAPKVRTMEIIEELEPTRRGLYTG
SIGWFGYNHDLQFNIVIRTIYATGGQAFMQSGAGVVIDSVPKHEYRESFKKAFAMQKALELSEEETKIR
;
_entity_poly.pdbx_strand_id   A,B,C
#
loop_
_chem_comp.id
_chem_comp.type
_chem_comp.name
_chem_comp.formula
GOL non-polymer GLYCEROL 'C3 H8 O3'
#
# COMPACT_ATOMS: atom_id res chain seq x y z
N GLN A 3 -0.70 72.83 -20.34
CA GLN A 3 0.03 72.13 -21.44
C GLN A 3 0.62 70.83 -20.91
N ARG A 4 0.38 70.50 -19.64
CA ARG A 4 0.91 69.26 -19.03
C ARG A 4 0.58 68.04 -19.90
N ARG A 5 1.59 67.26 -20.26
CA ARG A 5 1.34 66.06 -21.10
C ARG A 5 2.42 65.02 -20.84
N PRO A 6 2.16 63.74 -21.14
CA PRO A 6 3.17 62.70 -21.00
C PRO A 6 4.06 62.63 -22.25
N ALA A 7 5.32 62.32 -22.05
CA ALA A 7 6.27 62.15 -23.16
C ALA A 7 6.88 60.75 -23.01
N GLY A 8 6.83 59.93 -24.04
CA GLY A 8 7.38 58.58 -23.86
C GLY A 8 8.31 58.11 -24.96
N LYS A 9 9.25 57.24 -24.59
CA LYS A 9 10.24 56.61 -25.51
C LYS A 9 10.06 55.08 -25.41
N LYS A 10 9.90 54.43 -26.57
CA LYS A 10 9.69 52.98 -26.73
C LYS A 10 11.02 52.34 -27.15
N VAL A 11 11.44 51.30 -26.44
CA VAL A 11 12.76 50.64 -26.61
C VAL A 11 12.52 49.14 -26.71
N PRO A 12 13.04 48.44 -27.73
CA PRO A 12 12.98 46.97 -27.75
C PRO A 12 13.67 46.45 -26.48
N PHE A 13 13.12 45.41 -25.85
CA PHE A 13 13.56 44.94 -24.51
C PHE A 13 12.95 43.57 -24.22
N GLN A 14 13.66 42.77 -23.45
CA GLN A 14 13.25 41.41 -23.03
C GLN A 14 12.59 41.54 -21.65
N LYS A 15 11.49 40.80 -21.45
CA LYS A 15 10.76 40.74 -20.16
C LYS A 15 11.72 40.46 -19.00
N ASP A 16 12.59 39.46 -19.09
CA ASP A 16 13.47 39.04 -17.97
C ASP A 16 14.48 40.14 -17.65
N SER A 17 14.97 40.88 -18.65
CA SER A 17 15.85 42.07 -18.50
C SER A 17 15.11 43.12 -17.69
N PHE A 18 13.85 43.36 -18.05
CA PHE A 18 12.98 44.35 -17.35
C PHE A 18 12.83 43.96 -15.88
N LEU A 19 12.54 42.70 -15.60
CA LEU A 19 12.28 42.22 -14.23
C LEU A 19 13.59 42.26 -13.43
N LYS A 20 14.71 41.86 -14.01
CA LYS A 20 16.03 41.91 -13.34
C LYS A 20 16.39 43.38 -13.06
N GLN A 21 16.18 44.27 -14.03
CA GLN A 21 16.57 45.70 -13.84
C GLN A 21 15.68 46.31 -12.76
N PHE A 22 14.40 45.94 -12.71
CA PHE A 22 13.49 46.44 -11.66
C PHE A 22 14.04 46.07 -10.29
N GLU A 23 14.39 44.81 -10.10
CA GLU A 23 14.93 44.31 -8.82
C GLU A 23 16.17 45.10 -8.43
N LYS A 24 17.11 45.29 -9.37
CA LYS A 24 18.37 46.01 -9.08
C LYS A 24 18.07 47.45 -8.70
N LEU A 25 17.25 48.18 -9.46
CA LEU A 25 16.95 49.62 -9.22
C LEU A 25 16.16 49.80 -7.92
N SER A 26 15.22 48.89 -7.64
CA SER A 26 14.24 49.06 -6.52
C SER A 26 14.96 48.89 -5.18
N GLN A 27 16.14 48.29 -5.18
CA GLN A 27 16.90 47.98 -3.95
C GLN A 27 17.23 49.29 -3.20
N SER A 28 17.44 50.40 -3.91
CA SER A 28 17.85 51.69 -3.32
C SER A 28 16.62 52.56 -3.01
N ARG A 29 15.41 52.08 -3.26
CA ARG A 29 14.15 52.87 -3.10
C ARG A 29 13.31 52.39 -1.91
N LYS A 30 13.15 53.24 -0.90
CA LYS A 30 12.32 53.00 0.33
C LYS A 30 10.88 52.63 -0.04
N GLN A 31 10.35 53.20 -1.13
CA GLN A 31 8.98 52.96 -1.61
C GLN A 31 9.03 52.68 -3.10
N HIS A 32 8.44 51.57 -3.53
CA HIS A 32 8.35 51.21 -4.96
C HIS A 32 7.23 50.20 -5.17
N VAL A 33 6.84 50.03 -6.42
CA VAL A 33 5.75 49.09 -6.77
C VAL A 33 6.01 48.52 -8.15
N LEU A 34 5.69 47.23 -8.31
CA LEU A 34 5.61 46.53 -9.59
C LEU A 34 4.21 45.93 -9.71
N LEU A 35 3.54 46.21 -10.81
CA LEU A 35 2.32 45.50 -11.27
C LEU A 35 2.78 44.60 -12.40
N GLU A 36 2.70 43.30 -12.20
CA GLU A 36 3.24 42.30 -13.14
C GLU A 36 2.14 41.41 -13.73
N SER A 37 2.06 41.37 -15.05
CA SER A 37 1.41 40.33 -15.88
C SER A 37 2.34 39.12 -15.99
N ALA A 38 2.23 38.18 -15.07
CA ALA A 38 3.13 37.00 -14.96
C ALA A 38 2.54 35.79 -15.71
N ARG A 39 1.26 35.79 -16.01
CA ARG A 39 0.59 34.75 -16.83
C ARG A 39 -0.66 35.39 -17.42
N GLY A 40 -0.70 35.58 -18.72
CA GLY A 40 -1.67 36.45 -19.40
C GLY A 40 -1.39 37.90 -19.03
N GLY A 41 -2.19 38.82 -19.57
CA GLY A 41 -2.03 40.26 -19.35
C GLY A 41 -1.08 40.81 -20.39
N ARG A 42 -1.07 42.12 -20.57
CA ARG A 42 -0.23 42.74 -21.61
C ARG A 42 0.92 43.57 -21.01
N TYR A 43 0.72 44.12 -19.83
CA TYR A 43 1.60 45.20 -19.30
C TYR A 43 2.13 44.80 -17.93
N SER A 44 3.39 45.18 -17.69
CA SER A 44 3.99 45.20 -16.34
C SER A 44 4.51 46.61 -16.11
N ILE A 45 4.29 47.14 -14.92
CA ILE A 45 4.40 48.57 -14.63
C ILE A 45 5.34 48.68 -13.43
N ALA A 46 6.41 49.46 -13.58
CA ALA A 46 7.38 49.74 -12.50
C ALA A 46 7.24 51.22 -12.14
N GLY A 47 6.99 51.48 -10.85
CA GLY A 47 7.08 52.80 -10.24
C GLY A 47 8.17 52.80 -9.21
N LEU A 48 9.25 53.55 -9.46
CA LEU A 48 10.45 53.56 -8.60
C LEU A 48 10.49 54.82 -7.74
N ASP A 49 10.28 56.00 -8.32
CA ASP A 49 10.54 57.31 -7.67
C ASP A 49 9.27 58.15 -7.66
N PRO A 50 8.47 58.06 -6.58
CA PRO A 50 7.21 58.78 -6.52
C PRO A 50 7.39 60.32 -6.42
N ILE A 51 6.51 61.09 -7.07
CA ILE A 51 6.41 62.57 -6.81
C ILE A 51 5.55 62.81 -5.56
N ALA A 52 4.78 61.84 -5.11
CA ALA A 52 3.88 62.03 -3.94
C ALA A 52 3.45 60.68 -3.36
N THR A 53 3.21 60.68 -2.05
CA THR A 53 2.61 59.57 -1.28
C THR A 53 1.28 60.05 -0.69
N VAL A 54 0.23 59.29 -1.00
CA VAL A 54 -1.17 59.54 -0.59
C VAL A 54 -1.53 58.44 0.38
N LYS A 55 -1.88 58.80 1.61
CA LYS A 55 -2.29 57.86 2.67
C LYS A 55 -3.60 58.39 3.28
N GLY A 56 -4.65 57.56 3.25
CA GLY A 56 -5.92 57.90 3.90
C GLY A 56 -6.27 56.84 4.92
N LYS A 57 -6.70 57.28 6.10
CA LYS A 57 -7.09 56.37 7.22
C LYS A 57 -8.09 57.11 8.10
N ASP A 58 -9.25 56.51 8.39
CA ASP A 58 -10.23 57.04 9.38
C ASP A 58 -10.52 58.54 9.13
N GLY A 59 -10.88 58.90 7.91
CA GLY A 59 -11.40 60.22 7.55
C GLY A 59 -10.32 61.28 7.44
N ILE A 60 -9.03 60.91 7.45
CA ILE A 60 -7.91 61.87 7.30
C ILE A 60 -7.04 61.40 6.15
N THR A 61 -6.72 62.30 5.21
CA THR A 61 -5.87 61.97 4.06
C THR A 61 -4.65 62.91 4.06
N THR A 62 -3.44 62.36 3.88
CA THR A 62 -2.19 63.13 3.76
C THR A 62 -1.63 62.91 2.34
N ILE A 63 -1.20 63.97 1.68
CA ILE A 63 -0.52 63.95 0.37
C ILE A 63 0.84 64.56 0.63
N LYS A 64 1.87 63.71 0.65
CA LYS A 64 3.27 64.09 0.92
C LYS A 64 3.96 64.27 -0.44
N HIS A 65 4.39 65.49 -0.73
CA HIS A 65 4.87 65.97 -2.05
C HIS A 65 6.05 66.92 -1.79
N GLY A 66 7.28 66.41 -1.83
CA GLY A 66 8.49 67.17 -1.42
C GLY A 66 8.39 67.50 0.06
N ASP A 67 8.63 68.77 0.43
CA ASP A 67 8.63 69.22 1.86
C ASP A 67 7.18 69.44 2.34
N GLU A 68 6.20 69.38 1.43
CA GLU A 68 4.79 69.75 1.72
C GLU A 68 4.02 68.49 2.11
N MET A 69 3.25 68.55 3.19
CA MET A 69 2.26 67.49 3.52
C MET A 69 0.88 68.13 3.67
N LEU A 70 0.04 67.94 2.64
CA LEU A 70 -1.34 68.42 2.51
C LEU A 70 -2.25 67.44 3.23
N PHE A 71 -3.25 67.93 3.94
CA PHE A 71 -4.15 67.02 4.66
C PHE A 71 -5.54 67.63 4.66
N LYS A 72 -6.56 66.77 4.69
CA LYS A 72 -7.97 67.21 4.58
C LYS A 72 -8.84 66.06 5.08
N GLU A 73 -9.99 66.38 5.67
CA GLU A 73 -10.89 65.36 6.23
C GLU A 73 -11.92 64.96 5.18
N GLY A 74 -12.55 63.81 5.37
CA GLY A 74 -13.63 63.34 4.50
C GLY A 74 -13.24 62.04 3.84
N ASP A 75 -14.01 61.65 2.83
CA ASP A 75 -13.80 60.47 1.98
C ASP A 75 -12.38 60.59 1.40
N PRO A 76 -11.45 59.71 1.81
CA PRO A 76 -10.05 59.83 1.40
C PRO A 76 -9.87 59.86 -0.12
N LEU A 77 -10.70 59.12 -0.84
CA LEU A 77 -10.61 59.06 -2.33
C LEU A 77 -11.08 60.37 -2.95
N ARG A 78 -12.07 61.02 -2.37
CA ARG A 78 -12.56 62.36 -2.81
C ARG A 78 -11.47 63.40 -2.53
N ALA A 79 -10.85 63.32 -1.35
CA ALA A 79 -9.73 64.20 -0.96
C ALA A 79 -8.59 64.00 -1.97
N PHE A 80 -8.25 62.75 -2.24
CA PHE A 80 -7.24 62.38 -3.25
C PHE A 80 -7.63 62.96 -4.61
N HIS A 81 -8.85 62.73 -5.07
CA HIS A 81 -9.29 63.11 -6.44
C HIS A 81 -9.19 64.62 -6.61
N SER A 82 -9.55 65.42 -5.61
CA SER A 82 -9.56 66.89 -5.79
C SER A 82 -8.11 67.36 -5.99
N TRP A 83 -7.14 66.78 -5.28
CA TRP A 83 -5.71 67.11 -5.52
C TRP A 83 -5.28 66.57 -6.89
N PHE A 84 -5.60 65.31 -7.18
CA PHE A 84 -5.05 64.56 -8.34
C PHE A 84 -5.52 65.18 -9.66
N LYS A 85 -6.74 65.73 -9.68
CA LYS A 85 -7.38 66.39 -10.84
C LYS A 85 -6.50 67.53 -11.36
N THR A 86 -5.68 68.16 -10.50
CA THR A 86 -4.82 69.30 -10.92
C THR A 86 -3.69 68.79 -11.81
N LEU A 87 -3.41 67.47 -11.82
CA LEU A 87 -2.31 66.87 -12.62
C LEU A 87 -2.84 66.20 -13.88
N GLU A 88 -4.13 66.39 -14.21
CA GLU A 88 -4.82 65.62 -15.28
C GLU A 88 -4.17 65.97 -16.62
N THR A 89 -4.23 65.06 -17.58
CA THR A 89 -3.58 65.17 -18.92
C THR A 89 -4.56 64.64 -19.94
N GLU A 90 -4.35 64.94 -21.22
CA GLU A 90 -5.01 64.27 -22.36
C GLU A 90 -4.35 62.89 -22.53
N THR A 91 -5.09 61.91 -23.06
CA THR A 91 -4.60 60.58 -23.44
C THR A 91 -3.73 60.71 -24.70
N ASP A 92 -2.50 60.19 -24.65
CA ASP A 92 -1.66 59.94 -25.86
C ASP A 92 -1.92 58.50 -26.29
N HIS A 93 -2.58 58.30 -27.43
CA HIS A 93 -3.09 56.97 -27.91
C HIS A 93 -1.92 56.07 -28.33
N GLU A 94 -0.71 56.62 -28.53
CA GLU A 94 0.52 55.86 -28.84
C GLU A 94 1.11 55.19 -27.60
N LEU A 95 0.83 55.65 -26.40
CA LEU A 95 1.43 55.10 -25.15
C LEU A 95 0.57 53.95 -24.63
N PRO A 96 1.08 53.17 -23.65
CA PRO A 96 0.28 52.16 -22.97
C PRO A 96 -0.90 52.74 -22.19
N ASP A 97 -1.79 51.85 -21.80
CA ASP A 97 -3.03 52.15 -21.04
C ASP A 97 -2.67 53.01 -19.83
N PHE A 98 -1.67 52.61 -19.06
CA PHE A 98 -1.14 53.44 -17.95
C PHE A 98 -0.04 54.35 -18.53
N GLN A 99 -0.27 55.65 -18.47
CA GLN A 99 0.61 56.71 -19.03
C GLN A 99 1.06 57.65 -17.91
N GLY A 100 0.96 57.20 -16.65
CA GLY A 100 1.31 58.02 -15.48
C GLY A 100 0.15 58.19 -14.53
N GLY A 101 0.44 58.27 -13.24
CA GLY A 101 -0.59 58.53 -12.22
C GLY A 101 -0.28 57.80 -10.94
N ALA A 102 -1.32 57.35 -10.28
CA ALA A 102 -1.26 56.82 -8.91
C ALA A 102 -1.33 55.30 -8.98
N ILE A 103 -0.46 54.64 -8.23
CA ILE A 103 -0.47 53.16 -8.13
C ILE A 103 -0.50 52.87 -6.64
N GLY A 104 -1.37 51.94 -6.24
CA GLY A 104 -1.53 51.64 -4.81
C GLY A 104 -2.76 50.80 -4.60
N PHE A 105 -3.38 50.96 -3.46
CA PHE A 105 -4.49 50.08 -3.05
C PHE A 105 -5.59 50.86 -2.35
N LEU A 106 -6.79 50.31 -2.51
CA LEU A 106 -7.99 50.57 -1.68
C LEU A 106 -8.13 49.36 -0.76
N SER A 107 -7.97 49.57 0.54
CA SER A 107 -8.36 48.60 1.59
C SER A 107 -9.83 48.23 1.41
N TYR A 108 -10.18 46.98 1.69
CA TYR A 108 -11.60 46.56 1.79
C TYR A 108 -12.36 47.59 2.65
N ASP A 109 -11.72 48.10 3.70
CA ASP A 109 -12.32 49.04 4.67
C ASP A 109 -12.54 50.43 4.05
N TYR A 110 -12.08 50.68 2.82
CA TYR A 110 -12.55 51.87 2.07
C TYR A 110 -14.08 51.78 1.91
N ALA A 111 -14.64 50.58 2.00
CA ALA A 111 -16.10 50.36 1.85
C ALA A 111 -16.88 51.11 2.93
N ARG A 112 -16.25 51.46 4.05
CA ARG A 112 -16.87 52.18 5.18
C ARG A 112 -17.22 53.62 4.77
N TYR A 113 -16.65 54.14 3.69
CA TYR A 113 -17.02 55.47 3.14
C TYR A 113 -18.09 55.32 2.05
N ILE A 114 -18.46 54.10 1.68
CA ILE A 114 -19.46 53.81 0.61
C ILE A 114 -20.78 53.44 1.27
N GLU A 115 -20.72 52.54 2.24
CA GLU A 115 -21.89 52.05 2.99
C GLU A 115 -21.66 52.39 4.46
N ASN A 116 -22.75 52.41 5.23
CA ASN A 116 -22.75 52.65 6.69
C ASN A 116 -22.42 51.32 7.36
N PHE A 117 -21.21 51.22 7.88
CA PHE A 117 -20.70 50.01 8.55
C PHE A 117 -20.84 50.20 10.05
N LYS A 118 -21.20 49.13 10.76
CA LYS A 118 -20.99 49.06 12.22
C LYS A 118 -19.48 48.93 12.44
N MET A 119 -19.01 49.27 13.64
CA MET A 119 -17.57 49.16 13.99
C MET A 119 -17.41 47.98 14.96
N LEU A 120 -17.37 46.76 14.43
CA LEU A 120 -17.43 45.51 15.25
C LEU A 120 -16.11 44.78 15.21
N SER A 121 -15.49 44.62 14.04
CA SER A 121 -14.24 43.84 13.86
C SER A 121 -13.04 44.68 14.32
N LEU A 122 -11.99 44.01 14.78
CA LEU A 122 -10.83 44.65 15.44
C LEU A 122 -9.83 45.08 14.37
N ASP A 123 -9.46 46.35 14.36
CA ASP A 123 -8.38 46.89 13.48
C ASP A 123 -7.03 46.76 14.17
N ASP A 124 -6.37 45.61 14.09
CA ASP A 124 -5.09 45.34 14.78
C ASP A 124 -3.90 45.58 13.84
N LEU A 125 -4.08 45.61 12.52
CA LEU A 125 -2.98 45.87 11.55
C LEU A 125 -2.92 47.36 11.16
N GLU A 126 -4.00 48.11 11.35
CA GLU A 126 -4.03 49.57 11.04
C GLU A 126 -3.63 49.80 9.58
N THR A 127 -4.12 48.95 8.69
CA THR A 127 -3.92 49.11 7.24
C THR A 127 -4.54 50.42 6.81
N PRO A 128 -3.82 51.23 6.03
CA PRO A 128 -4.40 52.42 5.41
C PRO A 128 -5.69 52.06 4.66
N ASP A 129 -6.68 52.95 4.66
CA ASP A 129 -7.91 52.80 3.85
C ASP A 129 -7.56 53.00 2.38
N ILE A 130 -6.68 53.96 2.09
CA ILE A 130 -6.09 54.12 0.74
C ILE A 130 -4.60 54.40 0.91
N TYR A 131 -3.81 53.97 -0.06
CA TYR A 131 -2.35 54.22 -0.12
C TYR A 131 -1.93 54.20 -1.58
N PHE A 132 -1.44 55.34 -2.07
CA PHE A 132 -1.01 55.52 -3.47
C PHE A 132 0.37 56.19 -3.51
N LEU A 133 1.22 55.66 -4.38
CA LEU A 133 2.46 56.27 -4.87
C LEU A 133 2.11 56.92 -6.20
N VAL A 134 2.41 58.20 -6.36
CA VAL A 134 2.07 58.94 -7.59
C VAL A 134 3.34 59.17 -8.40
N PHE A 135 3.28 58.89 -9.70
CA PHE A 135 4.48 58.82 -10.57
C PHE A 135 4.26 59.67 -11.80
N ASP A 136 5.18 60.61 -12.04
CA ASP A 136 5.37 61.27 -13.35
C ASP A 136 6.29 60.39 -14.21
N ASP A 137 7.18 59.63 -13.59
CA ASP A 137 8.23 58.84 -14.30
C ASP A 137 7.96 57.34 -14.07
N ILE A 138 7.74 56.61 -15.16
CA ILE A 138 7.38 55.18 -15.09
C ILE A 138 8.08 54.44 -16.21
N ALA A 139 8.25 53.15 -15.98
CA ALA A 139 8.68 52.16 -16.97
C ALA A 139 7.52 51.18 -17.12
N VAL A 140 7.01 51.02 -18.35
CA VAL A 140 5.90 50.09 -18.65
C VAL A 140 6.41 49.07 -19.68
N TYR A 141 6.44 47.80 -19.29
CA TYR A 141 6.77 46.70 -20.22
C TYR A 141 5.49 46.24 -20.93
N ASP A 142 5.53 46.28 -22.25
CA ASP A 142 4.52 45.78 -23.18
C ASP A 142 4.94 44.37 -23.63
N HIS A 143 4.33 43.34 -23.03
CA HIS A 143 4.63 41.91 -23.25
C HIS A 143 4.27 41.53 -24.68
N GLN A 144 3.28 42.19 -25.27
CA GLN A 144 2.80 41.87 -26.64
C GLN A 144 3.77 42.43 -27.69
N GLU A 145 4.29 43.64 -27.50
CA GLU A 145 5.23 44.28 -28.48
C GLU A 145 6.68 44.06 -28.04
N GLU A 146 6.93 43.33 -26.95
CA GLU A 146 8.29 43.07 -26.39
C GLU A 146 9.09 44.37 -26.35
N SER A 147 8.50 45.42 -25.78
CA SER A 147 9.07 46.79 -25.74
C SER A 147 8.95 47.37 -24.34
N LEU A 148 9.96 48.13 -23.92
CA LEU A 148 9.92 48.95 -22.69
C LEU A 148 9.60 50.38 -23.09
N TRP A 149 8.51 50.92 -22.54
CA TRP A 149 8.14 52.36 -22.57
C TRP A 149 8.73 53.04 -21.35
N LEU A 150 9.51 54.09 -21.57
CA LEU A 150 9.96 55.01 -20.50
C LEU A 150 9.17 56.30 -20.69
N ILE A 151 8.50 56.75 -19.64
CA ILE A 151 7.49 57.83 -19.72
C ILE A 151 7.77 58.84 -18.62
N THR A 152 7.78 60.13 -19.00
CA THR A 152 7.86 61.27 -18.07
C THR A 152 6.71 62.22 -18.39
N HIS A 153 6.59 63.32 -17.64
CA HIS A 153 5.57 64.38 -17.86
C HIS A 153 6.28 65.74 -17.98
N VAL A 154 5.84 66.58 -18.91
CA VAL A 154 6.33 67.98 -19.04
C VAL A 154 5.14 68.94 -19.21
N ASN A 155 5.40 70.23 -18.98
CA ASN A 155 4.60 71.39 -19.44
C ASN A 155 5.33 71.97 -20.65
N GLY A 156 4.61 72.28 -21.73
CA GLY A 156 5.09 73.08 -22.89
C GLY A 156 6.45 72.65 -23.46
N THR A 157 7.51 72.61 -22.64
CA THR A 157 8.94 72.56 -23.03
C THR A 157 9.36 71.10 -23.36
N ASP A 158 9.92 70.85 -24.56
CA ASP A 158 10.03 69.52 -25.22
C ASP A 158 11.47 68.97 -25.26
N ASN A 159 12.50 69.80 -25.11
CA ASN A 159 13.91 69.36 -24.88
C ASN A 159 14.03 69.05 -23.37
N SER A 160 13.13 69.62 -22.55
CA SER A 160 12.92 69.24 -21.11
C SER A 160 12.60 67.75 -21.00
N ALA A 161 11.69 67.30 -21.87
CA ALA A 161 11.20 65.89 -21.96
C ALA A 161 12.40 65.00 -22.30
N ASP A 162 13.11 65.35 -23.37
CA ASP A 162 14.25 64.56 -23.91
C ASP A 162 15.32 64.39 -22.83
N VAL A 163 15.62 65.42 -22.04
CA VAL A 163 16.64 65.31 -20.96
C VAL A 163 16.19 64.23 -19.99
N LYS A 164 14.96 64.31 -19.49
CA LYS A 164 14.43 63.40 -18.45
C LYS A 164 14.35 61.95 -18.98
N LEU A 165 13.88 61.78 -20.21
CA LEU A 165 13.78 60.47 -20.91
C LEU A 165 15.18 59.87 -21.06
N SER A 166 16.20 60.70 -21.31
CA SER A 166 17.62 60.26 -21.38
C SER A 166 18.06 59.71 -20.03
N GLU A 167 17.64 60.32 -18.93
CA GLU A 167 18.03 59.90 -17.54
C GLU A 167 17.34 58.58 -17.24
N LEU A 168 16.08 58.42 -17.62
CA LEU A 168 15.33 57.15 -17.48
C LEU A 168 15.97 56.05 -18.33
N GLU A 169 16.34 56.33 -19.58
CA GLU A 169 17.06 55.38 -20.47
C GLU A 169 18.35 54.91 -19.78
N ARG A 170 19.15 55.87 -19.29
CA ARG A 170 20.45 55.61 -18.62
C ARG A 170 20.21 54.58 -17.51
N MET A 171 19.21 54.84 -16.68
CA MET A 171 18.83 54.06 -15.47
C MET A 171 18.42 52.63 -15.89
N TRP A 172 17.60 52.48 -16.94
CA TRP A 172 16.95 51.18 -17.29
C TRP A 172 17.81 50.37 -18.25
N LEU A 173 18.62 51.00 -19.10
CA LEU A 173 19.33 50.27 -20.19
C LEU A 173 20.78 50.06 -19.80
N THR A 174 21.22 50.51 -18.63
CA THR A 174 22.60 50.29 -18.14
C THR A 174 22.56 49.16 -17.13
N GLU A 175 23.25 48.06 -17.39
CA GLU A 175 23.44 46.89 -16.47
C GLU A 175 24.00 47.42 -15.14
N LEU A 176 23.46 46.98 -13.98
CA LEU A 176 23.84 47.55 -12.65
C LEU A 176 24.79 46.60 -11.92
N PRO A 177 25.79 47.12 -11.18
CA PRO A 177 26.81 46.26 -10.59
C PRO A 177 26.28 45.22 -9.61
N ALA A 178 27.00 44.11 -9.47
CA ALA A 178 26.94 43.16 -8.33
C ALA A 178 26.84 43.98 -7.05
N VAL A 179 25.74 43.86 -6.31
CA VAL A 179 25.49 44.63 -5.06
C VAL A 179 24.91 43.64 -4.06
N PRO A 180 25.22 43.80 -2.75
CA PRO A 180 24.69 42.91 -1.72
C PRO A 180 23.19 43.15 -1.49
N SER A 181 22.54 42.14 -0.90
CA SER A 181 21.07 41.94 -0.83
C SER A 181 20.64 41.96 0.65
N ASP A 189 9.09 43.02 15.04
CA ASP A 189 8.16 42.42 16.04
C ASP A 189 6.91 43.31 16.23
N GLY A 190 6.02 42.92 17.14
CA GLY A 190 4.66 43.46 17.32
C GLY A 190 3.71 42.36 17.76
N SER A 191 2.53 42.68 18.28
CA SER A 191 1.53 41.67 18.76
C SER A 191 0.13 41.96 18.19
N PHE A 192 -0.49 40.94 17.58
CA PHE A 192 -1.74 41.04 16.78
C PHE A 192 -2.77 40.01 17.27
N ALA A 193 -4.04 40.17 16.89
CA ALA A 193 -5.18 39.29 17.27
C ALA A 193 -4.99 37.91 16.64
N ALA A 194 -5.55 36.86 17.25
CA ALA A 194 -5.43 35.45 16.81
C ALA A 194 -6.31 35.24 15.57
N PRO A 195 -6.01 34.24 14.70
CA PRO A 195 -6.96 33.83 13.66
C PRO A 195 -8.33 33.43 14.25
N PHE A 196 -9.39 33.62 13.46
CA PHE A 196 -10.69 32.94 13.61
C PHE A 196 -10.39 31.49 14.00
N THR A 197 -10.79 31.04 15.18
CA THR A 197 -10.66 29.61 15.59
C THR A 197 -11.60 28.76 14.73
N GLU A 198 -11.36 27.44 14.67
CA GLU A 198 -12.24 26.50 13.92
C GLU A 198 -13.66 26.60 14.49
N ASP A 199 -13.81 26.57 15.82
CA ASP A 199 -15.11 26.67 16.52
C ASP A 199 -15.77 28.02 16.17
N GLY A 200 -15.01 29.12 16.20
CA GLY A 200 -15.49 30.46 15.82
C GLY A 200 -16.00 30.50 14.39
N PHE A 201 -15.22 29.99 13.43
CA PHE A 201 -15.55 29.99 11.99
C PHE A 201 -16.82 29.16 11.76
N SER A 202 -16.89 27.98 12.35
CA SER A 202 -18.01 27.02 12.21
C SER A 202 -19.33 27.65 12.68
N GLN A 203 -19.32 28.29 13.84
CA GLN A 203 -20.50 28.98 14.44
C GLN A 203 -20.91 30.14 13.51
N ALA A 204 -19.94 30.79 12.85
CA ALA A 204 -20.23 31.87 11.88
C ALA A 204 -20.86 31.30 10.61
N VAL A 205 -20.46 30.09 10.18
CA VAL A 205 -21.04 29.45 8.96
C VAL A 205 -22.52 29.17 9.25
N GLU A 206 -22.80 28.65 10.45
CA GLU A 206 -24.18 28.31 10.87
C GLU A 206 -25.01 29.61 10.90
N LYS A 207 -24.45 30.70 11.44
CA LYS A 207 -25.12 32.02 11.50
C LYS A 207 -25.45 32.49 10.07
N ILE A 208 -24.52 32.35 9.12
CA ILE A 208 -24.75 32.75 7.70
C ILE A 208 -25.92 31.94 7.12
N LYS A 209 -25.96 30.63 7.41
CA LYS A 209 -27.01 29.73 6.87
C LYS A 209 -28.39 30.18 7.39
N GLN A 210 -28.49 30.54 8.68
CA GLN A 210 -29.70 31.15 9.31
C GLN A 210 -30.13 32.40 8.51
N TYR A 211 -29.19 33.30 8.16
CA TYR A 211 -29.50 34.53 7.41
C TYR A 211 -29.98 34.18 5.99
N ILE A 212 -29.42 33.14 5.38
CA ILE A 212 -29.80 32.69 4.01
C ILE A 212 -31.21 32.10 4.08
N ALA A 213 -31.47 31.20 5.04
CA ALA A 213 -32.79 30.54 5.24
C ALA A 213 -33.89 31.60 5.30
N SER A 214 -33.54 32.75 5.90
CA SER A 214 -34.45 33.83 6.34
C SER A 214 -34.55 34.86 5.21
N GLY A 215 -33.81 34.65 4.11
CA GLY A 215 -33.92 35.41 2.86
C GLY A 215 -33.07 36.68 2.86
N ASP A 216 -32.17 36.85 3.83
CA ASP A 216 -31.32 38.06 3.99
C ASP A 216 -30.25 38.09 2.88
N VAL A 217 -29.67 36.95 2.53
CA VAL A 217 -28.54 36.83 1.54
C VAL A 217 -28.62 35.48 0.83
N PHE A 218 -27.96 35.36 -0.33
CA PHE A 218 -27.81 34.09 -1.10
C PHE A 218 -26.46 33.43 -0.77
N GLN A 219 -25.39 34.22 -0.65
CA GLN A 219 -24.02 33.70 -0.47
C GLN A 219 -23.15 34.76 0.24
N VAL A 220 -22.31 34.30 1.17
CA VAL A 220 -21.33 35.14 1.91
C VAL A 220 -19.95 34.48 1.79
N ASN A 221 -18.94 35.25 1.40
CA ASN A 221 -17.52 34.85 1.52
C ASN A 221 -17.09 35.07 2.98
N LEU A 222 -16.88 33.98 3.73
CA LEU A 222 -16.34 34.03 5.11
C LEU A 222 -14.84 33.66 5.07
N SER A 223 -13.99 34.47 5.70
CA SER A 223 -12.52 34.39 5.55
C SER A 223 -11.82 34.21 6.90
N ILE A 224 -10.59 33.69 6.83
CA ILE A 224 -9.69 33.37 7.98
C ILE A 224 -8.32 33.95 7.68
N ARG A 225 -7.72 34.63 8.66
CA ARG A 225 -6.41 35.29 8.53
C ARG A 225 -5.39 34.46 9.31
N GLN A 226 -4.47 33.84 8.59
CA GLN A 226 -3.33 33.08 9.15
C GLN A 226 -2.11 33.99 9.16
N SER A 227 -1.10 33.67 9.96
CA SER A 227 0.16 34.45 10.03
C SER A 227 1.34 33.54 10.37
N GLN A 228 2.52 33.84 9.84
CA GLN A 228 3.82 33.25 10.24
C GLN A 228 4.82 34.38 10.45
N SER A 229 5.87 34.13 11.22
CA SER A 229 7.07 34.98 11.27
C SER A 229 7.66 35.06 9.86
N LEU A 230 7.90 36.28 9.42
CA LEU A 230 8.63 36.57 8.18
C LEU A 230 10.12 36.38 8.48
N SER A 231 10.77 35.38 7.89
CA SER A 231 12.20 35.05 8.11
C SER A 231 13.02 35.44 6.89
N VAL A 232 12.40 35.84 5.77
CA VAL A 232 13.11 36.22 4.52
C VAL A 232 12.53 37.53 4.01
N HIS A 233 13.28 38.26 3.20
CA HIS A 233 12.85 39.52 2.55
C HIS A 233 11.60 39.25 1.73
N PRO A 234 10.55 40.08 1.89
CA PRO A 234 9.30 39.90 1.14
C PRO A 234 9.47 39.74 -0.37
N TYR A 235 10.40 40.46 -0.99
CA TYR A 235 10.60 40.38 -2.46
C TYR A 235 10.94 38.93 -2.85
N GLN A 236 11.69 38.21 -2.01
CA GLN A 236 12.04 36.77 -2.22
C GLN A 236 10.73 35.97 -2.29
N ILE A 237 9.79 36.26 -1.39
CA ILE A 237 8.47 35.58 -1.37
C ILE A 237 7.73 35.89 -2.66
N TYR A 238 7.76 37.15 -3.12
CA TYR A 238 7.13 37.55 -4.40
C TYR A 238 7.72 36.71 -5.55
N LYS A 239 9.05 36.60 -5.62
CA LYS A 239 9.75 35.87 -6.72
C LYS A 239 9.32 34.39 -6.69
N THR A 240 9.22 33.81 -5.51
CA THR A 240 8.70 32.43 -5.32
C THR A 240 7.24 32.37 -5.79
N LEU A 241 6.39 33.30 -5.37
CA LEU A 241 4.95 33.24 -5.75
C LEU A 241 4.82 33.33 -7.27
N ARG A 242 5.62 34.16 -7.93
CA ARG A 242 5.68 34.27 -9.40
C ARG A 242 5.97 32.91 -10.08
N GLU A 243 6.74 32.04 -9.41
CA GLU A 243 7.09 30.68 -9.92
C GLU A 243 5.96 29.70 -9.58
N VAL A 244 5.51 29.66 -8.34
CA VAL A 244 4.48 28.72 -7.79
C VAL A 244 3.14 28.98 -8.49
N ASN A 245 2.77 30.24 -8.71
CA ASN A 245 1.40 30.57 -9.17
C ASN A 245 1.36 31.88 -9.94
N PRO A 246 1.98 31.98 -11.15
CA PRO A 246 1.97 33.25 -11.88
C PRO A 246 0.52 33.61 -12.27
N SER A 247 0.17 34.88 -12.23
CA SER A 247 -1.20 35.41 -12.47
C SER A 247 -1.12 36.71 -13.26
N PRO A 248 -2.22 37.07 -13.95
CA PRO A 248 -2.28 38.31 -14.71
C PRO A 248 -2.30 39.62 -13.91
N TYR A 249 -2.61 39.59 -12.60
CA TYR A 249 -2.76 40.84 -11.78
C TYR A 249 -1.88 40.77 -10.54
N MET A 250 -0.65 40.31 -10.72
CA MET A 250 0.31 40.21 -9.60
C MET A 250 0.81 41.63 -9.26
N ALA A 251 1.23 41.81 -8.02
CA ALA A 251 1.82 43.09 -7.60
C ALA A 251 2.78 42.85 -6.45
N TYR A 252 3.86 43.60 -6.44
CA TYR A 252 4.71 43.78 -5.25
C TYR A 252 4.72 45.27 -4.93
N LEU A 253 4.38 45.63 -3.69
CA LEU A 253 4.46 47.02 -3.23
C LEU A 253 5.29 47.04 -1.97
N GLU A 254 6.31 47.89 -1.93
CA GLU A 254 7.18 48.02 -0.74
C GLU A 254 7.08 49.44 -0.16
N THR A 255 6.97 49.50 1.14
CA THR A 255 7.19 50.69 1.99
C THR A 255 7.96 50.21 3.21
N PRO A 256 8.52 51.11 4.01
CA PRO A 256 9.21 50.68 5.23
C PRO A 256 8.28 49.96 6.22
N ASP A 257 6.98 50.23 6.23
CA ASP A 257 6.10 49.72 7.31
C ASP A 257 5.41 48.42 6.90
N PHE A 258 5.19 48.22 5.61
CA PHE A 258 4.45 47.03 5.11
C PHE A 258 4.87 46.77 3.66
N GLN A 259 4.85 45.49 3.30
CA GLN A 259 5.07 45.06 1.90
C GLN A 259 3.89 44.18 1.54
N ILE A 260 3.50 44.23 0.29
CA ILE A 260 2.38 43.46 -0.28
C ILE A 260 2.92 42.54 -1.36
N ILE A 261 2.58 41.26 -1.25
CA ILE A 261 2.94 40.19 -2.21
C ILE A 261 1.63 39.63 -2.75
N CYS A 262 1.22 40.07 -3.92
CA CYS A 262 -0.11 39.82 -4.48
C CYS A 262 -0.02 38.90 -5.68
N GLY A 263 -0.74 37.78 -5.61
CA GLY A 263 -0.83 36.83 -6.74
C GLY A 263 -2.22 36.81 -7.32
N SER A 264 -2.93 37.93 -7.35
CA SER A 264 -4.33 37.94 -7.80
C SER A 264 -4.44 37.60 -9.28
N PRO A 265 -5.42 36.74 -9.65
CA PRO A 265 -5.82 36.56 -11.04
C PRO A 265 -7.04 37.39 -11.50
N GLU A 266 -7.57 38.23 -10.61
CA GLU A 266 -8.92 38.79 -10.82
C GLU A 266 -8.90 40.31 -11.02
N LEU A 267 -9.55 40.76 -12.10
CA LEU A 267 -9.88 42.18 -12.36
C LEU A 267 -11.18 42.56 -11.63
N LEU A 268 -11.15 43.62 -10.83
CA LEU A 268 -12.35 44.32 -10.31
C LEU A 268 -12.94 45.20 -11.41
N VAL A 269 -12.19 46.17 -11.92
CA VAL A 269 -12.75 47.10 -12.92
C VAL A 269 -11.61 47.74 -13.70
N SER A 270 -11.85 47.99 -14.98
CA SER A 270 -10.99 48.86 -15.80
C SER A 270 -11.88 49.90 -16.48
N LYS A 271 -11.26 51.02 -16.84
CA LYS A 271 -11.85 52.10 -17.65
C LYS A 271 -10.82 52.51 -18.71
N LYS A 272 -11.15 52.35 -19.98
CA LYS A 272 -10.36 52.82 -21.13
C LYS A 272 -11.29 53.74 -21.95
N GLY A 273 -11.04 55.05 -21.93
CA GLY A 273 -12.00 56.05 -22.43
C GLY A 273 -13.32 55.92 -21.68
N LYS A 274 -14.41 55.63 -22.39
CA LYS A 274 -15.75 55.43 -21.78
C LYS A 274 -15.99 53.95 -21.45
N LEU A 275 -15.14 53.04 -21.91
CA LEU A 275 -15.43 51.58 -21.81
C LEU A 275 -15.09 51.10 -20.39
N LEU A 276 -16.09 50.60 -19.68
CA LEU A 276 -15.95 50.00 -18.34
C LEU A 276 -16.01 48.48 -18.49
N GLU A 277 -15.16 47.76 -17.78
CA GLU A 277 -15.16 46.29 -17.79
C GLU A 277 -14.97 45.80 -16.37
N THR A 278 -15.61 44.69 -16.06
CA THR A 278 -15.35 43.86 -14.86
C THR A 278 -15.38 42.41 -15.33
N ARG A 279 -14.69 41.54 -14.61
CA ARG A 279 -14.33 40.18 -15.11
C ARG A 279 -14.54 39.21 -13.94
N PRO A 280 -15.81 39.07 -13.47
CA PRO A 280 -16.10 38.22 -12.31
C PRO A 280 -15.61 36.78 -12.57
N ILE A 281 -14.87 36.28 -11.60
CA ILE A 281 -14.45 34.85 -11.56
C ILE A 281 -15.31 34.15 -10.51
N ALA A 282 -15.95 33.05 -10.86
CA ALA A 282 -16.77 32.27 -9.89
C ALA A 282 -16.97 30.86 -10.42
N GLY A 283 -16.52 29.88 -9.64
CA GLY A 283 -16.52 28.45 -10.02
C GLY A 283 -15.11 28.01 -10.36
N THR A 284 -14.68 26.84 -9.87
CA THR A 284 -13.27 26.43 -9.75
C THR A 284 -13.13 24.90 -9.83
N ARG A 285 -12.07 24.44 -10.50
CA ARG A 285 -11.57 23.04 -10.45
C ARG A 285 -10.05 23.10 -10.51
N SER A 286 -9.37 22.09 -9.97
CA SER A 286 -7.91 21.93 -10.09
C SER A 286 -7.61 21.53 -11.54
N ARG A 287 -6.50 21.98 -12.09
CA ARG A 287 -6.07 21.56 -13.45
C ARG A 287 -5.81 20.05 -13.40
N GLY A 288 -5.83 19.40 -14.56
CA GLY A 288 -5.56 17.96 -14.67
C GLY A 288 -4.05 17.70 -14.75
N LYS A 289 -3.66 16.43 -14.71
CA LYS A 289 -2.28 15.97 -15.00
C LYS A 289 -2.03 16.12 -16.52
N THR A 290 -2.99 15.69 -17.35
CA THR A 290 -2.71 15.16 -18.72
C THR A 290 -2.94 16.19 -19.85
N ASP A 291 -3.59 17.32 -19.58
CA ASP A 291 -3.99 18.33 -20.60
C ASP A 291 -5.03 17.71 -21.55
N GLU A 292 -5.74 16.69 -21.09
CA GLU A 292 -6.89 16.04 -21.76
C GLU A 292 -7.92 15.73 -20.67
N GLU A 293 -7.46 15.18 -19.54
CA GLU A 293 -8.10 15.34 -18.20
C GLU A 293 -8.59 16.79 -18.03
N ASP A 294 -7.79 17.75 -18.49
CA ASP A 294 -8.08 19.20 -18.44
C ASP A 294 -9.37 19.50 -19.23
N GLU A 295 -9.49 18.97 -20.46
CA GLU A 295 -10.70 19.11 -21.33
C GLU A 295 -11.92 18.58 -20.56
N SER A 296 -11.79 17.41 -19.94
CA SER A 296 -12.93 16.73 -19.28
C SER A 296 -13.25 17.48 -17.98
N LEU A 297 -12.24 17.96 -17.23
CA LEU A 297 -12.48 18.76 -15.99
C LEU A 297 -13.13 20.11 -16.34
N ALA A 298 -12.68 20.76 -17.42
CA ALA A 298 -13.30 22.01 -17.93
C ALA A 298 -14.74 21.69 -18.32
N ASN A 299 -14.94 20.54 -18.96
CA ASN A 299 -16.27 20.11 -19.48
C ASN A 299 -17.17 19.81 -18.30
N GLU A 300 -16.62 19.27 -17.21
CA GLU A 300 -17.37 18.95 -15.97
C GLU A 300 -17.76 20.27 -15.32
N LEU A 301 -16.82 21.20 -15.18
CA LEU A 301 -17.05 22.53 -14.56
C LEU A 301 -18.21 23.26 -15.27
N ILE A 302 -18.21 23.25 -16.59
CA ILE A 302 -19.17 24.05 -17.40
C ILE A 302 -20.55 23.40 -17.44
N HIS A 303 -20.67 22.09 -17.24
CA HIS A 303 -21.97 21.36 -17.17
C HIS A 303 -22.50 21.31 -15.72
N ASN A 304 -21.77 21.85 -14.75
CA ASN A 304 -22.13 21.76 -13.32
C ASN A 304 -23.13 22.86 -12.94
N GLU A 305 -24.39 22.51 -12.67
CA GLU A 305 -25.52 23.47 -12.61
C GLU A 305 -25.43 24.39 -11.39
N LYS A 306 -24.82 23.93 -10.29
CA LYS A 306 -24.63 24.73 -9.04
C LYS A 306 -23.54 25.79 -9.25
N GLU A 307 -22.47 25.45 -9.96
CA GLU A 307 -21.38 26.42 -10.28
C GLU A 307 -21.93 27.45 -11.27
N ARG A 308 -22.75 27.03 -12.24
CA ARG A 308 -23.38 27.95 -13.22
C ARG A 308 -24.30 28.93 -12.50
N ALA A 309 -25.12 28.42 -11.58
CA ALA A 309 -26.10 29.22 -10.81
C ALA A 309 -25.34 30.27 -9.99
N GLU A 310 -24.33 29.87 -9.22
CA GLU A 310 -23.45 30.80 -8.47
C GLU A 310 -22.87 31.85 -9.43
N HIS A 311 -22.43 31.45 -10.62
CA HIS A 311 -21.72 32.32 -11.58
C HIS A 311 -22.69 33.36 -12.13
N VAL A 312 -23.88 32.92 -12.57
CA VAL A 312 -24.92 33.81 -13.15
C VAL A 312 -25.34 34.83 -12.09
N MET A 313 -25.53 34.38 -10.86
CA MET A 313 -25.88 35.28 -9.74
C MET A 313 -24.82 36.39 -9.65
N LEU A 314 -23.54 36.04 -9.63
CA LEU A 314 -22.47 37.06 -9.47
C LEU A 314 -22.38 37.93 -10.73
N VAL A 315 -22.63 37.38 -11.93
CA VAL A 315 -22.64 38.22 -13.15
C VAL A 315 -23.79 39.23 -13.05
N ASP A 316 -24.99 38.81 -12.60
CA ASP A 316 -26.13 39.74 -12.45
C ASP A 316 -25.74 40.88 -11.50
N LEU A 317 -25.13 40.53 -10.36
CA LEU A 317 -24.69 41.51 -9.34
C LEU A 317 -23.73 42.55 -10.01
N GLU A 318 -22.79 42.09 -10.83
CA GLU A 318 -21.80 42.98 -11.49
C GLU A 318 -22.50 43.83 -12.55
N ARG A 319 -23.39 43.25 -13.34
CA ARG A 319 -24.24 44.02 -14.32
C ARG A 319 -24.90 45.20 -13.60
N ASN A 320 -25.52 44.96 -12.43
CA ASN A 320 -26.21 46.01 -11.64
C ASN A 320 -25.19 47.02 -11.10
N ASP A 321 -24.02 46.56 -10.66
CA ASP A 321 -22.97 47.49 -10.13
C ASP A 321 -22.51 48.42 -11.25
N LEU A 322 -22.12 47.89 -12.40
CA LEU A 322 -21.60 48.71 -13.52
C LEU A 322 -22.75 49.58 -14.06
N GLY A 323 -23.98 49.07 -13.99
CA GLY A 323 -25.18 49.79 -14.45
C GLY A 323 -25.36 51.11 -13.73
N ARG A 324 -24.87 51.24 -12.50
CA ARG A 324 -25.03 52.47 -11.69
C ARG A 324 -24.25 53.63 -12.32
N VAL A 325 -23.20 53.37 -13.11
CA VAL A 325 -22.41 54.49 -13.73
C VAL A 325 -22.40 54.40 -15.26
N SER A 326 -23.23 53.51 -15.82
CA SER A 326 -23.27 53.29 -17.30
C SER A 326 -24.50 53.95 -17.93
N ARG A 327 -24.35 54.45 -19.16
CA ARG A 327 -25.49 54.81 -20.04
C ARG A 327 -26.52 53.67 -20.02
N TYR A 328 -27.81 53.97 -19.86
CA TYR A 328 -28.90 52.97 -19.89
C TYR A 328 -28.74 52.11 -21.15
N GLY A 329 -28.88 50.79 -20.99
CA GLY A 329 -28.83 49.82 -22.12
C GLY A 329 -27.44 49.58 -22.69
N SER A 330 -26.37 50.10 -22.07
CA SER A 330 -24.97 49.98 -22.59
C SER A 330 -24.25 48.80 -21.92
N VAL A 331 -24.82 48.26 -20.84
CA VAL A 331 -24.22 47.14 -20.06
C VAL A 331 -24.46 45.86 -20.85
N ARG A 332 -23.39 45.17 -21.25
CA ARG A 332 -23.47 43.90 -22.02
C ARG A 332 -22.51 42.89 -21.38
N VAL A 333 -22.84 41.61 -21.43
CA VAL A 333 -21.90 40.49 -21.16
C VAL A 333 -21.31 40.07 -22.51
N ASN A 334 -20.11 40.53 -22.87
CA ASN A 334 -19.52 40.25 -24.20
C ASN A 334 -18.88 38.86 -24.20
N GLU A 335 -18.53 38.34 -23.02
CA GLU A 335 -17.98 36.97 -22.85
C GLU A 335 -18.68 36.31 -21.66
N PHE A 336 -19.54 35.33 -21.91
CA PHE A 336 -20.40 34.72 -20.87
C PHE A 336 -19.90 33.31 -20.56
N MET A 337 -19.41 33.09 -19.34
CA MET A 337 -19.13 31.75 -18.79
C MET A 337 -18.09 31.02 -19.64
N ALA A 338 -16.97 31.66 -19.96
CA ALA A 338 -15.79 30.98 -20.51
C ALA A 338 -15.09 30.21 -19.38
N ILE A 339 -14.43 29.11 -19.72
CA ILE A 339 -13.43 28.48 -18.81
C ILE A 339 -12.08 29.10 -19.15
N GLU A 340 -11.35 29.50 -18.13
CA GLU A 340 -9.99 30.01 -18.35
C GLU A 340 -9.08 29.26 -17.39
N LYS A 341 -8.07 28.61 -17.95
CA LYS A 341 -7.06 27.84 -17.20
C LYS A 341 -6.03 28.83 -16.66
N TYR A 342 -5.87 28.86 -15.35
CA TYR A 342 -4.80 29.61 -14.64
C TYR A 342 -3.72 28.59 -14.34
N SER A 343 -2.73 28.94 -13.52
CA SER A 343 -1.47 28.15 -13.38
C SER A 343 -1.80 26.75 -12.85
N HIS A 344 -2.70 26.62 -11.88
CA HIS A 344 -2.97 25.33 -11.16
C HIS A 344 -4.46 25.08 -10.96
N VAL A 345 -5.31 26.04 -11.34
CA VAL A 345 -6.79 25.90 -11.28
C VAL A 345 -7.39 26.35 -12.61
N MET A 346 -8.65 26.00 -12.84
CA MET A 346 -9.48 26.62 -13.90
C MET A 346 -10.72 27.25 -13.24
N HIS A 347 -11.18 28.34 -13.84
CA HIS A 347 -12.35 29.11 -13.35
C HIS A 347 -13.37 29.25 -14.47
N ILE A 348 -14.64 29.39 -14.09
CA ILE A 348 -15.66 30.04 -14.95
C ILE A 348 -15.45 31.55 -14.83
N VAL A 349 -15.36 32.23 -15.97
CA VAL A 349 -15.11 33.70 -16.01
C VAL A 349 -16.05 34.34 -17.02
N SER A 350 -16.57 35.51 -16.71
CA SER A 350 -17.43 36.31 -17.63
C SER A 350 -16.84 37.71 -17.73
N ASN A 351 -17.10 38.37 -18.86
CA ASN A 351 -16.65 39.75 -19.12
C ASN A 351 -17.90 40.63 -19.27
N VAL A 352 -18.05 41.61 -18.38
CA VAL A 352 -19.20 42.54 -18.32
C VAL A 352 -18.69 43.92 -18.70
N GLN A 353 -19.32 44.56 -19.68
CA GLN A 353 -18.91 45.89 -20.21
C GLN A 353 -20.07 46.87 -20.05
N GLY A 354 -19.74 48.15 -19.99
CA GLY A 354 -20.68 49.28 -19.91
C GLY A 354 -20.04 50.49 -20.51
N GLU A 355 -20.84 51.47 -20.93
CA GLU A 355 -20.34 52.80 -21.38
C GLU A 355 -20.56 53.79 -20.24
N LEU A 356 -19.49 54.40 -19.74
CA LEU A 356 -19.55 55.38 -18.61
C LEU A 356 -20.49 56.51 -19.01
N GLN A 357 -21.50 56.78 -18.18
CA GLN A 357 -22.42 57.94 -18.34
C GLN A 357 -21.64 59.23 -17.99
N ASP A 358 -21.65 60.23 -18.88
CA ASP A 358 -21.02 61.56 -18.69
C ASP A 358 -21.37 62.09 -17.30
N GLY A 359 -20.36 62.59 -16.57
CA GLY A 359 -20.53 63.25 -15.26
C GLY A 359 -20.16 62.36 -14.08
N TYR A 360 -19.92 61.06 -14.31
CA TYR A 360 -19.43 60.13 -13.26
C TYR A 360 -17.91 60.12 -13.35
N ASP A 361 -17.21 60.16 -12.21
CA ASP A 361 -15.73 60.20 -12.17
C ASP A 361 -15.20 58.93 -11.47
N ALA A 362 -13.89 58.87 -11.28
CA ALA A 362 -13.16 57.73 -10.72
C ALA A 362 -13.81 57.34 -9.37
N VAL A 363 -14.18 58.33 -8.56
CA VAL A 363 -14.73 58.06 -7.20
C VAL A 363 -16.10 57.37 -7.35
N ASP A 364 -16.95 57.90 -8.23
CA ASP A 364 -18.27 57.32 -8.56
C ASP A 364 -18.12 55.85 -9.01
N ILE A 365 -17.15 55.57 -9.90
CA ILE A 365 -16.93 54.19 -10.41
C ILE A 365 -16.56 53.31 -9.23
N ILE A 366 -15.64 53.74 -8.36
CA ILE A 366 -15.24 52.90 -7.21
C ILE A 366 -16.47 52.67 -6.30
N HIS A 367 -17.25 53.72 -6.02
CA HIS A 367 -18.44 53.62 -5.13
C HIS A 367 -19.43 52.59 -5.72
N ALA A 368 -19.57 52.54 -7.05
CA ALA A 368 -20.48 51.61 -7.75
C ALA A 368 -20.00 50.15 -7.63
N VAL A 369 -18.70 49.86 -7.75
CA VAL A 369 -18.24 48.46 -8.00
C VAL A 369 -17.46 47.87 -6.80
N PHE A 370 -17.12 48.66 -5.80
CA PHE A 370 -16.15 48.26 -4.75
C PHE A 370 -16.86 48.08 -3.42
N PRO A 371 -16.56 47.04 -2.62
CA PRO A 371 -15.67 45.94 -3.04
C PRO A 371 -16.40 45.04 -4.04
N GLY A 372 -15.67 44.16 -4.70
CA GLY A 372 -16.24 43.22 -5.69
C GLY A 372 -17.33 42.34 -5.10
N GLY A 373 -18.41 42.16 -5.86
CA GLY A 373 -19.48 41.18 -5.57
C GLY A 373 -18.90 39.79 -5.31
N THR A 374 -17.87 39.38 -6.05
CA THR A 374 -17.37 37.97 -6.03
C THR A 374 -16.70 37.65 -4.68
N ILE A 375 -16.28 38.63 -3.87
CA ILE A 375 -15.53 38.35 -2.61
C ILE A 375 -16.33 38.85 -1.40
N THR A 376 -17.53 39.39 -1.61
CA THR A 376 -18.51 39.68 -0.52
C THR A 376 -19.65 38.67 -0.63
N GLY A 377 -20.63 38.94 -1.50
CA GLY A 377 -21.80 38.09 -1.72
C GLY A 377 -22.98 38.87 -2.28
N ALA A 378 -24.14 38.23 -2.37
CA ALA A 378 -25.36 38.81 -2.97
C ALA A 378 -26.47 38.72 -1.94
N PRO A 379 -27.23 39.81 -1.68
CA PRO A 379 -26.86 41.16 -2.09
C PRO A 379 -25.67 41.74 -1.32
N LYS A 380 -24.95 42.68 -1.92
CA LYS A 380 -23.61 43.10 -1.45
C LYS A 380 -23.73 43.82 -0.09
N VAL A 381 -24.64 44.78 0.04
CA VAL A 381 -24.64 45.69 1.22
C VAL A 381 -24.98 44.86 2.45
N ARG A 382 -26.03 44.05 2.38
CA ARG A 382 -26.40 43.17 3.52
C ARG A 382 -25.25 42.19 3.84
N THR A 383 -24.66 41.60 2.81
CA THR A 383 -23.53 40.64 2.95
C THR A 383 -22.38 41.29 3.73
N MET A 384 -22.02 42.54 3.42
CA MET A 384 -20.93 43.25 4.14
C MET A 384 -21.30 43.46 5.60
N GLU A 385 -22.57 43.71 5.92
CA GLU A 385 -23.04 43.87 7.33
C GLU A 385 -22.80 42.54 8.07
N ILE A 386 -23.12 41.42 7.43
CA ILE A 386 -22.98 40.07 8.06
C ILE A 386 -21.49 39.73 8.25
N ILE A 387 -20.65 39.99 7.24
CA ILE A 387 -19.17 39.79 7.36
C ILE A 387 -18.64 40.56 8.57
N GLU A 388 -19.01 41.85 8.69
CA GLU A 388 -18.53 42.76 9.76
C GLU A 388 -18.98 42.27 11.15
N GLU A 389 -20.14 41.65 11.23
CA GLU A 389 -20.72 41.10 12.49
C GLU A 389 -19.93 39.84 12.91
N LEU A 390 -19.40 39.08 11.96
CA LEU A 390 -18.90 37.70 12.22
C LEU A 390 -17.35 37.65 12.27
N GLU A 391 -16.65 38.33 11.37
CA GLU A 391 -15.18 38.18 11.23
C GLU A 391 -14.51 38.93 12.38
N PRO A 392 -13.52 38.35 13.09
CA PRO A 392 -13.00 38.98 14.30
C PRO A 392 -12.12 40.21 13.99
N THR A 393 -11.47 40.21 12.83
CA THR A 393 -10.48 41.25 12.43
C THR A 393 -10.93 41.92 11.14
N ARG A 394 -10.54 43.19 10.99
CA ARG A 394 -10.75 43.96 9.75
C ARG A 394 -10.08 43.20 8.62
N ARG A 395 -10.69 43.16 7.45
CA ARG A 395 -10.08 42.54 6.26
C ARG A 395 -8.81 43.28 5.87
N GLY A 396 -8.80 44.61 6.05
CA GLY A 396 -7.72 45.45 5.54
C GLY A 396 -7.54 45.23 4.06
N LEU A 397 -6.34 44.86 3.63
CA LEU A 397 -6.03 44.73 2.19
C LEU A 397 -6.77 43.51 1.58
N TYR A 398 -7.04 42.46 2.35
CA TYR A 398 -7.77 41.26 1.83
C TYR A 398 -9.12 41.66 1.24
N THR A 399 -9.32 41.40 -0.05
CA THR A 399 -10.55 41.62 -0.85
C THR A 399 -10.75 43.11 -1.11
N GLY A 400 -9.71 43.90 -0.82
CA GLY A 400 -9.55 45.24 -1.41
C GLY A 400 -9.11 45.11 -2.85
N SER A 401 -8.51 46.18 -3.36
CA SER A 401 -8.09 46.29 -4.78
C SER A 401 -6.73 47.00 -4.86
N ILE A 402 -5.83 46.43 -5.66
CA ILE A 402 -4.54 47.05 -6.03
C ILE A 402 -4.72 47.55 -7.46
N GLY A 403 -4.25 48.76 -7.76
CA GLY A 403 -4.19 49.15 -9.16
C GLY A 403 -3.77 50.59 -9.32
N TRP A 404 -4.27 51.22 -10.38
CA TRP A 404 -3.85 52.58 -10.75
C TRP A 404 -5.01 53.46 -11.19
N PHE A 405 -4.82 54.75 -10.94
CA PHE A 405 -5.59 55.88 -11.50
C PHE A 405 -4.68 56.66 -12.43
N GLY A 406 -5.05 56.77 -13.71
CA GLY A 406 -4.31 57.57 -14.70
C GLY A 406 -4.57 59.07 -14.54
N TYR A 407 -3.58 59.90 -14.81
CA TYR A 407 -3.78 61.37 -14.97
C TYR A 407 -4.80 61.61 -16.10
N ASN A 408 -4.90 60.68 -17.06
CA ASN A 408 -5.84 60.80 -18.21
C ASN A 408 -7.23 60.23 -17.86
N HIS A 409 -7.47 59.90 -16.58
CA HIS A 409 -8.78 59.46 -16.04
C HIS A 409 -9.08 58.00 -16.39
N ASP A 410 -8.14 57.22 -16.93
CA ASP A 410 -8.34 55.77 -17.07
C ASP A 410 -8.00 55.15 -15.71
N LEU A 411 -8.39 53.90 -15.47
CA LEU A 411 -8.07 53.20 -14.20
C LEU A 411 -8.16 51.69 -14.41
N GLN A 412 -7.58 50.95 -13.48
CA GLN A 412 -7.50 49.46 -13.56
C GLN A 412 -7.17 48.96 -12.16
N PHE A 413 -8.07 48.15 -11.60
CA PHE A 413 -7.94 47.58 -10.25
C PHE A 413 -8.22 46.09 -10.29
N ASN A 414 -7.44 45.37 -9.51
CA ASN A 414 -7.57 43.91 -9.31
C ASN A 414 -8.44 43.72 -8.07
N ILE A 415 -8.70 42.47 -7.72
CA ILE A 415 -9.19 42.09 -6.37
C ILE A 415 -8.03 41.42 -5.65
N VAL A 416 -7.75 41.84 -4.43
CA VAL A 416 -6.68 41.26 -3.59
C VAL A 416 -7.16 39.95 -2.98
N ILE A 417 -6.81 38.85 -3.63
CA ILE A 417 -6.82 37.47 -3.05
C ILE A 417 -5.45 36.85 -3.37
N ARG A 418 -5.13 35.69 -2.84
CA ARG A 418 -3.82 35.02 -3.08
C ARG A 418 -2.72 36.04 -2.76
N THR A 419 -2.82 36.71 -1.62
CA THR A 419 -1.96 37.86 -1.26
C THR A 419 -1.39 37.68 0.14
N ILE A 420 -0.10 37.96 0.29
CA ILE A 420 0.57 38.09 1.62
C ILE A 420 0.74 39.59 1.91
N TYR A 421 0.39 39.99 3.12
CA TYR A 421 0.64 41.35 3.67
C TYR A 421 1.69 41.17 4.76
N ALA A 422 2.90 41.75 4.58
CA ALA A 422 4.02 41.66 5.55
C ALA A 422 4.08 42.97 6.33
N THR A 423 4.00 42.88 7.66
CA THR A 423 4.12 44.03 8.59
C THR A 423 4.44 43.49 9.98
N GLY A 424 5.18 44.27 10.78
CA GLY A 424 5.49 43.97 12.18
C GLY A 424 6.19 42.63 12.36
N GLY A 425 6.98 42.20 11.37
CA GLY A 425 7.75 40.94 11.42
C GLY A 425 6.91 39.72 11.09
N GLN A 426 5.64 39.91 10.68
CA GLN A 426 4.71 38.78 10.37
C GLN A 426 4.36 38.81 8.88
N ALA A 427 4.09 37.66 8.29
CA ALA A 427 3.41 37.53 6.97
C ALA A 427 1.96 37.11 7.22
N PHE A 428 1.00 37.90 6.76
CA PHE A 428 -0.46 37.68 6.93
C PHE A 428 -1.02 37.17 5.60
N MET A 429 -1.77 36.08 5.67
CA MET A 429 -2.37 35.38 4.53
C MET A 429 -3.85 35.16 4.84
N GLN A 430 -4.73 35.65 3.99
CA GLN A 430 -6.17 35.59 4.23
C GLN A 430 -6.84 34.94 3.01
N SER A 431 -7.77 34.04 3.30
CA SER A 431 -8.53 33.28 2.29
C SER A 431 -9.91 32.94 2.89
N GLY A 432 -10.91 32.80 2.03
CA GLY A 432 -12.29 32.53 2.46
C GLY A 432 -12.96 31.43 1.65
N ALA A 433 -14.21 31.17 1.98
CA ALA A 433 -15.07 30.17 1.33
C ALA A 433 -16.45 30.79 1.12
N GLY A 434 -17.06 30.51 -0.03
CA GLY A 434 -18.45 30.92 -0.32
C GLY A 434 -19.45 30.07 0.45
N VAL A 435 -19.95 30.58 1.58
CA VAL A 435 -21.00 29.92 2.41
C VAL A 435 -22.36 30.08 1.72
N VAL A 436 -23.07 28.98 1.60
CA VAL A 436 -24.43 28.87 0.97
C VAL A 436 -25.33 28.07 1.91
N ILE A 437 -26.59 27.90 1.52
CA ILE A 437 -27.65 27.27 2.36
C ILE A 437 -27.17 25.91 2.92
N ASP A 438 -26.50 25.08 2.10
CA ASP A 438 -26.18 23.67 2.49
C ASP A 438 -24.69 23.51 2.83
N SER A 439 -23.97 24.59 3.11
CA SER A 439 -22.54 24.54 3.51
C SER A 439 -22.39 23.72 4.79
N VAL A 440 -21.40 22.83 4.80
CA VAL A 440 -20.90 22.13 6.02
C VAL A 440 -19.80 22.99 6.60
N PRO A 441 -19.94 23.43 7.87
CA PRO A 441 -18.92 24.24 8.54
C PRO A 441 -17.49 23.75 8.29
N LYS A 442 -17.23 22.46 8.52
CA LYS A 442 -15.86 21.89 8.43
C LYS A 442 -15.34 21.95 6.98
N HIS A 443 -16.22 21.78 5.98
CA HIS A 443 -15.87 21.83 4.55
C HIS A 443 -15.36 23.22 4.19
N GLU A 444 -16.08 24.24 4.63
CA GLU A 444 -15.78 25.65 4.29
C GLU A 444 -14.51 26.09 5.04
N TYR A 445 -14.28 25.61 6.26
CA TYR A 445 -13.06 25.86 7.06
C TYR A 445 -11.83 25.35 6.29
N ARG A 446 -11.87 24.09 5.90
CA ARG A 446 -10.81 23.39 5.14
C ARG A 446 -10.63 24.07 3.77
N GLU A 447 -11.71 24.50 3.13
CA GLU A 447 -11.69 25.10 1.78
C GLU A 447 -10.90 26.44 1.86
N SER A 448 -10.98 27.14 2.98
CA SER A 448 -10.28 28.43 3.18
C SER A 448 -8.77 28.19 3.35
N PHE A 449 -8.38 27.10 4.00
CA PHE A 449 -6.97 26.70 4.17
C PHE A 449 -6.38 26.28 2.82
N LYS A 450 -7.13 25.53 2.02
CA LYS A 450 -6.71 25.10 0.67
C LYS A 450 -6.43 26.32 -0.22
N LYS A 451 -7.27 27.36 -0.13
CA LYS A 451 -7.17 28.56 -0.97
C LYS A 451 -5.84 29.28 -0.63
N ALA A 452 -5.33 29.09 0.58
CA ALA A 452 -4.09 29.70 1.10
C ALA A 452 -2.84 28.90 0.67
N PHE A 453 -2.97 27.79 -0.09
CA PHE A 453 -1.84 26.87 -0.40
C PHE A 453 -0.72 27.62 -1.15
N ALA A 454 -0.99 28.25 -2.30
CA ALA A 454 0.01 29.02 -3.09
C ALA A 454 0.90 29.85 -2.14
N MET A 455 0.30 30.53 -1.15
CA MET A 455 0.98 31.51 -0.28
C MET A 455 1.81 30.82 0.81
N GLN A 456 1.29 29.80 1.50
CA GLN A 456 2.07 29.10 2.57
C GLN A 456 3.22 28.35 1.88
N LYS A 457 2.99 27.87 0.66
CA LYS A 457 3.97 27.14 -0.17
C LYS A 457 5.11 28.11 -0.51
N ALA A 458 4.77 29.25 -1.09
CA ALA A 458 5.70 30.34 -1.47
C ALA A 458 6.57 30.72 -0.27
N LEU A 459 5.96 30.85 0.92
CA LEU A 459 6.69 31.17 2.17
C LEU A 459 7.71 30.08 2.50
N GLU A 460 7.29 28.83 2.50
CA GLU A 460 8.11 27.66 2.89
C GLU A 460 9.28 27.52 1.91
N LEU A 461 9.01 27.61 0.61
CA LEU A 461 10.06 27.48 -0.44
C LEU A 461 11.11 28.58 -0.27
N SER A 462 10.69 29.82 0.02
CA SER A 462 11.58 31.00 0.23
C SER A 462 12.63 30.75 1.32
N GLU A 463 12.37 29.87 2.32
CA GLU A 463 13.41 29.20 3.18
C GLU A 463 13.52 27.72 2.79
N ARG B 4 -28.72 -7.86 -29.16
CA ARG B 4 -27.63 -7.89 -28.15
C ARG B 4 -27.67 -9.20 -27.37
N ARG B 5 -26.61 -10.01 -27.47
CA ARG B 5 -26.45 -11.22 -26.63
C ARG B 5 -24.98 -11.42 -26.34
N PRO B 6 -24.66 -12.02 -25.17
CA PRO B 6 -23.31 -12.48 -24.89
C PRO B 6 -22.93 -13.67 -25.78
N ALA B 7 -21.65 -13.75 -26.14
CA ALA B 7 -21.01 -14.93 -26.74
C ALA B 7 -19.85 -15.36 -25.84
N GLY B 8 -19.80 -16.64 -25.47
CA GLY B 8 -18.84 -17.18 -24.49
C GLY B 8 -18.05 -18.34 -25.05
N LYS B 9 -16.78 -18.46 -24.65
CA LYS B 9 -15.90 -19.63 -24.89
C LYS B 9 -15.34 -20.08 -23.54
N LYS B 10 -15.52 -21.37 -23.20
CA LYS B 10 -15.02 -22.01 -21.95
C LYS B 10 -13.74 -22.79 -22.29
N VAL B 11 -12.68 -22.56 -21.51
CA VAL B 11 -11.29 -22.95 -21.83
C VAL B 11 -10.68 -23.56 -20.56
N PRO B 12 -9.98 -24.71 -20.64
CA PRO B 12 -9.27 -25.23 -19.48
C PRO B 12 -8.25 -24.17 -19.01
N PHE B 13 -8.07 -24.01 -17.70
CA PHE B 13 -7.15 -22.98 -17.13
C PHE B 13 -7.03 -23.20 -15.62
N GLN B 14 -5.83 -22.90 -15.13
CA GLN B 14 -5.44 -23.04 -13.70
C GLN B 14 -5.65 -21.68 -13.04
N LYS B 15 -6.20 -21.67 -11.82
CA LYS B 15 -6.46 -20.46 -11.00
C LYS B 15 -5.22 -19.55 -11.02
N ASP B 16 -4.05 -20.08 -10.65
CA ASP B 16 -2.84 -19.24 -10.40
C ASP B 16 -2.36 -18.62 -11.72
N SER B 17 -2.51 -19.35 -12.84
CA SER B 17 -2.25 -18.85 -14.21
C SER B 17 -3.16 -17.67 -14.51
N PHE B 18 -4.45 -17.80 -14.19
CA PHE B 18 -5.45 -16.73 -14.41
C PHE B 18 -5.06 -15.49 -13.63
N LEU B 19 -4.71 -15.64 -12.35
CA LEU B 19 -4.41 -14.51 -11.44
C LEU B 19 -3.10 -13.84 -11.91
N LYS B 20 -2.09 -14.63 -12.30
CA LYS B 20 -0.81 -14.11 -12.80
C LYS B 20 -1.06 -13.36 -14.12
N GLN B 21 -1.85 -13.95 -15.02
CA GLN B 21 -2.06 -13.33 -16.36
C GLN B 21 -2.86 -12.03 -16.17
N PHE B 22 -3.77 -11.97 -15.22
CA PHE B 22 -4.54 -10.74 -14.94
C PHE B 22 -3.56 -9.61 -14.56
N GLU B 23 -2.66 -9.90 -13.63
CA GLU B 23 -1.66 -8.91 -13.15
C GLU B 23 -0.79 -8.44 -14.33
N LYS B 24 -0.36 -9.36 -15.18
CA LYS B 24 0.49 -9.00 -16.34
C LYS B 24 -0.30 -8.10 -17.29
N LEU B 25 -1.52 -8.47 -17.67
CA LEU B 25 -2.33 -7.71 -18.66
C LEU B 25 -2.74 -6.33 -18.08
N SER B 26 -3.03 -6.27 -16.78
CA SER B 26 -3.62 -5.07 -16.13
C SER B 26 -2.56 -3.96 -16.05
N GLN B 27 -1.28 -4.30 -16.21
CA GLN B 27 -0.17 -3.32 -16.13
C GLN B 27 -0.35 -2.20 -17.16
N SER B 28 -0.89 -2.49 -18.35
CA SER B 28 -1.03 -1.49 -19.44
C SER B 28 -2.42 -0.80 -19.37
N ARG B 29 -3.25 -1.10 -18.38
CA ARG B 29 -4.65 -0.59 -18.28
C ARG B 29 -4.80 0.42 -17.14
N LYS B 30 -5.13 1.68 -17.47
CA LYS B 30 -5.39 2.81 -16.53
C LYS B 30 -6.51 2.45 -15.56
N GLN B 31 -7.52 1.72 -16.01
CA GLN B 31 -8.73 1.34 -15.24
C GLN B 31 -8.94 -0.16 -15.41
N HIS B 32 -8.99 -0.89 -14.31
CA HIS B 32 -9.25 -2.35 -14.33
C HIS B 32 -9.77 -2.79 -12.97
N VAL B 33 -10.38 -3.96 -12.97
CA VAL B 33 -10.98 -4.49 -11.72
C VAL B 33 -10.91 -6.02 -11.72
N LEU B 34 -10.61 -6.56 -10.55
CA LEU B 34 -10.70 -8.01 -10.25
C LEU B 34 -11.63 -8.17 -9.06
N LEU B 35 -12.65 -9.00 -9.24
CA LEU B 35 -13.50 -9.55 -8.14
C LEU B 35 -13.05 -10.99 -7.94
N GLU B 36 -12.48 -11.26 -6.78
CA GLU B 36 -11.79 -12.53 -6.52
C GLU B 36 -12.48 -13.27 -5.38
N SER B 37 -12.86 -14.51 -5.65
CA SER B 37 -13.19 -15.56 -4.66
C SER B 37 -11.88 -16.18 -4.19
N ALA B 38 -11.28 -15.63 -3.14
CA ALA B 38 -9.94 -16.02 -2.65
C ALA B 38 -10.07 -17.12 -1.59
N ARG B 39 -11.23 -17.28 -0.98
CA ARG B 39 -11.53 -18.38 -0.03
C ARG B 39 -13.03 -18.52 0.02
N GLY B 40 -13.56 -19.62 -0.47
CA GLY B 40 -15.00 -19.80 -0.77
C GLY B 40 -15.36 -18.98 -1.98
N GLY B 41 -16.57 -19.12 -2.47
CA GLY B 41 -17.04 -18.43 -3.67
C GLY B 41 -16.76 -19.31 -4.86
N ARG B 42 -17.36 -19.05 -6.01
CA ARG B 42 -17.21 -19.91 -7.20
C ARG B 42 -16.48 -19.17 -8.32
N TYR B 43 -16.60 -17.84 -8.38
CA TYR B 43 -16.19 -17.07 -9.58
C TYR B 43 -15.15 -16.01 -9.20
N SER B 44 -14.19 -15.80 -10.10
CA SER B 44 -13.33 -14.60 -10.11
C SER B 44 -13.53 -13.91 -11.46
N ILE B 45 -13.66 -12.58 -11.43
CA ILE B 45 -14.10 -11.79 -12.60
C ILE B 45 -13.02 -10.74 -12.87
N ALA B 46 -12.50 -10.70 -14.09
CA ALA B 46 -11.46 -9.77 -14.56
C ALA B 46 -12.12 -8.87 -15.59
N GLY B 47 -12.13 -7.57 -15.33
CA GLY B 47 -12.46 -6.52 -16.31
C GLY B 47 -11.22 -5.71 -16.62
N LEU B 48 -10.73 -5.81 -17.86
CA LEU B 48 -9.48 -5.15 -18.31
C LEU B 48 -9.80 -3.88 -19.13
N ASP B 49 -10.71 -3.98 -20.12
CA ASP B 49 -10.91 -2.95 -21.17
C ASP B 49 -12.37 -2.49 -21.15
N PRO B 50 -12.68 -1.44 -20.38
CA PRO B 50 -14.05 -0.95 -20.28
C PRO B 50 -14.55 -0.31 -21.59
N ILE B 51 -15.82 -0.50 -21.93
CA ILE B 51 -16.49 0.28 -23.01
C ILE B 51 -16.99 1.63 -22.44
N ALA B 52 -17.09 1.76 -21.13
CA ALA B 52 -17.64 2.99 -20.51
C ALA B 52 -17.23 3.12 -19.05
N THR B 53 -17.12 4.36 -18.60
CA THR B 53 -16.92 4.76 -17.19
C THR B 53 -18.13 5.62 -16.77
N VAL B 54 -18.74 5.23 -15.66
CA VAL B 54 -19.88 5.93 -15.02
C VAL B 54 -19.38 6.42 -13.69
N LYS B 55 -19.42 7.73 -13.46
CA LYS B 55 -18.97 8.37 -12.21
C LYS B 55 -20.05 9.36 -11.77
N GLY B 56 -20.61 9.14 -10.57
CA GLY B 56 -21.65 10.00 -10.00
C GLY B 56 -21.21 10.56 -8.68
N LYS B 57 -21.45 11.85 -8.47
CA LYS B 57 -21.06 12.56 -7.22
C LYS B 57 -21.98 13.78 -7.09
N ASP B 58 -22.64 13.94 -5.96
CA ASP B 58 -23.42 15.15 -5.59
C ASP B 58 -24.38 15.55 -6.73
N GLY B 59 -25.19 14.60 -7.20
CA GLY B 59 -26.28 14.88 -8.15
C GLY B 59 -25.80 15.09 -9.57
N ILE B 60 -24.51 14.85 -9.86
CA ILE B 60 -23.96 14.95 -11.25
C ILE B 60 -23.37 13.60 -11.63
N THR B 61 -23.81 13.02 -12.75
CA THR B 61 -23.29 11.74 -13.25
C THR B 61 -22.70 11.99 -14.62
N THR B 62 -21.48 11.48 -14.86
CA THR B 62 -20.86 11.50 -16.20
C THR B 62 -20.81 10.06 -16.70
N ILE B 63 -21.21 9.86 -17.95
CA ILE B 63 -21.05 8.57 -18.64
C ILE B 63 -20.10 8.83 -19.80
N LYS B 64 -18.87 8.35 -19.68
CA LYS B 64 -17.83 8.42 -20.73
C LYS B 64 -17.87 7.09 -21.48
N HIS B 65 -18.21 7.14 -22.77
CA HIS B 65 -18.52 5.98 -23.65
C HIS B 65 -17.94 6.26 -25.04
N GLY B 66 -16.72 5.81 -25.30
CA GLY B 66 -16.06 5.93 -26.62
C GLY B 66 -15.88 7.39 -27.03
N ASP B 67 -15.44 8.24 -26.10
CA ASP B 67 -15.08 9.67 -26.33
C ASP B 67 -16.33 10.55 -26.46
N GLU B 68 -17.53 9.99 -26.40
CA GLU B 68 -18.80 10.71 -26.09
C GLU B 68 -18.92 10.82 -24.57
N MET B 69 -19.32 11.99 -24.05
CA MET B 69 -19.52 12.22 -22.61
C MET B 69 -20.93 12.74 -22.31
N LEU B 70 -21.77 11.94 -21.65
CA LEU B 70 -23.13 12.30 -21.18
C LEU B 70 -23.01 12.89 -19.78
N PHE B 71 -23.84 13.90 -19.50
CA PHE B 71 -23.98 14.57 -18.18
C PHE B 71 -25.45 14.48 -17.74
N LYS B 72 -25.69 14.03 -16.50
CA LYS B 72 -27.03 13.66 -16.00
C LYS B 72 -27.20 14.15 -14.58
N GLU B 73 -28.30 14.81 -14.30
CA GLU B 73 -28.57 15.36 -12.94
C GLU B 73 -29.46 14.36 -12.22
N GLY B 74 -29.41 14.39 -10.89
CA GLY B 74 -30.29 13.64 -9.99
C GLY B 74 -29.58 12.45 -9.38
N ASP B 75 -30.38 11.49 -8.93
CA ASP B 75 -29.97 10.19 -8.38
C ASP B 75 -29.01 9.53 -9.37
N PRO B 76 -27.71 9.43 -9.04
CA PRO B 76 -26.72 8.91 -9.97
C PRO B 76 -27.01 7.46 -10.41
N LEU B 77 -27.60 6.64 -9.53
CA LEU B 77 -27.93 5.25 -9.89
C LEU B 77 -29.12 5.21 -10.85
N ARG B 78 -30.07 6.14 -10.72
CA ARG B 78 -31.21 6.24 -11.66
C ARG B 78 -30.68 6.71 -13.01
N ALA B 79 -29.77 7.69 -13.00
CA ALA B 79 -29.12 8.19 -14.24
C ALA B 79 -28.39 7.02 -14.90
N PHE B 80 -27.60 6.28 -14.12
CA PHE B 80 -26.85 5.10 -14.59
C PHE B 80 -27.85 4.09 -15.17
N HIS B 81 -28.90 3.74 -14.42
CA HIS B 81 -29.76 2.58 -14.79
C HIS B 81 -30.54 2.92 -16.05
N SER B 82 -30.96 4.18 -16.25
CA SER B 82 -31.72 4.53 -17.48
C SER B 82 -30.81 4.36 -18.70
N TRP B 83 -29.55 4.74 -18.60
CA TRP B 83 -28.58 4.54 -19.71
C TRP B 83 -28.30 3.02 -19.84
N PHE B 84 -28.05 2.33 -18.75
CA PHE B 84 -27.53 0.94 -18.75
C PHE B 84 -28.58 -0.03 -19.32
N LYS B 85 -29.86 0.25 -19.06
CA LYS B 85 -31.03 -0.51 -19.55
C LYS B 85 -31.01 -0.62 -21.07
N THR B 86 -30.43 0.35 -21.79
CA THR B 86 -30.34 0.29 -23.27
C THR B 86 -29.37 -0.83 -23.71
N LEU B 87 -28.52 -1.35 -22.83
CA LEU B 87 -27.53 -2.43 -23.17
C LEU B 87 -28.00 -3.79 -22.67
N GLU B 88 -29.26 -3.88 -22.21
CA GLU B 88 -29.84 -5.11 -21.59
C GLU B 88 -29.82 -6.26 -22.61
N THR B 89 -29.71 -7.49 -22.12
CA THR B 89 -29.56 -8.75 -22.89
C THR B 89 -30.42 -9.81 -22.21
N GLU B 90 -30.71 -10.91 -22.91
CA GLU B 90 -31.29 -12.13 -22.29
C GLU B 90 -30.17 -12.86 -21.54
N THR B 91 -30.52 -13.63 -20.51
CA THR B 91 -29.60 -14.54 -19.79
C THR B 91 -29.25 -15.73 -20.68
N ASP B 92 -27.97 -16.01 -20.88
CA ASP B 92 -27.49 -17.30 -21.45
C ASP B 92 -27.15 -18.20 -20.27
N HIS B 93 -27.95 -19.25 -20.03
CA HIS B 93 -27.86 -20.14 -18.85
C HIS B 93 -26.61 -21.04 -18.90
N GLU B 94 -25.92 -21.13 -20.05
CA GLU B 94 -24.60 -21.80 -20.20
C GLU B 94 -23.47 -20.98 -19.53
N LEU B 95 -23.58 -19.65 -19.43
CA LEU B 95 -22.48 -18.78 -18.96
C LEU B 95 -22.54 -18.63 -17.45
N PRO B 96 -21.46 -18.10 -16.81
CA PRO B 96 -21.50 -17.77 -15.38
C PRO B 96 -22.54 -16.70 -15.02
N ASP B 97 -22.81 -16.57 -13.73
CA ASP B 97 -23.76 -15.60 -13.15
C ASP B 97 -23.49 -14.21 -13.73
N PHE B 98 -22.24 -13.76 -13.72
CA PHE B 98 -21.85 -12.50 -14.40
C PHE B 98 -21.49 -12.82 -15.86
N GLN B 99 -22.26 -12.26 -16.78
CA GLN B 99 -22.16 -12.48 -18.24
C GLN B 99 -21.92 -11.15 -18.95
N GLY B 100 -21.45 -10.13 -18.24
CA GLY B 100 -21.22 -8.80 -18.82
C GLY B 100 -21.99 -7.71 -18.09
N GLY B 101 -21.40 -6.52 -17.99
CA GLY B 101 -22.09 -5.36 -17.41
C GLY B 101 -21.15 -4.48 -16.63
N ALA B 102 -21.64 -3.93 -15.55
CA ALA B 102 -20.97 -2.84 -14.82
C ALA B 102 -20.38 -3.41 -13.55
N ILE B 103 -19.12 -3.08 -13.28
CA ILE B 103 -18.44 -3.50 -12.03
C ILE B 103 -17.94 -2.22 -11.40
N GLY B 104 -18.12 -2.10 -10.11
CA GLY B 104 -17.74 -0.88 -9.42
C GLY B 104 -18.35 -0.84 -8.04
N PHE B 105 -18.62 0.36 -7.56
CA PHE B 105 -19.05 0.54 -6.16
C PHE B 105 -20.14 1.60 -6.05
N LEU B 106 -20.93 1.40 -5.00
CA LEU B 106 -21.82 2.36 -4.35
C LEU B 106 -21.11 2.78 -3.07
N SER B 107 -20.73 4.04 -2.99
CA SER B 107 -20.31 4.69 -1.72
C SER B 107 -21.44 4.54 -0.70
N TYR B 108 -21.11 4.44 0.56
CA TYR B 108 -22.08 4.58 1.66
C TYR B 108 -22.90 5.84 1.43
N ASP B 109 -22.26 6.91 0.97
CA ASP B 109 -22.91 8.23 0.79
C ASP B 109 -23.91 8.20 -0.38
N TYR B 110 -23.96 7.13 -1.18
CA TYR B 110 -25.11 6.90 -2.08
C TYR B 110 -26.42 6.89 -1.24
N ALA B 111 -26.33 6.57 0.05
CA ALA B 111 -27.51 6.52 0.95
C ALA B 111 -28.21 7.88 1.02
N ARG B 112 -27.51 8.98 0.69
CA ARG B 112 -28.06 10.35 0.72
C ARG B 112 -29.13 10.52 -0.37
N TYR B 113 -29.18 9.65 -1.37
CA TYR B 113 -30.25 9.69 -2.39
C TYR B 113 -31.42 8.76 -1.99
N ILE B 114 -31.26 7.98 -0.93
CA ILE B 114 -32.28 7.00 -0.48
C ILE B 114 -33.07 7.59 0.70
N GLU B 115 -32.35 8.13 1.68
CA GLU B 115 -32.91 8.76 2.88
C GLU B 115 -32.51 10.24 2.84
N ASN B 116 -33.24 11.04 3.60
CA ASN B 116 -33.03 12.50 3.73
C ASN B 116 -31.97 12.67 4.80
N PHE B 117 -30.73 12.97 4.40
CA PHE B 117 -29.57 13.10 5.30
C PHE B 117 -29.37 14.58 5.62
N LYS B 118 -28.99 14.89 6.85
CA LYS B 118 -28.38 16.20 7.15
C LYS B 118 -26.98 16.18 6.54
N MET B 119 -26.41 17.35 6.29
CA MET B 119 -25.05 17.50 5.72
C MET B 119 -24.13 17.99 6.84
N LEU B 120 -23.65 17.07 7.67
CA LEU B 120 -22.88 17.40 8.90
C LEU B 120 -21.42 16.98 8.76
N SER B 121 -21.13 15.78 8.27
CA SER B 121 -19.76 15.19 8.28
C SER B 121 -18.96 15.79 7.11
N LEU B 122 -17.63 15.78 7.24
CA LEU B 122 -16.69 16.39 6.28
C LEU B 122 -16.38 15.42 5.14
N ASP B 123 -16.62 15.83 3.90
CA ASP B 123 -16.19 15.10 2.68
C ASP B 123 -14.79 15.58 2.28
N ASP B 124 -13.73 15.00 2.85
CA ASP B 124 -12.34 15.42 2.56
C ASP B 124 -11.73 14.54 1.46
N LEU B 125 -12.27 13.34 1.17
CA LEU B 125 -11.71 12.42 0.14
C LEU B 125 -12.41 12.57 -1.22
N GLU B 126 -13.61 13.12 -1.25
CA GLU B 126 -14.39 13.32 -2.50
C GLU B 126 -14.56 11.98 -3.23
N THR B 127 -14.80 10.92 -2.50
CA THR B 127 -15.11 9.60 -3.11
C THR B 127 -16.35 9.73 -3.95
N PRO B 128 -16.34 9.24 -5.20
CA PRO B 128 -17.56 9.17 -6.01
C PRO B 128 -18.68 8.47 -5.23
N ASP B 129 -19.92 8.92 -5.40
CA ASP B 129 -21.11 8.27 -4.82
C ASP B 129 -21.33 6.93 -5.52
N ILE B 130 -21.14 6.91 -6.84
CA ILE B 130 -21.11 5.66 -7.64
C ILE B 130 -19.94 5.75 -8.61
N TYR B 131 -19.36 4.60 -8.91
CA TYR B 131 -18.30 4.48 -9.93
C TYR B 131 -18.36 3.09 -10.53
N PHE B 132 -18.62 3.00 -11.84
CA PHE B 132 -18.72 1.71 -12.56
C PHE B 132 -17.86 1.74 -13.83
N LEU B 133 -17.10 0.68 -14.02
CA LEU B 133 -16.49 0.28 -15.31
C LEU B 133 -17.41 -0.71 -15.99
N VAL B 134 -17.76 -0.45 -17.24
CA VAL B 134 -18.74 -1.29 -17.98
C VAL B 134 -18.00 -2.11 -19.03
N PHE B 135 -18.29 -3.41 -19.07
CA PHE B 135 -17.51 -4.40 -19.87
C PHE B 135 -18.42 -5.21 -20.77
N ASP B 136 -18.14 -5.18 -22.07
CA ASP B 136 -18.65 -6.15 -23.06
C ASP B 136 -17.73 -7.37 -23.09
N ASP B 137 -16.44 -7.17 -22.80
CA ASP B 137 -15.41 -8.24 -22.85
C ASP B 137 -14.91 -8.52 -21.43
N ILE B 138 -15.06 -9.76 -20.97
CA ILE B 138 -14.66 -10.18 -19.61
C ILE B 138 -14.06 -11.58 -19.67
N ALA B 139 -13.29 -11.85 -18.64
CA ALA B 139 -12.71 -13.17 -18.32
C ALA B 139 -13.30 -13.53 -16.97
N VAL B 140 -13.97 -14.68 -16.89
CA VAL B 140 -14.58 -15.16 -15.62
C VAL B 140 -13.98 -16.53 -15.33
N TYR B 141 -13.26 -16.63 -14.22
CA TYR B 141 -12.71 -17.92 -13.73
C TYR B 141 -13.78 -18.64 -12.91
N ASP B 142 -14.07 -19.88 -13.31
CA ASP B 142 -14.95 -20.83 -12.57
C ASP B 142 -14.08 -21.76 -11.73
N HIS B 143 -13.98 -21.47 -10.43
CA HIS B 143 -13.13 -22.19 -9.46
C HIS B 143 -13.61 -23.62 -9.30
N GLN B 144 -14.91 -23.86 -9.49
CA GLN B 144 -15.51 -25.21 -9.32
C GLN B 144 -15.20 -26.08 -10.54
N GLU B 145 -15.27 -25.54 -11.76
CA GLU B 145 -14.98 -26.30 -13.01
C GLU B 145 -13.51 -26.13 -13.44
N GLU B 146 -12.68 -25.39 -12.70
CA GLU B 146 -11.27 -25.06 -13.09
C GLU B 146 -11.19 -24.69 -14.58
N SER B 147 -12.03 -23.75 -15.01
CA SER B 147 -12.10 -23.30 -16.42
C SER B 147 -12.16 -21.77 -16.45
N LEU B 148 -11.61 -21.19 -17.52
CA LEU B 148 -11.73 -19.75 -17.84
C LEU B 148 -12.82 -19.60 -18.90
N TRP B 149 -13.83 -18.77 -18.62
CA TRP B 149 -14.80 -18.25 -19.61
C TRP B 149 -14.26 -16.95 -20.19
N LEU B 150 -14.21 -16.85 -21.51
CA LEU B 150 -13.98 -15.58 -22.23
C LEU B 150 -15.33 -15.19 -22.83
N ILE B 151 -15.79 -13.98 -22.53
CA ILE B 151 -17.16 -13.52 -22.92
C ILE B 151 -17.06 -12.17 -23.63
N THR B 152 -17.73 -12.07 -24.77
CA THR B 152 -17.91 -10.82 -25.56
C THR B 152 -19.42 -10.63 -25.80
N HIS B 153 -19.81 -9.54 -26.48
CA HIS B 153 -21.20 -9.26 -26.89
C HIS B 153 -21.25 -9.03 -28.41
N VAL B 154 -22.33 -9.44 -29.08
CA VAL B 154 -22.59 -9.14 -30.51
C VAL B 154 -24.06 -8.73 -30.70
N ASN B 155 -24.38 -8.33 -31.95
CA ASN B 155 -25.74 -8.12 -32.52
C ASN B 155 -25.60 -7.72 -34.00
N SER B 160 -18.44 -13.04 -36.37
CA SER B 160 -17.99 -11.80 -35.70
C SER B 160 -17.77 -12.05 -34.20
N ALA B 161 -18.62 -12.85 -33.55
CA ALA B 161 -18.41 -13.37 -32.18
C ALA B 161 -17.12 -14.18 -32.14
N ASP B 162 -16.99 -15.12 -33.07
CA ASP B 162 -15.83 -16.05 -33.23
C ASP B 162 -14.54 -15.24 -33.26
N VAL B 163 -14.50 -14.16 -34.06
CA VAL B 163 -13.29 -13.33 -34.24
C VAL B 163 -12.91 -12.75 -32.88
N LYS B 164 -13.86 -12.11 -32.19
CA LYS B 164 -13.60 -11.39 -30.92
C LYS B 164 -13.15 -12.35 -29.83
N LEU B 165 -13.80 -13.52 -29.73
CA LEU B 165 -13.47 -14.57 -28.73
C LEU B 165 -12.05 -15.10 -28.99
N SER B 166 -11.67 -15.20 -30.27
CA SER B 166 -10.31 -15.63 -30.68
C SER B 166 -9.28 -14.61 -30.20
N GLU B 167 -9.61 -13.32 -30.26
CA GLU B 167 -8.69 -12.21 -29.86
C GLU B 167 -8.53 -12.24 -28.34
N LEU B 168 -9.62 -12.48 -27.60
CA LEU B 168 -9.58 -12.62 -26.13
C LEU B 168 -8.75 -13.84 -25.73
N GLU B 169 -8.94 -14.98 -26.40
CA GLU B 169 -8.14 -16.20 -26.15
C GLU B 169 -6.65 -15.89 -26.35
N ARG B 170 -6.33 -15.29 -27.49
CA ARG B 170 -4.95 -14.90 -27.88
C ARG B 170 -4.34 -14.11 -26.71
N MET B 171 -5.06 -13.11 -26.22
CA MET B 171 -4.64 -12.16 -25.17
C MET B 171 -4.30 -12.91 -23.88
N TRP B 172 -5.18 -13.82 -23.45
CA TRP B 172 -5.06 -14.54 -22.15
C TRP B 172 -4.08 -15.74 -22.27
N LEU B 173 -3.82 -16.23 -23.48
CA LEU B 173 -2.82 -17.32 -23.69
C LEU B 173 -1.43 -16.74 -23.99
N THR B 174 -1.33 -15.48 -24.41
CA THR B 174 -0.05 -14.91 -24.87
C THR B 174 0.67 -14.45 -23.61
N GLU B 175 1.26 -15.38 -22.87
CA GLU B 175 1.99 -15.08 -21.62
C GLU B 175 3.22 -14.22 -22.02
N LEU B 176 3.60 -13.29 -21.15
CA LEU B 176 4.53 -12.15 -21.44
C LEU B 176 5.46 -11.99 -20.24
N PRO B 177 6.31 -10.94 -20.19
CA PRO B 177 7.24 -10.77 -19.09
C PRO B 177 6.59 -10.69 -17.70
N ALA B 178 7.36 -11.07 -16.68
CA ALA B 178 7.04 -10.87 -15.24
C ALA B 178 6.91 -9.38 -14.91
N VAL B 179 6.33 -9.12 -13.74
CA VAL B 179 5.96 -7.78 -13.19
C VAL B 179 7.19 -7.05 -12.63
N PRO B 180 7.58 -5.87 -13.19
CA PRO B 180 8.63 -5.05 -12.58
C PRO B 180 8.20 -4.35 -11.28
N SER B 181 7.05 -3.67 -11.28
CA SER B 181 6.49 -2.83 -10.18
C SER B 181 4.97 -2.71 -10.37
N SER B 191 -3.14 16.57 2.08
CA SER B 191 -3.46 16.64 3.54
C SER B 191 -4.99 16.50 3.77
N PHE B 192 -5.37 15.59 4.68
CA PHE B 192 -6.76 15.15 4.97
C PHE B 192 -7.09 15.29 6.46
N ALA B 193 -8.36 15.19 6.84
CA ALA B 193 -8.86 15.32 8.24
C ALA B 193 -8.28 14.21 9.12
N ALA B 194 -8.15 14.45 10.42
CA ALA B 194 -7.56 13.52 11.41
C ALA B 194 -8.59 12.44 11.72
N PRO B 195 -8.17 11.23 12.18
CA PRO B 195 -9.11 10.27 12.75
C PRO B 195 -9.94 10.87 13.89
N PHE B 196 -11.18 10.36 14.07
CA PHE B 196 -11.95 10.47 15.34
C PHE B 196 -10.96 10.30 16.48
N THR B 197 -10.78 11.30 17.33
CA THR B 197 -9.94 11.20 18.55
C THR B 197 -10.60 10.23 19.53
N GLU B 198 -9.83 9.72 20.50
CA GLU B 198 -10.33 8.79 21.54
C GLU B 198 -11.45 9.48 22.32
N ASP B 199 -11.21 10.73 22.74
CA ASP B 199 -12.20 11.53 23.52
C ASP B 199 -13.44 11.80 22.66
N GLY B 200 -13.25 12.12 21.37
CA GLY B 200 -14.35 12.33 20.41
C GLY B 200 -15.22 11.08 20.27
N PHE B 201 -14.59 9.93 20.04
CA PHE B 201 -15.26 8.62 19.84
C PHE B 201 -16.05 8.26 21.09
N SER B 202 -15.42 8.38 22.26
CA SER B 202 -15.98 7.96 23.57
C SER B 202 -17.23 8.78 23.89
N GLN B 203 -17.18 10.09 23.64
CA GLN B 203 -18.33 11.01 23.88
C GLN B 203 -19.46 10.65 22.89
N ALA B 204 -19.13 10.18 21.69
CA ALA B 204 -20.12 9.72 20.69
C ALA B 204 -20.74 8.39 21.14
N VAL B 205 -19.99 7.52 21.82
CA VAL B 205 -20.51 6.23 22.36
C VAL B 205 -21.57 6.57 23.40
N GLU B 206 -21.26 7.50 24.29
CA GLU B 206 -22.17 7.98 25.36
C GLU B 206 -23.45 8.55 24.72
N LYS B 207 -23.30 9.35 23.66
CA LYS B 207 -24.45 9.95 22.92
C LYS B 207 -25.33 8.81 22.37
N ILE B 208 -24.74 7.78 21.79
CA ILE B 208 -25.49 6.63 21.21
C ILE B 208 -26.28 5.94 22.35
N LYS B 209 -25.66 5.76 23.51
CA LYS B 209 -26.27 5.06 24.67
C LYS B 209 -27.50 5.84 25.14
N GLN B 210 -27.41 7.18 25.21
CA GLN B 210 -28.56 8.10 25.47
C GLN B 210 -29.69 7.83 24.46
N TYR B 211 -29.38 7.72 23.17
CA TYR B 211 -30.40 7.47 22.11
C TYR B 211 -31.02 6.08 22.29
N ILE B 212 -30.23 5.09 22.71
CA ILE B 212 -30.72 3.70 22.97
C ILE B 212 -31.63 3.72 24.19
N ALA B 213 -31.20 4.33 25.30
CA ALA B 213 -31.97 4.46 26.56
C ALA B 213 -33.37 5.01 26.25
N SER B 214 -33.45 5.90 25.25
CA SER B 214 -34.60 6.76 24.91
C SER B 214 -35.44 6.05 23.84
N GLY B 215 -34.98 4.89 23.38
CA GLY B 215 -35.74 3.97 22.51
C GLY B 215 -35.61 4.32 21.03
N ASP B 216 -34.64 5.17 20.67
CA ASP B 216 -34.44 5.65 19.27
C ASP B 216 -33.90 4.51 18.41
N VAL B 217 -32.97 3.72 18.97
CA VAL B 217 -32.22 2.67 18.23
C VAL B 217 -31.82 1.57 19.21
N PHE B 218 -31.49 0.38 18.67
CA PHE B 218 -31.01 -0.80 19.44
C PHE B 218 -29.48 -0.87 19.36
N GLN B 219 -28.91 -0.57 18.20
CA GLN B 219 -27.45 -0.74 17.96
C GLN B 219 -27.00 0.20 16.84
N VAL B 220 -25.84 0.82 17.03
CA VAL B 220 -25.18 1.71 16.03
C VAL B 220 -23.73 1.24 15.84
N ASN B 221 -23.34 1.01 14.59
CA ASN B 221 -21.92 0.85 14.18
C ASN B 221 -21.26 2.26 14.15
N LEU B 222 -20.40 2.54 15.11
CA LEU B 222 -19.56 3.77 15.15
C LEU B 222 -18.15 3.41 14.67
N SER B 223 -17.60 4.18 13.71
CA SER B 223 -16.35 3.84 12.99
C SER B 223 -15.30 4.95 13.13
N ILE B 224 -14.05 4.55 12.94
CA ILE B 224 -12.83 5.39 13.00
C ILE B 224 -12.01 5.16 11.73
N ARG B 225 -11.58 6.24 11.09
CA ARG B 225 -10.78 6.22 9.84
C ARG B 225 -9.34 6.54 10.18
N GLN B 226 -8.45 5.57 10.02
CA GLN B 226 -6.99 5.74 10.15
C GLN B 226 -6.42 5.92 8.76
N SER B 227 -5.23 6.50 8.67
CA SER B 227 -4.50 6.70 7.40
C SER B 227 -2.99 6.59 7.63
N GLN B 228 -2.27 6.06 6.65
CA GLN B 228 -0.79 6.02 6.62
C GLN B 228 -0.37 6.44 5.21
N SER B 229 0.87 6.90 5.05
CA SER B 229 1.52 7.11 3.75
C SER B 229 1.56 5.76 3.02
N LEU B 230 1.09 5.74 1.78
CA LEU B 230 1.22 4.59 0.86
C LEU B 230 2.65 4.61 0.34
N SER B 231 3.46 3.61 0.69
CA SER B 231 4.90 3.53 0.30
C SER B 231 5.11 2.47 -0.78
N VAL B 232 4.10 1.65 -1.09
CA VAL B 232 4.20 0.54 -2.09
C VAL B 232 2.96 0.60 -2.99
N HIS B 233 3.06 0.01 -4.19
CA HIS B 233 1.96 -0.09 -5.18
C HIS B 233 0.76 -0.77 -4.51
N PRO B 234 -0.45 -0.19 -4.63
CA PRO B 234 -1.65 -0.78 -4.03
C PRO B 234 -1.86 -2.27 -4.32
N TYR B 235 -1.57 -2.74 -5.54
CA TYR B 235 -1.79 -4.14 -5.92
C TYR B 235 -0.95 -5.05 -5.01
N GLN B 236 0.25 -4.60 -4.59
CA GLN B 236 1.13 -5.35 -3.66
C GLN B 236 0.38 -5.53 -2.33
N ILE B 237 -0.32 -4.49 -1.88
CA ILE B 237 -1.10 -4.55 -0.61
C ILE B 237 -2.23 -5.57 -0.79
N TYR B 238 -2.91 -5.54 -1.95
CA TYR B 238 -3.96 -6.52 -2.29
C TYR B 238 -3.42 -7.96 -2.16
N LYS B 239 -2.26 -8.22 -2.76
CA LYS B 239 -1.66 -9.58 -2.81
C LYS B 239 -1.32 -10.03 -1.38
N THR B 240 -0.81 -9.12 -0.55
CA THR B 240 -0.55 -9.38 0.88
C THR B 240 -1.87 -9.69 1.58
N LEU B 241 -2.91 -8.86 1.38
CA LEU B 241 -4.19 -9.06 2.11
C LEU B 241 -4.76 -10.45 1.75
N ARG B 242 -4.67 -10.82 0.48
CA ARG B 242 -5.11 -12.14 -0.04
C ARG B 242 -4.41 -13.29 0.69
N GLU B 243 -3.16 -13.10 1.15
CA GLU B 243 -2.39 -14.14 1.88
C GLU B 243 -2.76 -14.12 3.37
N VAL B 244 -2.77 -12.95 4.00
CA VAL B 244 -3.08 -12.75 5.45
C VAL B 244 -4.54 -13.15 5.74
N ASN B 245 -5.49 -12.87 4.85
CA ASN B 245 -6.93 -13.04 5.14
C ASN B 245 -7.73 -13.22 3.85
N PRO B 246 -7.60 -14.34 3.12
CA PRO B 246 -8.37 -14.52 1.89
C PRO B 246 -9.87 -14.62 2.23
N SER B 247 -10.72 -14.04 1.39
CA SER B 247 -12.15 -13.87 1.64
C SER B 247 -12.91 -14.11 0.35
N PRO B 248 -14.19 -14.48 0.48
CA PRO B 248 -15.03 -14.75 -0.69
C PRO B 248 -15.42 -13.53 -1.54
N TYR B 249 -15.34 -12.32 -1.01
CA TYR B 249 -15.80 -11.11 -1.75
C TYR B 249 -14.67 -10.08 -1.85
N MET B 250 -13.47 -10.54 -2.18
CA MET B 250 -12.31 -9.64 -2.33
C MET B 250 -12.45 -8.88 -3.65
N ALA B 251 -11.86 -7.70 -3.71
CA ALA B 251 -11.84 -6.93 -4.97
C ALA B 251 -10.61 -6.05 -4.98
N TYR B 252 -10.05 -5.90 -6.17
CA TYR B 252 -9.07 -4.84 -6.46
C TYR B 252 -9.64 -4.01 -7.58
N LEU B 253 -9.77 -2.71 -7.37
CA LEU B 253 -10.17 -1.78 -8.45
C LEU B 253 -9.10 -0.69 -8.57
N GLU B 254 -8.64 -0.46 -9.79
CA GLU B 254 -7.64 0.57 -10.06
C GLU B 254 -8.20 1.63 -11.01
N THR B 255 -7.99 2.89 -10.64
CA THR B 255 -8.12 4.07 -11.53
C THR B 255 -6.90 4.94 -11.27
N PRO B 256 -6.62 5.95 -12.11
CA PRO B 256 -5.49 6.84 -11.85
C PRO B 256 -5.65 7.62 -10.51
N ASP B 257 -6.87 7.89 -10.06
CA ASP B 257 -7.08 8.81 -8.90
C ASP B 257 -7.17 8.06 -7.59
N PHE B 258 -7.62 6.81 -7.61
CA PHE B 258 -7.84 6.02 -6.38
C PHE B 258 -7.78 4.54 -6.73
N GLN B 259 -7.33 3.74 -5.77
CA GLN B 259 -7.32 2.27 -5.87
C GLN B 259 -8.00 1.72 -4.63
N ILE B 260 -8.68 0.60 -4.79
CA ILE B 260 -9.45 -0.06 -3.71
C ILE B 260 -8.89 -1.45 -3.51
N ILE B 261 -8.57 -1.75 -2.27
CA ILE B 261 -8.05 -3.07 -1.82
C ILE B 261 -9.08 -3.59 -0.82
N CYS B 262 -9.94 -4.50 -1.27
CA CYS B 262 -11.13 -4.93 -0.50
C CYS B 262 -10.96 -6.40 -0.10
N GLY B 263 -11.01 -6.66 1.20
CA GLY B 263 -10.97 -8.04 1.70
C GLY B 263 -12.29 -8.47 2.30
N SER B 264 -13.42 -8.03 1.75
CA SER B 264 -14.72 -8.30 2.38
C SER B 264 -15.04 -9.81 2.38
N PRO B 265 -15.58 -10.34 3.48
CA PRO B 265 -16.22 -11.67 3.47
C PRO B 265 -17.75 -11.67 3.32
N GLU B 266 -18.36 -10.51 3.16
CA GLU B 266 -19.83 -10.37 3.38
C GLU B 266 -20.58 -9.93 2.12
N LEU B 267 -21.63 -10.67 1.78
CA LEU B 267 -22.63 -10.36 0.73
C LEU B 267 -23.69 -9.40 1.30
N LEU B 268 -23.93 -8.29 0.59
CA LEU B 268 -25.10 -7.42 0.80
C LEU B 268 -26.31 -8.07 0.11
N VAL B 269 -26.27 -8.25 -1.20
CA VAL B 269 -27.44 -8.78 -1.92
C VAL B 269 -26.98 -9.41 -3.24
N SER B 270 -27.67 -10.46 -3.65
CA SER B 270 -27.59 -11.00 -5.02
C SER B 270 -29.02 -11.15 -5.57
N LYS B 271 -29.10 -11.13 -6.89
CA LYS B 271 -30.28 -11.44 -7.68
C LYS B 271 -29.88 -12.39 -8.81
N LYS B 272 -30.45 -13.60 -8.81
CA LYS B 272 -30.39 -14.55 -9.93
C LYS B 272 -31.83 -14.81 -10.38
N GLY B 273 -32.20 -14.31 -11.56
CA GLY B 273 -33.61 -14.29 -11.99
C GLY B 273 -34.43 -13.48 -11.02
N LYS B 274 -35.43 -14.07 -10.39
CA LYS B 274 -36.29 -13.39 -9.38
C LYS B 274 -35.78 -13.66 -7.98
N LEU B 275 -34.81 -14.53 -7.81
CA LEU B 275 -34.36 -14.91 -6.45
C LEU B 275 -33.42 -13.84 -5.89
N LEU B 276 -33.81 -13.24 -4.77
CA LEU B 276 -33.02 -12.26 -4.01
C LEU B 276 -32.47 -12.97 -2.78
N GLU B 277 -31.22 -12.69 -2.44
CA GLU B 277 -30.59 -13.27 -1.24
C GLU B 277 -29.76 -12.19 -0.60
N THR B 278 -29.71 -12.27 0.70
CA THR B 278 -28.73 -11.54 1.54
C THR B 278 -28.24 -12.55 2.58
N ARG B 279 -27.04 -12.31 3.09
CA ARG B 279 -26.33 -13.29 3.92
C ARG B 279 -25.76 -12.56 5.13
N PRO B 280 -26.65 -12.05 6.02
CA PRO B 280 -26.23 -11.35 7.22
C PRO B 280 -25.23 -12.19 8.04
N ILE B 281 -24.12 -11.56 8.33
CA ILE B 281 -23.09 -12.07 9.26
C ILE B 281 -23.24 -11.23 10.52
N ALA B 282 -23.33 -11.86 11.68
CA ALA B 282 -23.28 -11.17 12.97
C ALA B 282 -22.99 -12.18 14.06
N GLY B 283 -21.94 -11.93 14.83
CA GLY B 283 -21.39 -12.83 15.86
C GLY B 283 -20.14 -13.49 15.34
N THR B 284 -19.08 -13.49 16.15
CA THR B 284 -17.70 -13.79 15.72
C THR B 284 -16.90 -14.45 16.85
N ARG B 285 -16.07 -15.42 16.48
CA ARG B 285 -15.03 -16.00 17.37
C ARG B 285 -13.82 -16.30 16.51
N SER B 286 -12.65 -16.25 17.11
CA SER B 286 -11.39 -16.60 16.42
C SER B 286 -11.38 -18.11 16.21
N ARG B 287 -10.88 -18.59 15.07
CA ARG B 287 -10.72 -20.02 14.81
C ARG B 287 -9.74 -20.55 15.85
N GLY B 288 -9.80 -21.85 16.12
CA GLY B 288 -8.95 -22.50 17.13
C GLY B 288 -7.62 -22.86 16.52
N LYS B 289 -6.75 -23.46 17.34
CA LYS B 289 -5.49 -24.10 16.89
C LYS B 289 -5.85 -25.39 16.15
N THR B 290 -6.78 -26.18 16.70
CA THR B 290 -7.17 -27.50 16.15
C THR B 290 -8.59 -27.44 15.56
N ASP B 291 -8.98 -28.49 14.84
CA ASP B 291 -10.35 -28.76 14.34
C ASP B 291 -11.29 -28.97 15.54
N GLU B 292 -10.76 -29.39 16.70
CA GLU B 292 -11.58 -29.72 17.90
C GLU B 292 -11.99 -28.42 18.61
N GLU B 293 -11.02 -27.57 18.91
CA GLU B 293 -11.21 -26.24 19.54
C GLU B 293 -12.31 -25.49 18.78
N ASP B 294 -12.31 -25.62 17.46
CA ASP B 294 -13.28 -25.01 16.50
C ASP B 294 -14.71 -25.47 16.86
N GLU B 295 -14.96 -26.76 17.11
CA GLU B 295 -16.27 -27.30 17.53
C GLU B 295 -16.71 -26.63 18.83
N SER B 296 -15.81 -26.52 19.81
CA SER B 296 -16.11 -25.92 21.12
C SER B 296 -16.38 -24.42 20.97
N LEU B 297 -15.57 -23.73 20.16
CA LEU B 297 -15.73 -22.28 19.89
C LEU B 297 -17.04 -22.03 19.14
N ALA B 298 -17.37 -22.86 18.15
CA ALA B 298 -18.64 -22.80 17.40
C ALA B 298 -19.77 -23.02 18.39
N ASN B 299 -19.60 -23.97 19.31
CA ASN B 299 -20.63 -24.36 20.29
C ASN B 299 -20.85 -23.18 21.24
N GLU B 300 -19.76 -22.50 21.61
CA GLU B 300 -19.83 -21.37 22.55
C GLU B 300 -20.55 -20.21 21.85
N LEU B 301 -20.15 -19.93 20.61
CA LEU B 301 -20.71 -18.82 19.80
C LEU B 301 -22.23 -18.98 19.67
N ILE B 302 -22.70 -20.19 19.37
CA ILE B 302 -24.12 -20.41 18.97
C ILE B 302 -25.00 -20.41 20.22
N HIS B 303 -24.46 -20.72 21.42
CA HIS B 303 -25.23 -20.73 22.68
C HIS B 303 -25.10 -19.39 23.42
N ASN B 304 -24.37 -18.43 22.86
CA ASN B 304 -24.10 -17.11 23.49
C ASN B 304 -25.29 -16.17 23.22
N GLU B 305 -26.05 -15.83 24.26
CA GLU B 305 -27.42 -15.27 24.16
C GLU B 305 -27.39 -13.84 23.57
N LYS B 306 -26.32 -13.08 23.83
CA LYS B 306 -26.21 -11.68 23.34
C LYS B 306 -25.78 -11.68 21.88
N GLU B 307 -24.95 -12.63 21.42
CA GLU B 307 -24.60 -12.74 19.97
C GLU B 307 -25.83 -13.23 19.21
N ARG B 308 -26.62 -14.13 19.80
CA ARG B 308 -27.86 -14.63 19.16
C ARG B 308 -28.85 -13.48 19.01
N ALA B 309 -29.02 -12.68 20.07
CA ALA B 309 -29.97 -11.53 20.10
C ALA B 309 -29.56 -10.53 19.02
N GLU B 310 -28.28 -10.15 18.96
CA GLU B 310 -27.71 -9.30 17.89
C GLU B 310 -28.06 -9.92 16.52
N HIS B 311 -27.90 -11.24 16.37
CA HIS B 311 -28.02 -11.92 15.06
C HIS B 311 -29.47 -11.91 14.61
N VAL B 312 -30.38 -12.26 15.50
CA VAL B 312 -31.84 -12.31 15.23
C VAL B 312 -32.31 -10.91 14.85
N MET B 313 -31.87 -9.89 15.58
CA MET B 313 -32.23 -8.49 15.27
C MET B 313 -31.81 -8.18 13.83
N LEU B 314 -30.56 -8.49 13.45
CA LEU B 314 -30.10 -8.24 12.06
C LEU B 314 -30.88 -9.08 11.07
N VAL B 315 -31.22 -10.34 11.37
CA VAL B 315 -32.01 -11.16 10.41
C VAL B 315 -33.40 -10.53 10.24
N ASP B 316 -34.04 -10.10 11.32
CA ASP B 316 -35.36 -9.41 11.21
C ASP B 316 -35.21 -8.21 10.28
N LEU B 317 -34.18 -7.39 10.49
CA LEU B 317 -33.92 -6.16 9.69
C LEU B 317 -33.80 -6.53 8.22
N GLU B 318 -33.05 -7.60 7.89
CA GLU B 318 -32.83 -8.01 6.48
C GLU B 318 -34.12 -8.56 5.90
N ARG B 319 -34.87 -9.35 6.64
CA ARG B 319 -36.23 -9.81 6.22
C ARG B 319 -37.09 -8.60 5.82
N ASN B 320 -37.15 -7.57 6.64
CA ASN B 320 -37.92 -6.32 6.37
C ASN B 320 -37.32 -5.61 5.14
N ASP B 321 -36.00 -5.56 4.98
CA ASP B 321 -35.37 -4.89 3.81
C ASP B 321 -35.75 -5.64 2.53
N LEU B 322 -35.53 -6.95 2.47
CA LEU B 322 -35.83 -7.77 1.27
C LEU B 322 -37.33 -7.75 1.03
N GLY B 323 -38.12 -7.71 2.12
CA GLY B 323 -39.59 -7.71 2.07
C GLY B 323 -40.11 -6.52 1.30
N ARG B 324 -39.35 -5.42 1.24
CA ARG B 324 -39.80 -4.19 0.54
C ARG B 324 -39.88 -4.43 -0.97
N VAL B 325 -39.13 -5.38 -1.52
CA VAL B 325 -39.15 -5.63 -2.99
C VAL B 325 -39.55 -7.06 -3.32
N SER B 326 -40.00 -7.83 -2.32
CA SER B 326 -40.38 -9.26 -2.52
C SER B 326 -41.91 -9.42 -2.55
N ARG B 327 -42.38 -10.35 -3.38
CA ARG B 327 -43.77 -10.86 -3.36
C ARG B 327 -44.16 -11.16 -1.91
N TYR B 328 -45.35 -10.73 -1.49
CA TYR B 328 -45.91 -11.00 -0.14
C TYR B 328 -45.72 -12.49 0.16
N GLY B 329 -45.27 -12.82 1.38
CA GLY B 329 -45.11 -14.22 1.85
C GLY B 329 -43.96 -14.99 1.20
N SER B 330 -43.08 -14.34 0.42
CA SER B 330 -42.01 -15.05 -0.35
C SER B 330 -40.68 -15.01 0.41
N VAL B 331 -40.57 -14.17 1.44
CA VAL B 331 -39.33 -13.94 2.21
C VAL B 331 -39.16 -15.11 3.16
N ARG B 332 -38.07 -15.88 3.02
CA ARG B 332 -37.80 -17.06 3.89
C ARG B 332 -36.35 -16.99 4.35
N VAL B 333 -36.10 -17.46 5.56
CA VAL B 333 -34.74 -17.72 6.09
C VAL B 333 -34.45 -19.19 5.81
N ASN B 334 -33.75 -19.51 4.71
CA ASN B 334 -33.52 -20.92 4.26
C ASN B 334 -32.35 -21.49 5.05
N GLU B 335 -31.49 -20.65 5.60
CA GLU B 335 -30.42 -21.09 6.56
C GLU B 335 -30.44 -20.10 7.72
N PHE B 336 -30.85 -20.53 8.90
CA PHE B 336 -30.98 -19.68 10.10
C PHE B 336 -29.86 -20.03 11.06
N MET B 337 -28.97 -19.07 11.32
CA MET B 337 -27.97 -19.15 12.42
C MET B 337 -27.07 -20.39 12.26
N ALA B 338 -26.51 -20.62 11.08
CA ALA B 338 -25.38 -21.56 10.88
C ALA B 338 -24.09 -20.92 11.40
N ILE B 339 -23.14 -21.72 11.88
CA ILE B 339 -21.74 -21.27 12.08
C ILE B 339 -20.97 -21.58 10.80
N GLU B 340 -20.30 -20.57 10.24
CA GLU B 340 -19.44 -20.74 9.04
C GLU B 340 -18.00 -20.38 9.41
N LYS B 341 -17.03 -21.19 9.02
CA LYS B 341 -15.61 -20.90 9.28
C LYS B 341 -15.05 -20.11 8.09
N TYR B 342 -14.55 -18.90 8.37
CA TYR B 342 -13.81 -18.03 7.42
C TYR B 342 -12.33 -18.27 7.71
N SER B 343 -11.45 -17.45 7.11
CA SER B 343 -9.99 -17.70 7.05
C SER B 343 -9.42 -17.83 8.47
N HIS B 344 -9.81 -16.91 9.36
CA HIS B 344 -9.22 -16.83 10.72
C HIS B 344 -10.28 -16.64 11.80
N VAL B 345 -11.54 -16.52 11.40
CA VAL B 345 -12.67 -16.34 12.34
C VAL B 345 -13.81 -17.31 11.96
N MET B 346 -14.76 -17.50 12.87
CA MET B 346 -16.08 -18.08 12.53
C MET B 346 -17.17 -17.07 12.85
N HIS B 347 -18.26 -17.13 12.09
CA HIS B 347 -19.41 -16.23 12.22
C HIS B 347 -20.68 -17.04 12.41
N ILE B 348 -21.66 -16.44 13.09
CA ILE B 348 -23.09 -16.81 12.92
C ILE B 348 -23.57 -16.18 11.61
N VAL B 349 -24.14 -17.00 10.73
CA VAL B 349 -24.56 -16.55 9.39
C VAL B 349 -25.96 -17.09 9.12
N SER B 350 -26.79 -16.28 8.52
CA SER B 350 -28.14 -16.65 8.06
C SER B 350 -28.23 -16.27 6.58
N ASN B 351 -29.08 -17.00 5.88
CA ASN B 351 -29.39 -16.75 4.46
C ASN B 351 -30.87 -16.40 4.38
N VAL B 352 -31.14 -15.20 3.92
CA VAL B 352 -32.51 -14.66 3.74
C VAL B 352 -32.77 -14.56 2.25
N GLN B 353 -33.88 -15.14 1.80
CA GLN B 353 -34.29 -15.16 0.39
C GLN B 353 -35.66 -14.50 0.26
N GLY B 354 -35.92 -13.99 -0.94
CA GLY B 354 -37.25 -13.47 -1.33
C GLY B 354 -37.37 -13.60 -2.82
N GLU B 355 -38.60 -13.55 -3.32
CA GLU B 355 -38.87 -13.51 -4.77
C GLU B 355 -39.20 -12.06 -5.14
N LEU B 356 -38.43 -11.47 -6.07
CA LEU B 356 -38.62 -10.09 -6.55
C LEU B 356 -40.07 -9.93 -7.04
N GLN B 357 -40.79 -8.95 -6.51
CA GLN B 357 -42.16 -8.54 -6.97
C GLN B 357 -42.01 -7.83 -8.31
N ASP B 358 -42.77 -8.25 -9.32
CA ASP B 358 -42.84 -7.60 -10.65
C ASP B 358 -43.04 -6.09 -10.48
N GLY B 359 -42.28 -5.28 -11.22
CA GLY B 359 -42.36 -3.82 -11.23
C GLY B 359 -41.22 -3.16 -10.50
N TYR B 360 -40.46 -3.91 -9.70
CA TYR B 360 -39.26 -3.40 -9.00
C TYR B 360 -38.04 -3.69 -9.86
N ASP B 361 -37.07 -2.76 -9.88
CA ASP B 361 -35.82 -2.92 -10.69
C ASP B 361 -34.59 -2.78 -9.78
N ALA B 362 -33.41 -2.78 -10.38
CA ALA B 362 -32.11 -2.76 -9.69
C ALA B 362 -32.07 -1.58 -8.71
N VAL B 363 -32.63 -0.42 -9.10
CA VAL B 363 -32.59 0.80 -8.23
C VAL B 363 -33.43 0.53 -6.99
N ASP B 364 -34.63 -0.01 -7.19
CA ASP B 364 -35.56 -0.37 -6.08
C ASP B 364 -34.86 -1.36 -5.13
N ILE B 365 -34.20 -2.40 -5.66
CA ILE B 365 -33.46 -3.39 -4.80
C ILE B 365 -32.41 -2.66 -3.98
N ILE B 366 -31.61 -1.80 -4.60
CA ILE B 366 -30.56 -1.08 -3.82
C ILE B 366 -31.23 -0.16 -2.79
N HIS B 367 -32.29 0.56 -3.14
CA HIS B 367 -33.00 1.48 -2.20
C HIS B 367 -33.51 0.68 -0.99
N ALA B 368 -33.95 -0.56 -1.21
CA ALA B 368 -34.48 -1.46 -0.16
C ALA B 368 -33.36 -1.93 0.77
N VAL B 369 -32.19 -2.30 0.26
CA VAL B 369 -31.21 -3.09 1.08
C VAL B 369 -29.96 -2.30 1.44
N PHE B 370 -29.73 -1.14 0.83
CA PHE B 370 -28.45 -0.39 0.95
C PHE B 370 -28.64 0.86 1.78
N PRO B 371 -27.71 1.20 2.68
CA PRO B 371 -26.58 0.36 3.01
C PRO B 371 -27.03 -0.83 3.87
N GLY B 372 -26.17 -1.83 4.02
CA GLY B 372 -26.50 -3.04 4.80
C GLY B 372 -26.90 -2.70 6.23
N GLY B 373 -27.94 -3.36 6.72
CA GLY B 373 -28.29 -3.38 8.14
C GLY B 373 -27.12 -3.73 9.04
N THR B 374 -26.21 -4.61 8.58
CA THR B 374 -25.11 -5.15 9.42
C THR B 374 -24.11 -4.07 9.83
N ILE B 375 -23.96 -3.02 9.04
CA ILE B 375 -22.89 -2.00 9.22
C ILE B 375 -23.49 -0.62 9.53
N THR B 376 -24.83 -0.54 9.67
CA THR B 376 -25.51 0.64 10.26
C THR B 376 -26.04 0.26 11.65
N GLY B 377 -27.23 -0.31 11.70
CA GLY B 377 -27.93 -0.67 12.95
C GLY B 377 -29.44 -0.74 12.74
N ALA B 378 -30.18 -0.90 13.83
CA ALA B 378 -31.64 -1.11 13.81
C ALA B 378 -32.28 -0.09 14.74
N PRO B 379 -33.33 0.64 14.31
CA PRO B 379 -33.75 0.70 12.91
C PRO B 379 -32.78 1.49 12.01
N LYS B 380 -32.76 1.21 10.71
CA LYS B 380 -31.64 1.63 9.83
C LYS B 380 -31.66 3.16 9.66
N VAL B 381 -32.81 3.74 9.33
CA VAL B 381 -32.93 5.15 8.92
C VAL B 381 -32.50 6.02 10.09
N ARG B 382 -33.02 5.77 11.28
CA ARG B 382 -32.66 6.57 12.48
C ARG B 382 -31.17 6.38 12.78
N THR B 383 -30.67 5.16 12.72
CA THR B 383 -29.25 4.81 12.96
C THR B 383 -28.35 5.65 12.02
N MET B 384 -28.69 5.76 10.74
CA MET B 384 -27.87 6.54 9.76
C MET B 384 -27.88 8.03 10.14
N GLU B 385 -28.98 8.54 10.70
CA GLU B 385 -29.07 9.95 11.14
C GLU B 385 -28.07 10.15 12.27
N ILE B 386 -28.01 9.19 13.20
CA ILE B 386 -27.13 9.28 14.40
C ILE B 386 -25.66 9.18 13.96
N ILE B 387 -25.33 8.25 13.06
CA ILE B 387 -23.95 8.13 12.50
C ILE B 387 -23.52 9.50 11.89
N GLU B 388 -24.39 10.11 11.07
CA GLU B 388 -24.09 11.37 10.34
C GLU B 388 -23.86 12.52 11.32
N GLU B 389 -24.57 12.52 12.45
CA GLU B 389 -24.46 13.56 13.52
C GLU B 389 -23.11 13.40 14.24
N LEU B 390 -22.58 12.18 14.35
CA LEU B 390 -21.46 11.87 15.28
C LEU B 390 -20.11 11.73 14.55
N GLU B 391 -20.05 11.07 13.40
CA GLU B 391 -18.78 10.73 12.72
C GLU B 391 -18.23 11.99 12.08
N PRO B 392 -16.92 12.29 12.22
CA PRO B 392 -16.39 13.56 11.73
C PRO B 392 -16.29 13.60 10.20
N THR B 393 -16.06 12.44 9.57
CA THR B 393 -15.83 12.38 8.10
C THR B 393 -16.87 11.47 7.46
N ARG B 394 -17.17 11.75 6.20
CA ARG B 394 -18.00 10.90 5.32
C ARG B 394 -17.38 9.50 5.32
N ARG B 395 -18.19 8.46 5.38
CA ARG B 395 -17.70 7.07 5.26
C ARG B 395 -17.09 6.83 3.86
N GLY B 396 -17.65 7.47 2.83
CA GLY B 396 -17.26 7.20 1.43
C GLY B 396 -17.37 5.72 1.15
N LEU B 397 -16.27 5.06 0.77
CA LEU B 397 -16.34 3.64 0.34
C LEU B 397 -16.65 2.71 1.54
N TYR B 398 -16.13 3.07 2.70
CA TYR B 398 -16.27 2.26 3.92
C TYR B 398 -17.75 2.07 4.19
N THR B 399 -18.16 0.80 4.27
CA THR B 399 -19.52 0.36 4.63
C THR B 399 -20.47 0.55 3.43
N GLY B 400 -19.89 0.67 2.25
CA GLY B 400 -20.62 0.75 0.98
C GLY B 400 -20.61 -0.63 0.36
N SER B 401 -20.70 -0.71 -0.96
CA SER B 401 -20.83 -2.03 -1.63
C SER B 401 -20.04 -2.02 -2.94
N ILE B 402 -19.24 -3.06 -3.16
CA ILE B 402 -18.55 -3.31 -4.45
C ILE B 402 -19.31 -4.44 -5.11
N GLY B 403 -19.49 -4.38 -6.41
CA GLY B 403 -20.05 -5.52 -7.12
C GLY B 403 -20.40 -5.18 -8.53
N TRP B 404 -21.39 -5.89 -9.06
CA TRP B 404 -21.78 -5.77 -10.47
C TRP B 404 -23.30 -5.74 -10.67
N PHE B 405 -23.68 -5.04 -11.73
CA PHE B 405 -24.98 -5.08 -12.40
C PHE B 405 -24.80 -5.75 -13.74
N GLY B 406 -25.54 -6.84 -13.97
CA GLY B 406 -25.52 -7.57 -15.25
C GLY B 406 -26.40 -6.89 -16.30
N TYR B 407 -26.00 -6.94 -17.57
CA TYR B 407 -26.88 -6.52 -18.69
C TYR B 407 -28.18 -7.35 -18.65
N ASN B 408 -28.11 -8.58 -18.11
CA ASN B 408 -29.26 -9.50 -18.02
C ASN B 408 -30.10 -9.22 -16.74
N HIS B 409 -29.81 -8.14 -16.01
CA HIS B 409 -30.54 -7.65 -14.81
C HIS B 409 -30.20 -8.47 -13.56
N ASP B 410 -29.20 -9.35 -13.58
CA ASP B 410 -28.71 -9.99 -12.34
C ASP B 410 -27.79 -9.00 -11.65
N LEU B 411 -27.50 -9.19 -10.37
CA LEU B 411 -26.57 -8.31 -9.65
C LEU B 411 -26.02 -9.05 -8.44
N GLN B 412 -24.95 -8.51 -7.88
CA GLN B 412 -24.23 -9.11 -6.74
C GLN B 412 -23.33 -8.04 -6.15
N PHE B 413 -23.53 -7.76 -4.87
CA PHE B 413 -22.79 -6.72 -4.16
C PHE B 413 -22.38 -7.25 -2.82
N ASN B 414 -21.17 -6.87 -2.43
CA ASN B 414 -20.59 -7.15 -1.11
C ASN B 414 -20.91 -5.99 -0.19
N ILE B 415 -20.46 -6.08 1.03
CA ILE B 415 -20.34 -4.94 1.95
C ILE B 415 -18.85 -4.63 2.07
N VAL B 416 -18.49 -3.35 1.92
CA VAL B 416 -17.07 -2.92 2.03
C VAL B 416 -16.71 -2.82 3.51
N ILE B 417 -16.04 -3.84 4.02
CA ILE B 417 -15.28 -3.82 5.29
C ILE B 417 -13.91 -4.44 4.98
N ARG B 418 -12.95 -4.37 5.90
CA ARG B 418 -11.61 -4.95 5.69
C ARG B 418 -11.07 -4.40 4.39
N THR B 419 -11.17 -3.07 4.22
CA THR B 419 -10.89 -2.42 2.92
C THR B 419 -9.97 -1.22 3.09
N ILE B 420 -8.97 -1.13 2.23
CA ILE B 420 -8.07 0.04 2.12
C ILE B 420 -8.48 0.82 0.86
N TYR B 421 -8.61 2.13 1.02
CA TYR B 421 -8.90 3.08 -0.08
C TYR B 421 -7.64 3.94 -0.23
N ALA B 422 -6.95 3.85 -1.39
CA ALA B 422 -5.71 4.59 -1.67
C ALA B 422 -6.03 5.80 -2.56
N THR B 423 -5.68 6.99 -2.09
CA THR B 423 -5.79 8.26 -2.86
C THR B 423 -4.91 9.32 -2.20
N GLY B 424 -4.41 10.27 -3.00
CA GLY B 424 -3.60 11.40 -2.55
C GLY B 424 -2.34 10.97 -1.81
N GLY B 425 -1.77 9.81 -2.16
CA GLY B 425 -0.54 9.29 -1.52
C GLY B 425 -0.79 8.62 -0.18
N GLN B 426 -2.05 8.43 0.22
CA GLN B 426 -2.40 7.87 1.56
C GLN B 426 -3.16 6.56 1.36
N ALA B 427 -3.03 5.65 2.33
CA ALA B 427 -3.93 4.47 2.45
C ALA B 427 -4.89 4.74 3.60
N PHE B 428 -6.21 4.69 3.32
CA PHE B 428 -7.29 4.92 4.32
C PHE B 428 -7.89 3.59 4.72
N MET B 429 -7.99 3.36 6.01
CA MET B 429 -8.54 2.11 6.62
C MET B 429 -9.55 2.51 7.65
N GLN B 430 -10.79 2.06 7.47
CA GLN B 430 -11.88 2.37 8.40
C GLN B 430 -12.46 1.08 8.97
N SER B 431 -12.76 1.11 10.27
CA SER B 431 -13.38 -0.01 11.00
C SER B 431 -14.20 0.56 12.17
N GLY B 432 -15.24 -0.17 12.58
CA GLY B 432 -16.15 0.30 13.65
C GLY B 432 -16.47 -0.76 14.66
N ALA B 433 -17.35 -0.42 15.59
CA ALA B 433 -17.82 -1.28 16.70
C ALA B 433 -19.33 -1.10 16.82
N GLY B 434 -20.04 -2.19 17.10
CA GLY B 434 -21.49 -2.14 17.40
C GLY B 434 -21.73 -1.65 18.81
N VAL B 435 -22.09 -0.37 18.95
CA VAL B 435 -22.42 0.26 20.26
C VAL B 435 -23.83 -0.17 20.67
N VAL B 436 -23.98 -0.62 21.92
CA VAL B 436 -25.27 -1.08 22.53
C VAL B 436 -25.42 -0.39 23.88
N ILE B 437 -26.53 -0.67 24.57
CA ILE B 437 -26.93 0.02 25.83
C ILE B 437 -25.76 0.03 26.83
N ASP B 438 -25.05 -1.09 26.98
CA ASP B 438 -24.05 -1.28 28.09
C ASP B 438 -22.62 -1.24 27.54
N SER B 439 -22.41 -0.70 26.36
CA SER B 439 -21.05 -0.52 25.77
C SER B 439 -20.18 0.35 26.68
N VAL B 440 -18.94 -0.07 26.89
CA VAL B 440 -17.86 0.75 27.52
C VAL B 440 -17.18 1.52 26.41
N PRO B 441 -17.15 2.87 26.46
CA PRO B 441 -16.50 3.68 25.42
C PRO B 441 -15.10 3.15 25.05
N LYS B 442 -14.24 2.87 26.04
CA LYS B 442 -12.84 2.40 25.84
C LYS B 442 -12.83 1.07 25.07
N HIS B 443 -13.76 0.15 25.38
CA HIS B 443 -13.86 -1.19 24.74
C HIS B 443 -14.14 -1.02 23.25
N GLU B 444 -15.10 -0.16 22.91
CA GLU B 444 -15.57 0.00 21.51
C GLU B 444 -14.49 0.72 20.69
N TYR B 445 -13.75 1.64 21.31
CA TYR B 445 -12.61 2.36 20.67
C TYR B 445 -11.53 1.34 20.27
N ARG B 446 -11.11 0.53 21.24
CA ARG B 446 -10.07 -0.51 21.06
C ARG B 446 -10.57 -1.56 20.05
N GLU B 447 -11.86 -1.90 20.08
CA GLU B 447 -12.47 -2.92 19.19
C GLU B 447 -12.37 -2.44 17.73
N SER B 448 -12.45 -1.13 17.49
CA SER B 448 -12.37 -0.53 16.12
C SER B 448 -10.93 -0.63 15.60
N PHE B 449 -9.93 -0.47 16.47
CA PHE B 449 -8.49 -0.61 16.12
C PHE B 449 -8.18 -2.08 15.82
N LYS B 450 -8.72 -3.01 16.62
CA LYS B 450 -8.52 -4.47 16.44
C LYS B 450 -9.08 -4.86 15.06
N LYS B 451 -10.22 -4.31 14.66
CA LYS B 451 -10.88 -4.70 13.38
C LYS B 451 -9.99 -4.25 12.21
N ALA B 452 -9.13 -3.25 12.44
CA ALA B 452 -8.18 -2.72 11.43
C ALA B 452 -6.90 -3.57 11.33
N PHE B 453 -6.71 -4.65 12.13
CA PHE B 453 -5.48 -5.51 12.21
C PHE B 453 -5.08 -5.99 10.80
N ALA B 454 -5.91 -6.83 10.17
CA ALA B 454 -5.61 -7.45 8.85
C ALA B 454 -5.03 -6.38 7.91
N MET B 455 -5.59 -5.16 7.91
CA MET B 455 -5.27 -4.10 6.92
C MET B 455 -3.94 -3.40 7.29
N GLN B 456 -3.71 -3.01 8.53
CA GLN B 456 -2.44 -2.32 8.92
C GLN B 456 -1.29 -3.33 8.80
N LYS B 457 -1.59 -4.61 9.04
CA LYS B 457 -0.64 -5.74 8.95
C LYS B 457 -0.22 -5.89 7.49
N ALA B 458 -1.21 -6.02 6.60
CA ALA B 458 -1.02 -6.15 5.14
C ALA B 458 -0.16 -5.00 4.62
N LEU B 459 -0.40 -3.78 5.10
CA LEU B 459 0.37 -2.58 4.69
C LEU B 459 1.84 -2.75 5.09
N GLU B 460 2.08 -3.09 6.36
CA GLU B 460 3.44 -3.19 6.95
C GLU B 460 4.21 -4.30 6.22
N LEU B 461 3.60 -5.47 6.04
CA LEU B 461 4.22 -6.64 5.37
C LEU B 461 4.63 -6.28 3.94
N SER B 462 3.78 -5.54 3.22
CA SER B 462 4.02 -5.13 1.81
C SER B 462 5.33 -4.34 1.65
N GLU B 463 5.80 -3.66 2.70
CA GLU B 463 7.12 -2.97 2.75
C GLU B 463 8.30 -3.88 2.36
N GLU B 464 8.39 -5.10 2.90
CA GLU B 464 9.58 -5.99 2.78
C GLU B 464 9.78 -6.39 1.30
N GLU B 465 8.68 -6.61 0.57
CA GLU B 465 8.65 -7.02 -0.86
C GLU B 465 8.23 -5.83 -1.72
N ARG C 4 26.83 -57.26 32.45
CA ARG C 4 27.30 -57.04 31.05
C ARG C 4 27.75 -55.57 30.87
N ARG C 5 29.02 -55.36 30.56
CA ARG C 5 29.64 -54.01 30.57
C ARG C 5 30.71 -53.93 29.48
N PRO C 6 30.96 -52.72 28.94
CA PRO C 6 32.13 -52.50 28.08
C PRO C 6 33.43 -52.60 28.89
N ALA C 7 34.49 -53.08 28.24
CA ALA C 7 35.89 -52.99 28.72
C ALA C 7 36.69 -52.29 27.62
N GLY C 8 37.44 -51.25 27.98
CA GLY C 8 38.21 -50.41 27.04
C GLY C 8 39.68 -50.35 27.38
N LYS C 9 40.52 -50.27 26.35
CA LYS C 9 41.98 -49.97 26.44
C LYS C 9 42.29 -48.77 25.55
N LYS C 10 42.94 -47.74 26.11
CA LYS C 10 43.35 -46.50 25.41
C LYS C 10 44.84 -46.61 25.06
N VAL C 11 45.18 -46.34 23.80
CA VAL C 11 46.53 -46.53 23.22
C VAL C 11 46.91 -45.26 22.47
N PRO C 12 48.09 -44.65 22.69
CA PRO C 12 48.53 -43.53 21.86
C PRO C 12 48.55 -43.98 20.39
N PHE C 13 48.12 -43.14 19.45
CA PHE C 13 47.99 -43.56 18.03
C PHE C 13 47.82 -42.31 17.16
N GLN C 14 48.29 -42.40 15.91
CA GLN C 14 48.20 -41.29 14.94
C GLN C 14 46.97 -41.51 14.08
N LYS C 15 46.26 -40.43 13.77
CA LYS C 15 45.07 -40.42 12.89
C LYS C 15 45.37 -41.19 11.60
N ASP C 16 46.44 -40.87 10.89
CA ASP C 16 46.72 -41.46 9.55
C ASP C 16 46.99 -42.96 9.67
N SER C 17 47.63 -43.40 10.76
CA SER C 17 47.84 -44.83 11.11
C SER C 17 46.48 -45.51 11.25
N PHE C 18 45.56 -44.89 11.98
CA PHE C 18 44.19 -45.41 12.22
C PHE C 18 43.46 -45.59 10.89
N LEU C 19 43.52 -44.56 10.03
CA LEU C 19 42.81 -44.59 8.73
C LEU C 19 43.45 -45.66 7.81
N LYS C 20 44.77 -45.74 7.76
CA LYS C 20 45.48 -46.77 6.94
C LYS C 20 45.15 -48.17 7.47
N GLN C 21 45.18 -48.36 8.77
CA GLN C 21 44.92 -49.69 9.38
C GLN C 21 43.48 -50.09 9.12
N PHE C 22 42.54 -49.13 9.18
CA PHE C 22 41.13 -49.43 8.90
C PHE C 22 40.99 -49.99 7.50
N GLU C 23 41.58 -49.30 6.54
CA GLU C 23 41.54 -49.72 5.12
C GLU C 23 42.10 -51.16 4.96
N LYS C 24 43.24 -51.45 5.58
CA LYS C 24 43.89 -52.77 5.46
C LYS C 24 42.95 -53.83 6.04
N LEU C 25 42.44 -53.62 7.27
CA LEU C 25 41.63 -54.63 7.99
C LEU C 25 40.28 -54.81 7.32
N SER C 26 39.69 -53.71 6.87
CA SER C 26 38.31 -53.69 6.32
C SER C 26 38.22 -54.46 5.01
N GLN C 27 39.35 -54.70 4.36
CA GLN C 27 39.37 -55.40 3.05
C GLN C 27 38.82 -56.82 3.18
N SER C 28 39.10 -57.49 4.30
CA SER C 28 38.69 -58.90 4.46
C SER C 28 37.31 -59.03 5.07
N ARG C 29 36.59 -57.93 5.27
CA ARG C 29 35.25 -57.95 5.94
C ARG C 29 34.16 -57.62 4.94
N LYS C 30 33.24 -58.56 4.72
CA LYS C 30 32.01 -58.49 3.90
C LYS C 30 31.16 -57.27 4.29
N GLN C 31 31.10 -56.94 5.58
CA GLN C 31 30.24 -55.87 6.13
C GLN C 31 31.07 -55.07 7.10
N HIS C 32 31.23 -53.77 6.87
CA HIS C 32 32.02 -52.91 7.77
C HIS C 32 31.59 -51.46 7.62
N VAL C 33 32.01 -50.65 8.57
CA VAL C 33 31.61 -49.25 8.58
C VAL C 33 32.70 -48.43 9.28
N LEU C 34 32.97 -47.27 8.71
CA LEU C 34 33.76 -46.20 9.34
C LEU C 34 32.87 -44.95 9.40
N LEU C 35 32.73 -44.38 10.60
CA LEU C 35 32.19 -43.01 10.83
C LEU C 35 33.41 -42.13 11.10
N GLU C 36 33.71 -41.23 10.19
CA GLU C 36 34.94 -40.42 10.23
C GLU C 36 34.63 -38.93 10.45
N SER C 37 35.21 -38.35 11.50
CA SER C 37 35.40 -36.89 11.70
C SER C 37 36.61 -36.43 10.89
N ALA C 38 36.40 -36.00 9.64
CA ALA C 38 37.47 -35.62 8.70
C ALA C 38 37.68 -34.10 8.55
N ARG C 39 36.91 -33.29 9.26
CA ARG C 39 37.03 -31.80 9.24
C ARG C 39 36.11 -31.31 10.33
N GLY C 40 36.58 -31.33 11.57
CA GLY C 40 35.69 -31.04 12.71
C GLY C 40 35.21 -32.35 13.29
N GLY C 41 34.73 -32.36 14.53
CA GLY C 41 34.32 -33.63 15.14
C GLY C 41 35.44 -34.12 16.04
N ARG C 42 35.16 -35.02 16.97
CA ARG C 42 36.20 -35.50 17.90
C ARG C 42 36.54 -36.99 17.63
N TYR C 43 35.62 -37.77 17.11
CA TYR C 43 35.70 -39.25 17.13
C TYR C 43 35.59 -39.80 15.70
N SER C 44 36.35 -40.85 15.41
CA SER C 44 36.15 -41.71 14.23
C SER C 44 35.98 -43.14 14.74
N ILE C 45 35.01 -43.84 14.18
CA ILE C 45 34.49 -45.11 14.77
C ILE C 45 34.61 -46.17 13.67
N ALA C 46 35.32 -47.26 13.98
CA ALA C 46 35.51 -48.40 13.07
C ALA C 46 34.75 -49.59 13.64
N GLY C 47 33.87 -50.14 12.83
CA GLY C 47 33.13 -51.38 13.10
C GLY C 47 33.51 -52.38 12.04
N LEU C 48 34.30 -53.40 12.42
CA LEU C 48 34.86 -54.41 11.50
C LEU C 48 34.05 -55.71 11.57
N ASP C 49 33.78 -56.23 12.78
CA ASP C 49 33.23 -57.59 12.97
C ASP C 49 31.90 -57.53 13.72
N PRO C 50 30.78 -57.46 12.99
CA PRO C 50 29.48 -57.35 13.63
C PRO C 50 29.07 -58.64 14.34
N ILE C 51 28.40 -58.55 15.50
CA ILE C 51 27.77 -59.74 16.16
C ILE C 51 26.38 -59.95 15.55
N ALA C 52 25.82 -58.96 14.84
CA ALA C 52 24.45 -59.10 14.28
C ALA C 52 24.21 -58.10 13.15
N THR C 53 23.34 -58.48 12.22
CA THR C 53 22.85 -57.62 11.11
C THR C 53 21.32 -57.49 11.22
N VAL C 54 20.87 -56.25 11.24
CA VAL C 54 19.44 -55.87 11.35
C VAL C 54 19.08 -55.19 10.04
N LYS C 55 18.13 -55.76 9.32
CA LYS C 55 17.67 -55.23 8.01
C LYS C 55 16.14 -55.17 8.02
N GLY C 56 15.58 -53.99 7.81
CA GLY C 56 14.13 -53.79 7.77
C GLY C 56 13.74 -53.19 6.44
N LYS C 57 12.67 -53.73 5.85
CA LYS C 57 12.12 -53.22 4.57
C LYS C 57 10.64 -53.60 4.52
N ASP C 58 9.76 -52.64 4.27
CA ASP C 58 8.32 -52.88 3.98
C ASP C 58 7.70 -53.76 5.08
N GLY C 59 7.90 -53.38 6.34
CA GLY C 59 7.15 -53.98 7.47
C GLY C 59 7.72 -55.31 7.92
N ILE C 60 8.86 -55.73 7.34
CA ILE C 60 9.54 -57.01 7.71
C ILE C 60 10.98 -56.70 8.11
N THR C 61 11.36 -57.05 9.32
CA THR C 61 12.69 -56.83 9.89
C THR C 61 13.32 -58.18 10.20
N THR C 62 14.55 -58.43 9.72
CA THR C 62 15.34 -59.64 9.99
C THR C 62 16.49 -59.27 10.92
N ILE C 63 16.67 -60.04 11.98
CA ILE C 63 17.79 -59.89 12.94
C ILE C 63 18.62 -61.16 12.85
N LYS C 64 19.76 -61.09 12.19
CA LYS C 64 20.67 -62.23 11.97
C LYS C 64 21.78 -62.13 13.01
N HIS C 65 21.87 -63.15 13.88
CA HIS C 65 22.69 -63.20 15.12
C HIS C 65 23.17 -64.65 15.34
N GLY C 66 24.39 -65.00 14.90
CA GLY C 66 24.96 -66.36 15.01
C GLY C 66 24.13 -67.32 14.19
N ASP C 67 23.63 -68.42 14.77
CA ASP C 67 22.76 -69.40 14.06
C ASP C 67 21.31 -68.90 13.93
N GLU C 68 20.95 -67.80 14.56
CA GLU C 68 19.54 -67.39 14.71
C GLU C 68 19.23 -66.34 13.63
N MET C 69 18.06 -66.48 12.99
CA MET C 69 17.48 -65.41 12.15
C MET C 69 16.05 -65.12 12.61
N LEU C 70 15.83 -63.94 13.21
CA LEU C 70 14.48 -63.52 13.67
C LEU C 70 13.80 -62.74 12.56
N PHE C 71 12.49 -62.92 12.38
CA PHE C 71 11.61 -62.17 11.45
C PHE C 71 10.53 -61.47 12.27
N LYS C 72 10.39 -60.14 12.11
CA LYS C 72 9.50 -59.29 12.94
C LYS C 72 8.68 -58.38 12.01
N GLU C 73 7.38 -58.38 12.19
CA GLU C 73 6.48 -57.45 11.45
C GLU C 73 6.36 -56.17 12.25
N GLY C 74 5.92 -55.09 11.60
CA GLY C 74 5.68 -53.79 12.25
C GLY C 74 6.76 -52.77 11.91
N ASP C 75 6.80 -51.73 12.72
CA ASP C 75 7.82 -50.66 12.72
C ASP C 75 9.18 -51.32 12.91
N PRO C 76 10.04 -51.34 11.87
CA PRO C 76 11.35 -52.01 11.93
C PRO C 76 12.22 -51.54 13.10
N LEU C 77 12.15 -50.26 13.46
CA LEU C 77 12.97 -49.70 14.56
C LEU C 77 12.45 -50.19 15.92
N ARG C 78 11.15 -50.38 16.05
CA ARG C 78 10.55 -50.95 17.27
C ARG C 78 10.94 -52.43 17.37
N ALA C 79 10.87 -53.16 16.27
CA ALA C 79 11.27 -54.58 16.22
C ALA C 79 12.78 -54.66 16.60
N PHE C 80 13.61 -53.78 16.03
CA PHE C 80 15.03 -53.67 16.39
C PHE C 80 15.17 -53.38 17.90
N HIS C 81 14.46 -52.37 18.41
CA HIS C 81 14.64 -51.88 19.81
C HIS C 81 14.29 -52.98 20.80
N SER C 82 13.22 -53.76 20.54
CA SER C 82 12.82 -54.83 21.48
C SER C 82 13.97 -55.84 21.60
N TRP C 83 14.59 -56.20 20.49
CA TRP C 83 15.73 -57.15 20.53
C TRP C 83 16.93 -56.46 21.20
N PHE C 84 17.26 -55.26 20.77
CA PHE C 84 18.52 -54.55 21.13
C PHE C 84 18.56 -54.27 22.63
N LYS C 85 17.39 -53.99 23.23
CA LYS C 85 17.23 -53.66 24.67
C LYS C 85 17.83 -54.78 25.55
N THR C 86 17.84 -56.02 25.07
CA THR C 86 18.42 -57.16 25.83
C THR C 86 19.95 -57.02 25.95
N LEU C 87 20.60 -56.17 25.14
CA LEU C 87 22.08 -56.00 25.14
C LEU C 87 22.49 -54.73 25.89
N GLU C 88 21.53 -54.03 26.52
CA GLU C 88 21.77 -52.71 27.16
C GLU C 88 22.82 -52.85 28.28
N THR C 89 23.56 -51.76 28.56
CA THR C 89 24.69 -51.70 29.53
C THR C 89 24.58 -50.37 30.28
N GLU C 90 25.30 -50.24 31.40
CA GLU C 90 25.61 -48.94 32.04
C GLU C 90 26.65 -48.19 31.21
N THR C 91 26.64 -46.85 31.25
CA THR C 91 27.69 -45.97 30.67
C THR C 91 28.95 -46.08 31.52
N ASP C 92 30.09 -46.37 30.88
CA ASP C 92 31.43 -46.18 31.49
C ASP C 92 31.94 -44.80 31.07
N HIS C 93 32.00 -43.86 32.01
CA HIS C 93 32.29 -42.42 31.76
C HIS C 93 33.75 -42.20 31.31
N GLU C 94 34.62 -43.19 31.48
CA GLU C 94 36.04 -43.19 31.00
C GLU C 94 36.10 -43.37 29.47
N LEU C 95 35.13 -44.04 28.85
CA LEU C 95 35.16 -44.39 27.40
C LEU C 95 34.59 -43.26 26.57
N PRO C 96 34.78 -43.26 25.24
CA PRO C 96 34.12 -42.32 24.34
C PRO C 96 32.60 -42.46 24.33
N ASP C 97 31.94 -41.47 23.72
CA ASP C 97 30.47 -41.36 23.60
C ASP C 97 29.91 -42.68 23.08
N PHE C 98 30.49 -43.22 22.01
CA PHE C 98 30.11 -44.55 21.49
C PHE C 98 30.98 -45.60 22.18
N GLN C 99 30.34 -46.50 22.92
CA GLN C 99 30.98 -47.56 23.75
C GLN C 99 30.48 -48.92 23.30
N GLY C 100 29.94 -49.02 22.10
CA GLY C 100 29.37 -50.28 21.59
C GLY C 100 27.89 -50.14 21.23
N GLY C 101 27.45 -50.86 20.20
CA GLY C 101 26.04 -50.86 19.80
C GLY C 101 25.90 -50.99 18.31
N ALA C 102 24.88 -50.34 17.78
CA ALA C 102 24.45 -50.50 16.38
C ALA C 102 24.92 -49.30 15.58
N ILE C 103 25.50 -49.55 14.41
CA ILE C 103 25.90 -48.50 13.45
C ILE C 103 25.20 -48.84 12.16
N GLY C 104 24.59 -47.86 11.54
CA GLY C 104 23.90 -48.09 10.28
C GLY C 104 23.09 -46.88 9.92
N PHE C 105 21.98 -47.11 9.23
CA PHE C 105 21.20 -46.00 8.65
C PHE C 105 19.70 -46.25 8.79
N LEU C 106 19.02 -45.13 8.88
CA LEU C 106 17.56 -44.98 8.66
C LEU C 106 17.41 -44.37 7.26
N SER C 107 16.89 -45.13 6.30
CA SER C 107 16.43 -44.59 5.00
C SER C 107 15.41 -43.46 5.26
N TYR C 108 15.38 -42.46 4.40
CA TYR C 108 14.33 -41.41 4.41
C TYR C 108 12.98 -42.12 4.49
N ASP C 109 12.85 -43.25 3.79
CA ASP C 109 11.58 -44.02 3.69
C ASP C 109 11.24 -44.70 5.02
N TYR C 110 12.11 -44.69 6.03
CA TYR C 110 11.71 -45.04 7.41
C TYR C 110 10.58 -44.08 7.85
N ALA C 111 10.49 -42.91 7.23
CA ALA C 111 9.43 -41.91 7.56
C ALA C 111 8.03 -42.49 7.34
N ARG C 112 7.90 -43.54 6.49
CA ARG C 112 6.59 -44.18 6.18
C ARG C 112 6.04 -44.90 7.40
N TYR C 113 6.84 -45.14 8.44
CA TYR C 113 6.36 -45.74 9.71
C TYR C 113 6.03 -44.63 10.72
N ILE C 114 6.31 -43.38 10.38
CA ILE C 114 6.07 -42.24 11.29
C ILE C 114 4.80 -41.49 10.82
N GLU C 115 4.72 -41.22 9.52
CA GLU C 115 3.65 -40.47 8.86
C GLU C 115 3.01 -41.40 7.83
N ASN C 116 1.75 -41.09 7.48
CA ASN C 116 0.95 -41.83 6.48
C ASN C 116 1.37 -41.33 5.11
N PHE C 117 2.12 -42.13 4.37
CA PHE C 117 2.59 -41.77 3.02
C PHE C 117 1.73 -42.49 1.99
N LYS C 118 1.44 -41.83 0.88
CA LYS C 118 0.93 -42.55 -0.31
C LYS C 118 2.10 -43.27 -0.93
N MET C 119 1.83 -44.23 -1.81
CA MET C 119 2.84 -44.93 -2.61
C MET C 119 2.84 -44.38 -4.04
N LEU C 120 3.52 -43.26 -4.29
CA LEU C 120 3.58 -42.62 -5.64
C LEU C 120 4.93 -42.82 -6.31
N SER C 121 6.03 -42.63 -5.59
CA SER C 121 7.39 -42.61 -6.18
C SER C 121 7.85 -44.06 -6.36
N LEU C 122 8.74 -44.26 -7.34
CA LEU C 122 9.15 -45.61 -7.76
C LEU C 122 10.33 -46.06 -6.90
N ASP C 123 10.21 -47.21 -6.24
CA ASP C 123 11.31 -47.84 -5.47
C ASP C 123 12.13 -48.75 -6.40
N ASP C 124 13.09 -48.19 -7.15
CA ASP C 124 13.90 -48.96 -8.12
C ASP C 124 15.23 -49.42 -7.51
N LEU C 125 15.69 -48.84 -6.40
CA LEU C 125 16.95 -49.27 -5.71
C LEU C 125 16.69 -50.28 -4.58
N GLU C 126 15.46 -50.35 -4.05
CA GLU C 126 15.09 -51.31 -2.98
C GLU C 126 16.02 -51.15 -1.77
N THR C 127 16.35 -49.92 -1.44
CA THR C 127 17.11 -49.57 -0.25
C THR C 127 16.37 -50.06 0.98
N PRO C 128 17.07 -50.74 1.91
CA PRO C 128 16.50 -51.06 3.20
C PRO C 128 15.93 -49.81 3.86
N ASP C 129 14.83 -49.94 4.61
CA ASP C 129 14.27 -48.85 5.43
C ASP C 129 15.18 -48.63 6.62
N ILE C 130 15.69 -49.71 7.20
CA ILE C 130 16.74 -49.64 8.26
C ILE C 130 17.78 -50.73 7.95
N TYR C 131 19.01 -50.44 8.33
CA TYR C 131 20.15 -51.38 8.20
C TYR C 131 21.14 -51.02 9.28
N PHE C 132 21.39 -51.96 10.19
CA PHE C 132 22.36 -51.78 11.31
C PHE C 132 23.27 -53.00 11.38
N LEU C 133 24.54 -52.72 11.57
CA LEU C 133 25.56 -53.69 12.02
C LEU C 133 25.74 -53.47 13.51
N VAL C 134 25.69 -54.53 14.29
CA VAL C 134 25.79 -54.42 15.77
C VAL C 134 27.15 -54.94 16.22
N PHE C 135 27.83 -54.20 17.09
CA PHE C 135 29.25 -54.39 17.44
C PHE C 135 29.44 -54.44 18.96
N ASP C 136 30.04 -55.52 19.46
CA ASP C 136 30.61 -55.62 20.82
C ASP C 136 32.08 -55.18 20.81
N ASP C 137 32.74 -55.28 19.66
CA ASP C 137 34.18 -54.95 19.48
C ASP C 137 34.27 -53.73 18.56
N ILE C 138 34.97 -52.69 19.01
CA ILE C 138 34.97 -51.35 18.38
C ILE C 138 36.36 -50.79 18.52
N ALA C 139 36.77 -50.03 17.53
CA ALA C 139 37.96 -49.15 17.58
C ALA C 139 37.42 -47.73 17.42
N VAL C 140 37.68 -46.88 18.41
CA VAL C 140 37.24 -45.45 18.40
C VAL C 140 38.50 -44.58 18.47
N TYR C 141 38.74 -43.81 17.42
CA TYR C 141 39.83 -42.82 17.42
C TYR C 141 39.32 -41.50 18.02
N ASP C 142 40.01 -41.04 19.06
CA ASP C 142 39.83 -39.74 19.73
C ASP C 142 40.81 -38.74 19.13
N HIS C 143 40.36 -37.90 18.22
CA HIS C 143 41.16 -36.91 17.47
C HIS C 143 41.72 -35.85 18.42
N GLN C 144 41.00 -35.57 19.52
CA GLN C 144 41.41 -34.55 20.50
C GLN C 144 42.53 -35.07 21.40
N GLU C 145 42.47 -36.33 21.84
CA GLU C 145 43.51 -36.94 22.72
C GLU C 145 44.52 -37.73 21.89
N GLU C 146 44.42 -37.75 20.56
CA GLU C 146 45.31 -38.51 19.64
C GLU C 146 45.51 -39.94 20.19
N SER C 147 44.43 -40.62 20.51
CA SER C 147 44.44 -41.96 21.12
C SER C 147 43.46 -42.87 20.42
N LEU C 148 43.80 -44.16 20.31
CA LEU C 148 42.87 -45.23 19.86
C LEU C 148 42.34 -45.95 21.10
N TRP C 149 41.02 -45.96 21.24
CA TRP C 149 40.27 -46.82 22.19
C TRP C 149 39.94 -48.13 21.47
N LEU C 150 40.29 -49.24 22.10
CA LEU C 150 39.83 -50.59 21.71
C LEU C 150 38.84 -51.01 22.79
N ILE C 151 37.64 -51.37 22.39
CA ILE C 151 36.51 -51.67 23.31
C ILE C 151 35.91 -53.02 22.97
N THR C 152 35.70 -53.84 24.00
CA THR C 152 34.98 -55.14 23.93
C THR C 152 33.90 -55.12 25.02
N HIS C 153 33.11 -56.18 25.13
CA HIS C 153 32.04 -56.37 26.13
C HIS C 153 32.27 -57.72 26.84
N VAL C 154 32.08 -57.77 28.16
CA VAL C 154 32.26 -59.01 28.99
C VAL C 154 31.11 -59.11 29.99
N ASN C 155 30.94 -60.30 30.59
CA ASN C 155 29.92 -60.65 31.62
C ASN C 155 30.55 -60.72 33.00
N ASP C 158 35.79 -61.04 32.36
CA ASP C 158 36.20 -60.27 33.58
C ASP C 158 37.72 -60.04 33.47
N ASN C 159 38.52 -61.09 33.71
CA ASN C 159 39.94 -61.21 33.30
C ASN C 159 39.94 -61.59 31.81
N SER C 160 38.83 -62.19 31.34
CA SER C 160 38.46 -62.42 29.92
C SER C 160 38.65 -61.14 29.08
N ALA C 161 38.35 -59.97 29.66
CA ALA C 161 38.44 -58.64 29.02
C ALA C 161 39.87 -58.40 28.52
N ASP C 162 40.84 -58.53 29.42
CA ASP C 162 42.28 -58.23 29.13
C ASP C 162 42.77 -59.04 27.93
N VAL C 163 42.40 -60.33 27.86
CA VAL C 163 42.83 -61.20 26.73
C VAL C 163 42.27 -60.63 25.43
N LYS C 164 40.97 -60.36 25.37
CA LYS C 164 40.26 -59.89 24.15
C LYS C 164 40.81 -58.53 23.69
N LEU C 165 41.04 -57.62 24.64
CA LEU C 165 41.59 -56.27 24.37
C LEU C 165 43.00 -56.39 23.81
N SER C 166 43.77 -57.35 24.29
CA SER C 166 45.14 -57.65 23.77
C SER C 166 45.06 -58.10 22.31
N GLU C 167 44.05 -58.89 21.94
CA GLU C 167 43.87 -59.39 20.57
C GLU C 167 43.48 -58.22 19.64
N LEU C 168 42.58 -57.34 20.10
CA LEU C 168 42.19 -56.11 19.37
C LEU C 168 43.40 -55.18 19.19
N GLU C 169 44.20 -54.97 20.24
CA GLU C 169 45.43 -54.15 20.18
C GLU C 169 46.39 -54.73 19.12
N ARG C 170 46.63 -56.05 19.18
CA ARG C 170 47.53 -56.77 18.24
C ARG C 170 47.09 -56.41 16.81
N MET C 171 45.78 -56.56 16.56
CA MET C 171 45.14 -56.41 15.23
C MET C 171 45.35 -54.98 14.71
N TRP C 172 45.22 -53.97 15.57
CA TRP C 172 45.29 -52.53 15.18
C TRP C 172 46.75 -52.04 15.17
N LEU C 173 47.64 -52.63 15.97
CA LEU C 173 49.06 -52.17 16.05
C LEU C 173 49.98 -52.93 15.10
N THR C 174 49.56 -54.05 14.51
CA THR C 174 50.41 -54.87 13.63
C THR C 174 50.24 -54.45 12.17
N GLU C 175 51.33 -53.99 11.56
CA GLU C 175 51.44 -53.57 10.14
C GLU C 175 50.98 -54.72 9.23
N LEU C 176 50.24 -54.40 8.17
CA LEU C 176 49.86 -55.34 7.09
C LEU C 176 50.47 -54.86 5.79
N PRO C 177 51.74 -55.21 5.50
CA PRO C 177 52.36 -54.84 4.21
C PRO C 177 51.60 -55.38 2.98
N ALA C 178 51.48 -56.70 2.88
CA ALA C 178 50.88 -57.42 1.73
C ALA C 178 49.43 -57.76 2.10
N VAL C 179 48.50 -57.30 1.29
CA VAL C 179 47.02 -57.46 1.42
C VAL C 179 46.53 -57.60 -0.01
N PRO C 180 45.41 -58.33 -0.27
CA PRO C 180 44.91 -58.47 -1.64
C PRO C 180 44.22 -57.18 -2.12
N SER C 181 44.19 -57.00 -3.44
CA SER C 181 43.53 -55.89 -4.17
C SER C 181 42.03 -55.93 -3.87
N ARG C 182 41.39 -54.78 -3.75
CA ARG C 182 39.93 -54.68 -3.59
C ARG C 182 39.22 -54.90 -4.93
N GLU C 183 38.28 -55.85 -5.00
CA GLU C 183 37.54 -56.16 -6.26
C GLU C 183 36.04 -56.21 -5.96
N MET C 184 35.19 -56.01 -7.00
CA MET C 184 33.77 -55.60 -6.85
C MET C 184 32.79 -56.74 -7.21
N LYS C 185 32.18 -56.75 -8.40
CA LYS C 185 31.13 -57.76 -8.71
C LYS C 185 30.83 -57.82 -10.21
N ARG C 186 29.89 -56.98 -10.65
CA ARG C 186 29.39 -56.91 -12.04
C ARG C 186 28.45 -55.71 -12.17
N SER C 191 18.88 -52.68 -13.61
CA SER C 191 18.39 -51.59 -14.49
C SER C 191 17.36 -50.70 -13.75
N PHE C 192 17.56 -49.38 -13.76
CA PHE C 192 16.93 -48.39 -12.84
C PHE C 192 16.31 -47.22 -13.62
N ALA C 193 15.45 -46.44 -12.98
CA ALA C 193 14.70 -45.29 -13.55
C ALA C 193 15.67 -44.17 -13.93
N ALA C 194 15.28 -43.35 -14.92
CA ALA C 194 16.03 -42.15 -15.41
C ALA C 194 15.90 -41.04 -14.38
N PRO C 195 16.87 -40.08 -14.32
CA PRO C 195 16.70 -38.89 -13.50
C PRO C 195 15.44 -38.09 -13.90
N PHE C 196 14.87 -37.37 -12.93
CA PHE C 196 14.00 -36.20 -13.13
C PHE C 196 14.54 -35.42 -14.34
N THR C 197 13.79 -35.30 -15.43
CA THR C 197 14.19 -34.44 -16.58
C THR C 197 14.10 -32.97 -16.17
N GLU C 198 14.76 -32.06 -16.91
CA GLU C 198 14.70 -30.59 -16.66
C GLU C 198 13.23 -30.15 -16.72
N ASP C 199 12.48 -30.56 -17.76
CA ASP C 199 11.03 -30.28 -17.94
C ASP C 199 10.24 -30.76 -16.71
N GLY C 200 10.50 -32.00 -16.28
CA GLY C 200 9.85 -32.62 -15.11
C GLY C 200 10.12 -31.83 -13.84
N PHE C 201 11.39 -31.50 -13.58
CA PHE C 201 11.86 -30.78 -12.36
C PHE C 201 11.20 -29.40 -12.31
N SER C 202 11.23 -28.68 -13.44
CA SER C 202 10.75 -27.28 -13.56
C SER C 202 9.25 -27.22 -13.25
N GLN C 203 8.48 -28.16 -13.82
CA GLN C 203 7.01 -28.25 -13.63
C GLN C 203 6.72 -28.59 -12.16
N ALA C 204 7.60 -29.35 -11.49
CA ALA C 204 7.46 -29.69 -10.07
C ALA C 204 7.76 -28.45 -9.21
N VAL C 205 8.69 -27.58 -9.63
CA VAL C 205 8.98 -26.36 -8.83
C VAL C 205 7.75 -25.43 -8.94
N GLU C 206 7.13 -25.34 -10.12
CA GLU C 206 5.87 -24.55 -10.35
C GLU C 206 4.77 -25.11 -9.44
N LYS C 207 4.65 -26.44 -9.35
CA LYS C 207 3.62 -27.11 -8.51
C LYS C 207 3.85 -26.71 -7.05
N ILE C 208 5.11 -26.72 -6.59
CA ILE C 208 5.47 -26.36 -5.18
C ILE C 208 5.06 -24.91 -4.92
N LYS C 209 5.45 -24.04 -5.85
CA LYS C 209 5.20 -22.57 -5.79
C LYS C 209 3.69 -22.33 -5.90
N GLN C 210 2.90 -23.40 -5.95
CA GLN C 210 1.43 -23.28 -6.01
C GLN C 210 0.87 -23.72 -4.66
N TYR C 211 1.52 -24.68 -4.00
CA TYR C 211 1.07 -25.11 -2.64
C TYR C 211 1.48 -24.00 -1.68
N ILE C 212 2.62 -23.38 -1.97
CA ILE C 212 3.09 -22.15 -1.28
C ILE C 212 2.23 -21.05 -1.91
N SER C 214 -0.55 -21.13 -1.38
CA SER C 214 -1.93 -21.48 -0.96
C SER C 214 -1.98 -21.71 0.55
N GLY C 215 -0.89 -21.44 1.26
CA GLY C 215 -0.81 -21.57 2.74
C GLY C 215 -0.49 -22.98 3.20
N ASP C 216 -0.30 -23.90 2.26
CA ASP C 216 0.05 -25.32 2.54
C ASP C 216 1.45 -25.44 3.15
N VAL C 217 2.47 -24.87 2.48
CA VAL C 217 3.88 -25.01 2.93
C VAL C 217 4.60 -23.69 2.69
N PHE C 218 5.74 -23.50 3.39
CA PHE C 218 6.60 -22.29 3.30
C PHE C 218 7.80 -22.63 2.39
N GLN C 219 8.40 -23.81 2.54
CA GLN C 219 9.45 -24.27 1.59
C GLN C 219 9.52 -25.81 1.50
N VAL C 220 9.92 -26.28 0.33
CA VAL C 220 10.12 -27.71 0.00
C VAL C 220 11.54 -27.88 -0.57
N ASN C 221 12.29 -28.85 -0.05
CA ASN C 221 13.52 -29.36 -0.67
C ASN C 221 13.14 -30.32 -1.80
N LEU C 222 13.33 -29.89 -3.04
CA LEU C 222 13.07 -30.72 -4.26
C LEU C 222 14.41 -31.24 -4.79
N SER C 223 14.53 -32.55 -5.01
CA SER C 223 15.83 -33.21 -5.31
C SER C 223 15.79 -33.97 -6.64
N ILE C 224 16.99 -34.22 -7.16
CA ILE C 224 17.26 -34.88 -8.47
C ILE C 224 18.37 -35.92 -8.22
N ARG C 225 18.16 -37.12 -8.76
CA ARG C 225 19.05 -38.28 -8.58
C ARG C 225 19.78 -38.50 -9.90
N GLN C 226 21.10 -38.24 -9.89
CA GLN C 226 22.00 -38.52 -11.02
C GLN C 226 22.66 -39.88 -10.78
N SER C 227 23.13 -40.54 -11.84
CA SER C 227 23.85 -41.83 -11.73
C SER C 227 24.93 -41.96 -12.80
N GLN C 228 26.04 -42.61 -12.48
CA GLN C 228 27.13 -42.97 -13.43
C GLN C 228 27.50 -44.44 -13.21
N SER C 229 28.05 -45.09 -14.23
CA SER C 229 28.72 -46.40 -14.10
C SER C 229 29.87 -46.25 -13.10
N LEU C 230 29.88 -47.11 -12.09
CA LEU C 230 30.97 -47.21 -11.12
C LEU C 230 32.09 -47.99 -11.80
N SER C 231 33.24 -47.37 -12.04
CA SER C 231 34.38 -48.02 -12.73
C SER C 231 35.51 -48.32 -11.74
N VAL C 232 35.42 -47.86 -10.49
CA VAL C 232 36.46 -48.06 -9.45
C VAL C 232 35.79 -48.51 -8.16
N HIS C 233 36.53 -49.15 -7.25
CA HIS C 233 36.01 -49.61 -5.93
C HIS C 233 35.47 -48.39 -5.18
N PRO C 234 34.25 -48.49 -4.61
CA PRO C 234 33.67 -47.42 -3.80
C PRO C 234 34.60 -46.81 -2.75
N TYR C 235 35.41 -47.62 -2.05
CA TYR C 235 36.33 -47.10 -0.99
C TYR C 235 37.29 -46.08 -1.62
N GLN C 236 37.70 -46.25 -2.89
CA GLN C 236 38.58 -45.31 -3.62
C GLN C 236 37.87 -43.96 -3.72
N ILE C 237 36.58 -44.01 -4.02
CA ILE C 237 35.73 -42.77 -4.11
C ILE C 237 35.67 -42.12 -2.72
N TYR C 238 35.49 -42.92 -1.67
CA TYR C 238 35.49 -42.42 -0.27
C TYR C 238 36.79 -41.68 0.03
N LYS C 239 37.94 -42.28 -0.31
CA LYS C 239 39.28 -41.68 -0.02
C LYS C 239 39.40 -40.34 -0.75
N THR C 240 38.96 -40.28 -2.01
CA THR C 240 38.93 -39.03 -2.81
C THR C 240 37.99 -38.03 -2.10
N LEU C 241 36.78 -38.43 -1.72
CA LEU C 241 35.80 -37.48 -1.13
C LEU C 241 36.39 -36.91 0.17
N ARG C 242 37.04 -37.72 0.99
CA ARG C 242 37.73 -37.28 2.24
C ARG C 242 38.74 -36.16 1.94
N GLU C 243 39.37 -36.17 0.76
CA GLU C 243 40.41 -35.18 0.39
C GLU C 243 39.71 -33.94 -0.22
N VAL C 244 38.78 -34.12 -1.15
CA VAL C 244 38.13 -32.99 -1.89
C VAL C 244 37.19 -32.25 -0.94
N ASN C 245 36.51 -32.93 -0.02
CA ASN C 245 35.45 -32.27 0.79
C ASN C 245 35.32 -32.89 2.17
N PRO C 246 36.34 -32.82 3.05
CA PRO C 246 36.25 -33.47 4.36
C PRO C 246 35.13 -32.83 5.19
N SER C 247 34.42 -33.62 5.98
CA SER C 247 33.25 -33.17 6.78
C SER C 247 33.26 -33.85 8.14
N PRO C 248 32.55 -33.26 9.12
CA PRO C 248 32.47 -33.84 10.45
C PRO C 248 31.64 -35.14 10.60
N TYR C 249 30.77 -35.46 9.64
CA TYR C 249 29.86 -36.63 9.74
C TYR C 249 30.02 -37.51 8.49
N MET C 250 31.26 -37.75 8.09
CA MET C 250 31.58 -38.66 6.96
C MET C 250 31.36 -40.11 7.39
N ALA C 251 31.02 -40.95 6.43
CA ALA C 251 30.81 -42.38 6.71
C ALA C 251 31.12 -43.16 5.44
N TYR C 252 31.70 -44.34 5.63
CA TYR C 252 31.81 -45.38 4.58
C TYR C 252 31.14 -46.61 5.19
N LEU C 253 30.16 -47.15 4.49
CA LEU C 253 29.53 -48.42 4.90
C LEU C 253 29.58 -49.35 3.70
N GLU C 254 30.06 -50.58 3.93
CA GLU C 254 30.12 -51.60 2.89
C GLU C 254 29.28 -52.80 3.29
N THR C 255 28.51 -53.28 2.31
CA THR C 255 27.89 -54.63 2.29
C THR C 255 28.13 -55.18 0.89
N PRO C 256 27.88 -56.48 0.65
CA PRO C 256 28.02 -57.02 -0.70
C PRO C 256 27.07 -56.36 -1.71
N ASP C 257 25.91 -55.85 -1.30
CA ASP C 257 24.85 -55.43 -2.25
C ASP C 257 24.97 -53.94 -2.53
N PHE C 258 25.46 -53.16 -1.59
CA PHE C 258 25.49 -51.69 -1.71
C PHE C 258 26.62 -51.16 -0.82
N GLN C 259 27.21 -50.05 -1.25
CA GLN C 259 28.21 -49.30 -0.45
C GLN C 259 27.76 -47.84 -0.38
N ILE C 260 28.03 -47.19 0.73
CA ILE C 260 27.65 -45.78 1.00
C ILE C 260 28.91 -44.95 1.21
N ILE C 261 29.01 -43.85 0.47
CA ILE C 261 30.14 -42.88 0.54
C ILE C 261 29.55 -41.54 0.95
N CYS C 262 29.67 -41.18 2.21
CA CYS C 262 28.89 -40.09 2.84
C CYS C 262 29.84 -38.98 3.25
N GLY C 263 29.62 -37.78 2.74
CA GLY C 263 30.39 -36.60 3.13
C GLY C 263 29.53 -35.62 3.90
N SER C 264 28.63 -36.06 4.75
CA SER C 264 27.66 -35.13 5.38
C SER C 264 28.37 -34.19 6.37
N PRO C 265 28.01 -32.89 6.37
CA PRO C 265 28.36 -31.98 7.45
C PRO C 265 27.31 -31.79 8.56
N GLU C 266 26.19 -32.49 8.49
CA GLU C 266 25.00 -32.14 9.30
C GLU C 266 24.65 -33.21 10.32
N LEU C 267 24.53 -32.80 11.59
CA LEU C 267 23.93 -33.56 12.73
C LEU C 267 22.40 -33.44 12.67
N LEU C 268 21.70 -34.57 12.66
CA LEU C 268 20.24 -34.63 12.93
C LEU C 268 20.02 -34.59 14.43
N VAL C 269 20.55 -35.53 15.20
CA VAL C 269 20.31 -35.52 16.66
C VAL C 269 21.38 -36.30 17.38
N SER C 270 21.72 -35.86 18.59
CA SER C 270 22.54 -36.68 19.53
C SER C 270 21.84 -36.69 20.89
N LYS C 271 22.13 -37.72 21.67
CA LYS C 271 21.74 -37.89 23.07
C LYS C 271 22.98 -38.33 23.86
N LYS C 272 23.38 -37.55 24.85
CA LYS C 272 24.42 -37.89 25.85
C LYS C 272 23.77 -37.75 27.23
N GLY C 273 23.50 -38.87 27.89
CA GLY C 273 22.63 -38.90 29.08
C GLY C 273 21.26 -38.39 28.72
N LYS C 274 20.83 -37.32 29.37
CA LYS C 274 19.50 -36.70 29.12
C LYS C 274 19.64 -35.57 28.09
N LEU C 275 20.86 -35.15 27.75
CA LEU C 275 21.07 -33.96 26.88
C LEU C 275 20.83 -34.34 25.42
N LEU C 276 19.84 -33.69 24.79
CA LEU C 276 19.54 -33.82 23.34
C LEU C 276 20.09 -32.60 22.61
N GLU C 277 20.63 -32.79 21.41
CA GLU C 277 21.14 -31.66 20.58
C GLU C 277 20.82 -31.94 19.12
N THR C 278 20.54 -30.88 18.38
CA THR C 278 20.36 -30.89 16.91
C THR C 278 20.96 -29.59 16.41
N ARG C 279 21.38 -29.59 15.17
CA ARG C 279 22.28 -28.57 14.59
C ARG C 279 21.77 -28.29 13.18
N PRO C 280 20.54 -27.75 13.05
CA PRO C 280 19.98 -27.45 11.73
C PRO C 280 20.90 -26.56 10.89
N ILE C 281 21.15 -27.01 9.68
CA ILE C 281 21.80 -26.20 8.61
C ILE C 281 20.71 -25.73 7.65
N ALA C 282 20.70 -24.45 7.31
CA ALA C 282 19.78 -23.87 6.31
C ALA C 282 20.31 -22.51 5.90
N GLY C 283 20.47 -22.30 4.59
CA GLY C 283 21.08 -21.09 4.00
C GLY C 283 22.50 -21.39 3.55
N THR C 284 22.86 -20.96 2.33
CA THR C 284 24.02 -21.47 1.57
C THR C 284 24.60 -20.40 0.64
N ARG C 285 25.92 -20.39 0.51
CA ARG C 285 26.65 -19.68 -0.56
C ARG C 285 27.84 -20.54 -0.98
N SER C 286 28.32 -20.37 -2.20
CA SER C 286 29.57 -20.99 -2.68
C SER C 286 30.74 -20.28 -1.99
N ARG C 287 31.81 -21.00 -1.65
CA ARG C 287 33.05 -20.37 -1.12
C ARG C 287 33.58 -19.39 -2.17
N GLY C 288 34.33 -18.38 -1.75
CA GLY C 288 34.92 -17.37 -2.66
C GLY C 288 36.14 -17.90 -3.38
N LYS C 289 36.47 -17.32 -4.54
CA LYS C 289 37.68 -17.71 -5.32
C LYS C 289 38.92 -17.18 -4.60
N THR C 290 38.87 -15.92 -4.17
CA THR C 290 39.86 -15.23 -3.32
C THR C 290 39.47 -15.41 -1.84
N ASP C 291 40.38 -15.07 -0.93
CA ASP C 291 40.09 -15.03 0.54
C ASP C 291 39.11 -13.89 0.83
N GLU C 292 39.09 -12.86 -0.05
CA GLU C 292 38.28 -11.63 0.11
C GLU C 292 36.84 -11.96 -0.25
N GLU C 293 36.62 -12.50 -1.45
CA GLU C 293 35.31 -12.91 -2.00
C GLU C 293 34.55 -13.73 -0.93
N ASP C 294 35.28 -14.58 -0.21
CA ASP C 294 34.77 -15.47 0.87
C ASP C 294 34.14 -14.62 1.98
N GLU C 295 34.85 -13.58 2.45
CA GLU C 295 34.35 -12.69 3.55
C GLU C 295 33.12 -11.94 3.03
N SER C 296 33.09 -11.52 1.76
CA SER C 296 31.95 -10.76 1.20
C SER C 296 30.78 -11.72 1.02
N LEU C 297 31.00 -12.96 0.56
CA LEU C 297 29.92 -13.98 0.41
C LEU C 297 29.37 -14.38 1.78
N ALA C 298 30.24 -14.56 2.79
CA ALA C 298 29.82 -14.81 4.18
C ALA C 298 28.98 -13.61 4.66
N ASN C 299 29.44 -12.41 4.32
CA ASN C 299 28.82 -11.14 4.76
C ASN C 299 27.47 -11.00 4.07
N GLU C 300 27.36 -11.45 2.82
CA GLU C 300 26.11 -11.38 2.03
C GLU C 300 25.13 -12.36 2.65
N LEU C 301 25.57 -13.58 2.92
CA LEU C 301 24.73 -14.64 3.52
C LEU C 301 24.09 -14.15 4.83
N ILE C 302 24.89 -13.54 5.69
CA ILE C 302 24.45 -13.18 7.07
C ILE C 302 23.54 -11.94 7.06
N HIS C 303 23.66 -11.05 6.06
CA HIS C 303 22.85 -9.78 6.01
C HIS C 303 21.62 -9.98 5.13
N ASN C 304 21.44 -11.15 4.56
CA ASN C 304 20.31 -11.38 3.62
C ASN C 304 19.08 -11.82 4.43
N GLU C 305 18.07 -10.96 4.53
CA GLU C 305 16.94 -11.09 5.48
C GLU C 305 16.02 -12.28 5.13
N LYS C 306 15.95 -12.64 3.84
CA LYS C 306 15.16 -13.78 3.29
C LYS C 306 15.80 -15.11 3.69
N GLU C 307 17.13 -15.21 3.60
CA GLU C 307 17.88 -16.43 3.99
C GLU C 307 17.80 -16.60 5.52
N ARG C 308 17.85 -15.50 6.26
CA ARG C 308 17.75 -15.55 7.74
C ARG C 308 16.34 -15.99 8.14
N ALA C 309 15.31 -15.48 7.47
CA ALA C 309 13.89 -15.83 7.71
C ALA C 309 13.70 -17.32 7.45
N GLU C 310 14.16 -17.84 6.31
CA GLU C 310 14.27 -19.30 6.01
C GLU C 310 14.91 -20.05 7.20
N HIS C 311 16.02 -19.53 7.73
CA HIS C 311 16.83 -20.24 8.76
C HIS C 311 16.04 -20.30 10.07
N VAL C 312 15.48 -19.16 10.49
CA VAL C 312 14.67 -19.04 11.74
C VAL C 312 13.48 -20.01 11.67
N MET C 313 12.81 -20.05 10.51
CA MET C 313 11.67 -20.97 10.31
C MET C 313 12.14 -22.43 10.56
N LEU C 314 13.25 -22.84 9.99
CA LEU C 314 13.71 -24.24 10.16
C LEU C 314 14.15 -24.46 11.62
N VAL C 315 14.74 -23.45 12.27
CA VAL C 315 15.11 -23.60 13.71
C VAL C 315 13.82 -23.75 14.54
N ASP C 316 12.78 -22.98 14.26
CA ASP C 316 11.49 -23.06 14.98
C ASP C 316 11.00 -24.52 14.86
N LEU C 317 10.97 -25.06 13.64
CA LEU C 317 10.50 -26.44 13.36
C LEU C 317 11.31 -27.44 14.23
N GLU C 318 12.63 -27.29 14.33
CA GLU C 318 13.49 -28.20 15.12
C GLU C 318 13.22 -28.05 16.62
N ARG C 319 13.08 -26.82 17.10
CA ARG C 319 12.70 -26.53 18.50
C ARG C 319 11.43 -27.33 18.84
N ASN C 320 10.40 -27.26 17.99
CA ASN C 320 9.10 -27.93 18.18
C ASN C 320 9.33 -29.46 18.14
N ASP C 321 10.19 -29.97 17.25
CA ASP C 321 10.45 -31.42 17.13
C ASP C 321 11.09 -31.92 18.44
N LEU C 322 12.18 -31.30 18.90
CA LEU C 322 12.89 -31.72 20.13
C LEU C 322 11.97 -31.52 21.35
N GLY C 323 11.11 -30.50 21.29
CA GLY C 323 10.18 -30.20 22.38
C GLY C 323 9.23 -31.34 22.67
N ARG C 324 8.93 -32.17 21.66
CA ARG C 324 8.02 -33.33 21.82
C ARG C 324 8.60 -34.37 22.79
N VAL C 325 9.94 -34.45 22.96
CA VAL C 325 10.51 -35.47 23.88
C VAL C 325 11.29 -34.82 25.04
N SER C 326 11.19 -33.50 25.19
CA SER C 326 11.98 -32.75 26.20
C SER C 326 11.11 -32.32 27.38
N ARG C 327 11.69 -32.32 28.59
CA ARG C 327 11.12 -31.68 29.78
C ARG C 327 10.65 -30.26 29.42
N TYR C 328 9.47 -29.88 29.89
CA TYR C 328 8.93 -28.49 29.80
C TYR C 328 10.07 -27.51 30.13
N GLY C 329 10.20 -26.46 29.31
CA GLY C 329 11.12 -25.32 29.57
C GLY C 329 12.59 -25.65 29.32
N SER C 330 12.95 -26.85 28.89
CA SER C 330 14.36 -27.33 28.85
C SER C 330 14.98 -27.13 27.46
N VAL C 331 14.15 -26.85 26.45
CA VAL C 331 14.59 -26.63 25.04
C VAL C 331 15.20 -25.24 24.96
N ARG C 332 16.48 -25.13 24.59
CA ARG C 332 17.18 -23.83 24.45
C ARG C 332 17.83 -23.77 23.07
N VAL C 333 17.58 -22.68 22.36
CA VAL C 333 18.29 -22.33 21.10
C VAL C 333 19.40 -21.36 21.47
N ASN C 334 20.65 -21.74 21.29
CA ASN C 334 21.86 -20.90 21.48
C ASN C 334 21.73 -19.45 21.01
N GLU C 335 22.23 -18.50 21.79
CA GLU C 335 22.29 -17.04 21.46
C GLU C 335 22.80 -16.78 20.03
N PHE C 336 23.76 -17.55 19.55
CA PHE C 336 24.50 -17.26 18.29
C PHE C 336 24.11 -18.27 17.22
N MET C 337 23.85 -17.76 16.02
CA MET C 337 23.99 -18.55 14.78
C MET C 337 25.47 -18.60 14.41
N ALA C 338 25.79 -19.36 13.37
CA ALA C 338 27.16 -19.50 12.86
C ALA C 338 27.12 -19.64 11.35
N ILE C 339 28.12 -19.09 10.65
CA ILE C 339 28.50 -19.55 9.30
C ILE C 339 29.54 -20.64 9.50
N GLU C 340 29.36 -21.78 8.84
CA GLU C 340 30.39 -22.85 8.72
C GLU C 340 30.85 -22.95 7.28
N LYS C 341 32.13 -22.82 7.02
CA LYS C 341 32.72 -22.86 5.65
C LYS C 341 33.20 -24.28 5.40
N TYR C 342 32.58 -25.00 4.47
CA TYR C 342 33.05 -26.31 3.94
C TYR C 342 33.73 -25.98 2.62
N SER C 343 34.60 -26.83 2.07
CA SER C 343 35.18 -26.60 0.72
C SER C 343 34.04 -26.65 -0.30
N HIS C 344 33.80 -25.56 -1.02
CA HIS C 344 32.81 -25.43 -2.12
C HIS C 344 31.47 -24.85 -1.65
N VAL C 345 31.21 -24.74 -0.34
CA VAL C 345 29.96 -24.11 0.19
C VAL C 345 30.19 -23.57 1.61
N MET C 346 29.36 -22.61 2.03
CA MET C 346 29.24 -22.15 3.44
C MET C 346 27.75 -22.12 3.80
N HIS C 347 27.43 -22.38 5.06
CA HIS C 347 26.04 -22.57 5.54
C HIS C 347 25.78 -21.76 6.80
N ILE C 348 24.53 -21.34 7.00
CA ILE C 348 24.03 -20.83 8.31
C ILE C 348 23.66 -22.02 9.18
N VAL C 349 24.14 -22.03 10.41
CA VAL C 349 23.93 -23.18 11.34
C VAL C 349 23.52 -22.65 12.71
N SER C 350 22.62 -23.34 13.38
CA SER C 350 22.16 -23.04 14.75
C SER C 350 22.23 -24.30 15.59
N ASN C 351 22.27 -24.15 16.91
CA ASN C 351 22.34 -25.22 17.93
C ASN C 351 21.09 -25.18 18.81
N VAL C 352 20.40 -26.33 18.92
CA VAL C 352 19.16 -26.52 19.74
C VAL C 352 19.40 -27.65 20.72
N GLN C 353 19.24 -27.38 22.01
CA GLN C 353 19.40 -28.39 23.09
C GLN C 353 18.07 -28.58 23.82
N GLY C 354 17.86 -29.75 24.43
CA GLY C 354 16.66 -30.15 25.21
C GLY C 354 17.08 -31.18 26.24
N GLU C 355 16.35 -31.31 27.34
CA GLU C 355 16.56 -32.41 28.33
C GLU C 355 15.47 -33.46 28.09
N LEU C 356 15.87 -34.70 27.78
CA LEU C 356 14.94 -35.82 27.49
C LEU C 356 14.00 -36.00 28.67
N GLN C 357 12.70 -35.99 28.42
CA GLN C 357 11.65 -36.28 29.43
C GLN C 357 11.66 -37.79 29.73
N ASP C 358 11.72 -38.17 31.01
CA ASP C 358 11.59 -39.57 31.49
C ASP C 358 10.42 -40.26 30.79
N GLY C 359 10.65 -41.47 30.27
CA GLY C 359 9.61 -42.29 29.62
C GLY C 359 9.78 -42.35 28.11
N TYR C 360 10.57 -41.46 27.51
CA TYR C 360 10.78 -41.45 26.03
C TYR C 360 12.06 -42.24 25.76
N ASP C 361 12.07 -43.04 24.69
CA ASP C 361 13.22 -43.90 24.33
C ASP C 361 13.72 -43.53 22.92
N ALA C 362 14.69 -44.30 22.44
CA ALA C 362 15.39 -44.09 21.16
C ALA C 362 14.34 -43.94 20.04
N VAL C 363 13.31 -44.78 20.05
CA VAL C 363 12.31 -44.80 18.94
C VAL C 363 11.48 -43.51 19.00
N ASP C 364 11.07 -43.10 20.20
CA ASP C 364 10.36 -41.82 20.44
C ASP C 364 11.19 -40.65 19.90
N ILE C 365 12.50 -40.63 20.20
CA ILE C 365 13.39 -39.51 19.75
C ILE C 365 13.38 -39.50 18.24
N ILE C 366 13.54 -40.66 17.60
CA ILE C 366 13.60 -40.70 16.12
C ILE C 366 12.27 -40.22 15.55
N HIS C 367 11.16 -40.70 16.10
CA HIS C 367 9.80 -40.36 15.59
C HIS C 367 9.61 -38.84 15.68
N ALA C 368 10.12 -38.21 16.74
CA ALA C 368 9.98 -36.75 16.96
C ALA C 368 10.82 -35.95 15.97
N VAL C 369 12.05 -36.36 15.60
CA VAL C 369 12.98 -35.46 14.86
C VAL C 369 13.21 -35.89 13.40
N PHE C 370 12.74 -37.10 13.00
CA PHE C 370 13.21 -37.72 11.73
C PHE C 370 12.04 -37.75 10.76
N PRO C 371 12.20 -37.42 9.46
CA PRO C 371 13.46 -36.90 8.93
C PRO C 371 13.65 -35.45 9.37
N GLY C 372 14.85 -34.91 9.20
CA GLY C 372 15.16 -33.52 9.52
C GLY C 372 14.21 -32.54 8.82
N GLY C 373 13.70 -31.56 9.55
CA GLY C 373 13.06 -30.36 8.97
C GLY C 373 13.86 -29.71 7.84
N THR C 374 15.19 -29.65 7.97
CA THR C 374 16.06 -28.86 7.05
C THR C 374 16.11 -29.49 5.64
N ILE C 375 15.77 -30.76 5.46
CA ILE C 375 15.90 -31.46 4.14
C ILE C 375 14.51 -31.92 3.65
N THR C 376 13.44 -31.62 4.38
CA THR C 376 12.04 -31.70 3.87
C THR C 376 11.51 -30.28 3.65
N GLY C 377 11.03 -29.63 4.70
CA GLY C 377 10.45 -28.28 4.65
C GLY C 377 9.53 -28.02 5.82
N ALA C 378 8.82 -26.89 5.80
CA ALA C 378 7.93 -26.47 6.89
C ALA C 378 6.56 -26.19 6.30
N PRO C 379 5.45 -26.69 6.89
CA PRO C 379 5.49 -27.76 7.91
C PRO C 379 5.92 -29.12 7.34
N LYS C 380 6.49 -29.98 8.18
CA LYS C 380 7.22 -31.20 7.73
C LYS C 380 6.26 -32.18 7.03
N VAL C 381 5.11 -32.48 7.66
CA VAL C 381 4.24 -33.61 7.24
C VAL C 381 3.68 -33.27 5.87
N ARG C 382 3.16 -32.07 5.69
CA ARG C 382 2.57 -31.67 4.39
C ARG C 382 3.67 -31.68 3.33
N THR C 383 4.84 -31.13 3.68
CA THR C 383 6.00 -31.05 2.76
C THR C 383 6.38 -32.45 2.27
N MET C 384 6.41 -33.46 3.14
CA MET C 384 6.72 -34.86 2.74
C MET C 384 5.67 -35.39 1.77
N GLU C 385 4.38 -35.00 1.93
CA GLU C 385 3.31 -35.44 1.01
C GLU C 385 3.62 -34.88 -0.37
N ILE C 386 4.01 -33.60 -0.45
CA ILE C 386 4.27 -32.90 -1.74
C ILE C 386 5.53 -33.50 -2.41
N ILE C 387 6.60 -33.76 -1.65
CA ILE C 387 7.82 -34.44 -2.18
C ILE C 387 7.41 -35.77 -2.83
N GLU C 388 6.60 -36.58 -2.14
CA GLU C 388 6.20 -37.96 -2.57
C GLU C 388 5.37 -37.88 -3.85
N GLU C 389 4.58 -36.83 -4.02
CA GLU C 389 3.71 -36.58 -5.19
C GLU C 389 4.57 -36.23 -6.40
N LEU C 390 5.70 -35.53 -6.20
CA LEU C 390 6.45 -34.85 -7.29
C LEU C 390 7.72 -35.62 -7.71
N GLU C 391 8.48 -36.17 -6.77
CA GLU C 391 9.80 -36.80 -7.10
C GLU C 391 9.52 -38.16 -7.74
N PRO C 392 10.16 -38.52 -8.87
CA PRO C 392 9.81 -39.75 -9.59
C PRO C 392 10.28 -41.01 -8.84
N THR C 393 11.37 -40.90 -8.07
CA THR C 393 11.97 -42.07 -7.38
C THR C 393 11.99 -41.85 -5.87
N ARG C 394 11.95 -42.94 -5.11
CA ARG C 394 12.12 -42.93 -3.65
C ARG C 394 13.47 -42.27 -3.34
N ARG C 395 13.52 -41.48 -2.29
CA ARG C 395 14.77 -40.90 -1.78
C ARG C 395 15.74 -42.00 -1.34
N GLY C 396 15.23 -43.08 -0.76
CA GLY C 396 16.08 -44.09 -0.10
C GLY C 396 16.98 -43.43 0.91
N LEU C 397 18.28 -43.63 0.78
CA LEU C 397 19.26 -43.15 1.79
C LEU C 397 19.37 -41.61 1.74
N TYR C 398 19.16 -40.99 0.60
CA TYR C 398 19.19 -39.50 0.49
C TYR C 398 18.24 -38.85 1.51
N THR C 399 18.81 -38.05 2.43
CA THR C 399 18.09 -37.25 3.46
C THR C 399 17.54 -38.15 4.57
N GLY C 400 17.97 -39.41 4.55
CA GLY C 400 17.98 -40.30 5.72
C GLY C 400 19.03 -39.87 6.71
N SER C 401 19.45 -40.81 7.55
CA SER C 401 20.39 -40.56 8.66
C SER C 401 21.31 -41.79 8.83
N ILE C 402 22.63 -41.54 8.89
CA ILE C 402 23.63 -42.57 9.25
C ILE C 402 24.02 -42.30 10.70
N GLY C 403 24.15 -43.33 11.52
CA GLY C 403 24.71 -43.11 12.86
C GLY C 403 24.64 -44.34 13.72
N TRP C 404 24.54 -44.12 15.03
CA TRP C 404 24.61 -45.22 16.00
C TRP C 404 23.59 -45.08 17.14
N PHE C 405 23.16 -46.23 17.63
CA PHE C 405 22.46 -46.44 18.91
C PHE C 405 23.41 -47.17 19.84
N GLY C 406 23.71 -46.59 20.99
CA GLY C 406 24.55 -47.23 22.02
C GLY C 406 23.78 -48.23 22.85
N TYR C 407 24.45 -49.29 23.29
CA TYR C 407 23.92 -50.23 24.31
C TYR C 407 23.56 -49.44 25.58
N ASN C 408 24.27 -48.32 25.82
CA ASN C 408 24.06 -47.47 27.02
C ASN C 408 22.94 -46.44 26.79
N HIS C 409 22.19 -46.52 25.68
CA HIS C 409 21.03 -45.68 25.34
C HIS C 409 21.45 -44.29 24.83
N ASP C 410 22.73 -44.02 24.59
CA ASP C 410 23.11 -42.78 23.87
C ASP C 410 22.92 -43.03 22.37
N LEU C 411 22.88 -41.97 21.56
CA LEU C 411 22.76 -42.09 20.10
C LEU C 411 23.26 -40.83 19.42
N GLN C 412 23.47 -40.91 18.11
CA GLN C 412 24.05 -39.82 17.29
C GLN C 412 23.81 -40.18 15.83
N PHE C 413 23.10 -39.32 15.12
CA PHE C 413 22.72 -39.50 13.71
C PHE C 413 22.99 -38.21 12.95
N ASN C 414 23.51 -38.39 11.73
CA ASN C 414 23.77 -37.31 10.76
C ASN C 414 22.53 -37.18 9.90
N ILE C 415 22.55 -36.26 8.96
CA ILE C 415 21.62 -36.26 7.81
C ILE C 415 22.44 -36.60 6.59
N VAL C 416 21.94 -37.53 5.78
CA VAL C 416 22.65 -38.01 4.57
C VAL C 416 22.45 -37.00 3.45
N ILE C 417 23.42 -36.13 3.24
CA ILE C 417 23.58 -35.32 1.99
C ILE C 417 25.05 -35.46 1.56
N ARG C 418 25.42 -34.99 0.37
CA ARG C 418 26.82 -35.05 -0.10
C ARG C 418 27.23 -36.53 -0.03
N THR C 419 26.37 -37.41 -0.55
CA THR C 419 26.51 -38.87 -0.39
C THR C 419 26.34 -39.58 -1.74
N ILE C 420 27.22 -40.53 -2.01
CA ILE C 420 27.11 -41.47 -3.14
C ILE C 420 26.63 -42.81 -2.57
N TYR C 421 25.66 -43.42 -3.23
CA TYR C 421 25.10 -44.74 -2.89
C TYR C 421 25.44 -45.61 -4.09
N ALA C 422 26.29 -46.63 -3.90
CA ALA C 422 26.75 -47.55 -4.95
C ALA C 422 25.96 -48.85 -4.85
N THR C 423 25.32 -49.27 -5.93
CA THR C 423 24.64 -50.58 -6.06
C THR C 423 24.43 -50.89 -7.52
N GLY C 424 24.44 -52.17 -7.87
CA GLY C 424 24.11 -52.66 -9.22
C GLY C 424 25.03 -52.08 -10.27
N GLY C 425 26.29 -51.82 -9.92
CA GLY C 425 27.33 -51.30 -10.82
C GLY C 425 27.17 -49.81 -11.09
N GLN C 426 26.31 -49.11 -10.36
CA GLN C 426 26.06 -47.66 -10.57
C GLN C 426 26.45 -46.91 -9.30
N ALA C 427 26.89 -45.65 -9.44
CA ALA C 427 27.02 -44.68 -8.32
C ALA C 427 25.86 -43.69 -8.44
N PHE C 428 25.06 -43.55 -7.38
CA PHE C 428 23.88 -42.66 -7.32
C PHE C 428 24.23 -41.45 -6.46
N MET C 429 23.95 -40.26 -6.97
CA MET C 429 24.22 -38.97 -6.32
C MET C 429 22.94 -38.15 -6.32
N GLN C 430 22.52 -37.68 -5.15
CA GLN C 430 21.22 -37.00 -5.02
C GLN C 430 21.46 -35.68 -4.31
N SER C 431 20.84 -34.63 -4.85
CA SER C 431 20.97 -33.26 -4.32
C SER C 431 19.69 -32.49 -4.66
N GLY C 432 19.34 -31.54 -3.80
CA GLY C 432 18.13 -30.72 -4.02
C GLY C 432 18.35 -29.25 -3.81
N ALA C 433 17.25 -28.50 -3.90
CA ALA C 433 17.18 -27.03 -3.81
C ALA C 433 15.99 -26.68 -2.92
N GLY C 434 16.12 -25.66 -2.07
CA GLY C 434 15.00 -25.14 -1.25
C GLY C 434 14.07 -24.29 -2.10
N VAL C 435 12.97 -24.86 -2.59
CA VAL C 435 11.97 -24.13 -3.42
C VAL C 435 11.10 -23.26 -2.50
N VAL C 436 10.95 -21.98 -2.88
CA VAL C 436 10.16 -20.96 -2.15
C VAL C 436 9.23 -20.25 -3.14
N ILE C 437 8.44 -19.32 -2.63
CA ILE C 437 7.39 -18.61 -3.42
C ILE C 437 7.96 -18.06 -4.74
N ASP C 438 9.17 -17.49 -4.72
CA ASP C 438 9.73 -16.72 -5.87
C ASP C 438 10.84 -17.52 -6.59
N SER C 439 10.92 -18.84 -6.39
CA SER C 439 11.94 -19.69 -7.04
C SER C 439 11.76 -19.65 -8.58
N VAL C 440 12.88 -19.50 -9.31
CA VAL C 440 12.95 -19.64 -10.79
C VAL C 440 13.27 -21.10 -11.07
N PRO C 441 12.41 -21.81 -11.84
CA PRO C 441 12.63 -23.23 -12.14
C PRO C 441 14.09 -23.55 -12.53
N LYS C 442 14.64 -22.80 -13.48
CA LYS C 442 16.00 -23.08 -14.03
C LYS C 442 17.07 -22.81 -12.97
N HIS C 443 16.89 -21.83 -12.07
CA HIS C 443 17.82 -21.52 -10.96
C HIS C 443 17.94 -22.74 -10.04
N GLU C 444 16.79 -23.31 -9.65
CA GLU C 444 16.75 -24.40 -8.64
C GLU C 444 17.27 -25.70 -9.28
N TYR C 445 17.04 -25.90 -10.58
CA TYR C 445 17.55 -27.05 -11.37
C TYR C 445 19.08 -27.03 -11.36
N ARG C 446 19.66 -25.90 -11.76
CA ARG C 446 21.13 -25.69 -11.80
C ARG C 446 21.71 -25.78 -10.38
N GLU C 447 21.03 -25.11 -9.44
CA GLU C 447 21.45 -24.99 -8.02
C GLU C 447 21.49 -26.37 -7.38
N SER C 448 20.83 -27.35 -8.00
CA SER C 448 20.88 -28.71 -7.41
C SER C 448 22.14 -29.39 -7.95
N PHE C 449 22.34 -29.35 -9.26
CA PHE C 449 23.55 -29.96 -9.88
C PHE C 449 24.79 -29.44 -9.17
N LYS C 450 24.84 -28.12 -8.94
CA LYS C 450 25.98 -27.53 -8.20
C LYS C 450 26.16 -28.26 -6.86
N LYS C 451 25.07 -28.64 -6.19
CA LYS C 451 25.11 -29.31 -4.86
C LYS C 451 25.78 -30.67 -5.03
N ALA C 452 25.72 -31.24 -6.23
CA ALA C 452 26.30 -32.56 -6.58
C ALA C 452 27.81 -32.46 -6.93
N PHE C 453 28.42 -31.26 -6.91
CA PHE C 453 29.79 -30.99 -7.47
C PHE C 453 30.82 -31.90 -6.78
N ALA C 454 31.00 -31.75 -5.46
CA ALA C 454 31.94 -32.53 -4.63
C ALA C 454 31.92 -34.00 -5.07
N MET C 455 30.73 -34.57 -5.28
CA MET C 455 30.54 -36.03 -5.51
C MET C 455 30.90 -36.41 -6.96
N GLN C 456 30.48 -35.68 -8.00
CA GLN C 456 30.82 -36.15 -9.36
C GLN C 456 32.30 -35.79 -9.63
N LYS C 457 32.86 -34.81 -8.89
CA LYS C 457 34.31 -34.47 -8.90
C LYS C 457 35.08 -35.67 -8.35
N ALA C 458 34.71 -36.12 -7.14
CA ALA C 458 35.32 -37.25 -6.43
C ALA C 458 35.28 -38.50 -7.33
N LEU C 459 34.17 -38.73 -8.04
CA LEU C 459 34.01 -39.86 -8.99
C LEU C 459 35.08 -39.76 -10.10
N GLU C 460 35.17 -38.59 -10.74
CA GLU C 460 36.00 -38.36 -11.94
C GLU C 460 37.47 -38.51 -11.53
N LEU C 461 37.86 -37.91 -10.41
CA LEU C 461 39.25 -37.99 -9.91
C LEU C 461 39.63 -39.43 -9.62
N SER C 462 38.68 -40.26 -9.21
CA SER C 462 38.98 -41.65 -8.80
C SER C 462 39.43 -42.52 -9.97
N GLU C 463 38.98 -42.20 -11.19
CA GLU C 463 39.30 -42.99 -12.40
C GLU C 463 40.79 -43.34 -12.49
N GLU C 464 41.65 -42.34 -12.67
CA GLU C 464 43.13 -42.55 -12.78
C GLU C 464 43.43 -43.67 -13.78
C1 GOL D . -4.56 40.25 5.92
O1 GOL D . -5.07 41.55 6.21
C2 GOL D . -4.50 39.96 4.42
O2 GOL D . -3.96 41.10 3.73
C3 GOL D . -3.69 38.73 4.03
O3 GOL D . -3.99 38.25 2.72
C1 GOL E . -21.94 36.11 -24.44
O1 GOL E . -20.95 35.20 -24.89
C2 GOL E . -22.77 36.70 -25.56
O2 GOL E . -21.99 36.79 -26.75
C3 GOL E . -24.03 35.91 -25.87
O3 GOL E . -24.33 35.93 -27.26
N TRP F . -2.56 42.76 -16.24
CA TRP F . -2.69 44.23 -16.46
C TRP F . -2.61 44.54 -17.95
O TRP F . -1.88 43.93 -18.74
CB TRP F . -1.63 45.00 -15.67
CG TRP F . -1.47 44.55 -14.26
CD1 TRP F . -0.56 43.66 -13.79
CD2 TRP F . -2.24 44.99 -13.13
NE1 TRP F . -0.68 43.53 -12.44
CE2 TRP F . -1.72 44.31 -12.01
CE3 TRP F . -3.31 45.88 -12.95
CZ2 TRP F . -2.25 44.49 -10.72
CZ3 TRP F . -3.81 46.09 -11.69
CH2 TRP F . -3.29 45.40 -10.59
OXT TRP F . -3.36 45.43 -18.33
N TRP G . -17.59 -14.57 -4.64
CA TRP G . -18.49 -14.21 -5.76
C TRP G . -19.05 -15.46 -6.45
O TRP G . -18.43 -16.52 -6.44
CB TRP G . -17.78 -13.32 -6.77
CG TRP G . -17.07 -12.16 -6.14
CD1 TRP G . -15.77 -12.12 -5.74
CD2 TRP G . -17.64 -10.89 -5.81
NE1 TRP G . -15.49 -10.90 -5.23
CE2 TRP G . -16.59 -10.11 -5.25
CE3 TRP G . -18.90 -10.30 -5.97
CZ2 TRP G . -16.78 -8.80 -4.83
CZ3 TRP G . -19.10 -9.00 -5.55
CH2 TRP G . -18.05 -8.25 -4.99
OXT TRP G . -20.16 -15.28 -7.05
N TRP H . 31.64 -36.52 14.37
CA TRP H . 31.06 -37.37 15.44
C TRP H . 31.77 -37.09 16.74
O TRP H . 31.13 -37.31 17.75
CB TRP H . 31.21 -38.86 15.09
CG TRP H . 30.85 -39.17 13.67
CD1 TRP H . 31.67 -39.12 12.58
CD2 TRP H . 29.55 -39.50 13.17
NE1 TRP H . 30.98 -39.45 11.45
CE2 TRP H . 29.67 -39.63 11.77
CE3 TRP H . 28.30 -39.72 13.77
CZ2 TRP H . 28.58 -39.97 10.96
CZ3 TRP H . 27.23 -40.03 12.97
CH2 TRP H . 27.37 -40.17 11.59
OXT TRP H . 32.95 -36.68 16.80
#